data_2LV7
#
_entry.id   2LV7
#
loop_
_entity.id
_entity.type
_entity.pdbx_description
1 polymer 'Calcium-binding protein 7'
2 non-polymer 'CALCIUM ION'
#
_entity_poly.entity_id   1
_entity_poly.type   'polypeptide(L)'
_entity_poly.pdbx_seq_one_letter_code
;MPFHPVTAALMYRGIYTVPNLLSEQRPVDIPEDELEEIREAFKVFDRDGNGFISKQELGTAMRSLGYMPNEVELEVIIQR
LDMDGDGQVDFEEFVTLLGP
;
_entity_poly.pdbx_strand_id   A
#
# COMPACT_ATOMS: atom_id res chain seq x y z
N MET A 1 17.20 -7.97 -34.22
CA MET A 1 17.29 -7.50 -32.81
C MET A 1 16.43 -8.37 -31.89
N PRO A 2 16.90 -8.64 -30.66
CA PRO A 2 16.16 -9.45 -29.69
C PRO A 2 15.01 -8.69 -29.05
N PHE A 3 13.93 -9.40 -28.75
CA PHE A 3 12.76 -8.78 -28.12
C PHE A 3 13.06 -8.37 -26.68
N HIS A 4 14.26 -8.72 -26.20
CA HIS A 4 14.67 -8.37 -24.85
C HIS A 4 14.77 -6.86 -24.69
N PRO A 5 14.12 -6.28 -23.66
CA PRO A 5 14.14 -4.83 -23.41
C PRO A 5 15.48 -4.36 -22.86
N VAL A 6 16.07 -3.37 -23.51
CA VAL A 6 17.34 -2.80 -23.10
C VAL A 6 18.46 -3.83 -23.17
N THR A 7 19.40 -3.62 -24.07
CA THR A 7 20.53 -4.53 -24.25
C THR A 7 21.86 -3.80 -24.09
N ALA A 8 22.17 -2.93 -25.05
CA ALA A 8 23.43 -2.18 -25.01
C ALA A 8 23.47 -1.14 -26.12
N ALA A 9 23.55 0.13 -25.73
CA ALA A 9 23.61 1.22 -26.70
C ALA A 9 25.05 1.51 -27.11
N LEU A 10 25.98 1.24 -26.21
CA LEU A 10 27.40 1.46 -26.48
C LEU A 10 28.02 0.23 -27.13
N MET A 11 29.34 0.08 -26.99
CA MET A 11 30.07 -1.05 -27.56
C MET A 11 30.04 -1.00 -29.09
N TYR A 12 31.19 -0.66 -29.67
CA TYR A 12 31.30 -0.58 -31.13
C TYR A 12 31.71 -1.92 -31.71
N ARG A 13 32.79 -2.49 -31.18
CA ARG A 13 33.29 -3.79 -31.64
C ARG A 13 34.32 -4.35 -30.67
N GLY A 14 35.39 -3.59 -30.44
CA GLY A 14 36.43 -4.03 -29.54
C GLY A 14 36.02 -3.95 -28.09
N ILE A 15 35.28 -4.96 -27.62
CA ILE A 15 34.83 -5.00 -26.24
C ILE A 15 34.23 -6.36 -25.91
N TYR A 16 34.47 -6.83 -24.68
CA TYR A 16 33.96 -8.13 -24.25
C TYR A 16 32.43 -8.15 -24.24
N THR A 17 31.84 -7.63 -23.17
CA THR A 17 30.38 -7.60 -23.04
C THR A 17 29.96 -6.78 -21.82
N VAL A 18 30.94 -6.31 -21.06
CA VAL A 18 30.68 -5.51 -19.87
C VAL A 18 30.47 -4.04 -20.22
N PRO A 19 29.32 -3.46 -19.81
CA PRO A 19 29.01 -2.06 -20.09
C PRO A 19 29.51 -1.10 -19.00
N ASN A 20 29.01 -1.30 -17.78
CA ASN A 20 29.41 -0.45 -16.65
C ASN A 20 29.54 -1.28 -15.38
N LEU A 21 30.43 -2.26 -15.41
CA LEU A 21 30.66 -3.13 -14.26
C LEU A 21 31.75 -2.56 -13.35
N LEU A 22 32.38 -1.46 -13.79
CA LEU A 22 33.43 -0.83 -13.01
C LEU A 22 32.88 0.33 -12.18
N SER A 23 31.59 0.62 -12.34
CA SER A 23 30.95 1.70 -11.60
C SER A 23 30.04 1.16 -10.51
N GLU A 24 29.03 0.39 -10.92
CA GLU A 24 28.08 -0.19 -9.97
C GLU A 24 27.89 -1.68 -10.22
N GLN A 25 28.07 -2.09 -11.48
CA GLN A 25 27.92 -3.48 -11.87
C GLN A 25 26.51 -3.99 -11.58
N ARG A 26 26.33 -4.56 -10.39
CA ARG A 26 25.05 -5.10 -9.97
C ARG A 26 24.07 -3.97 -9.63
N PRO A 27 22.83 -4.03 -10.18
CA PRO A 27 21.81 -3.01 -9.93
C PRO A 27 21.15 -3.18 -8.56
N VAL A 28 20.73 -2.05 -7.98
CA VAL A 28 20.08 -2.07 -6.67
C VAL A 28 18.61 -1.71 -6.78
N ASP A 29 17.73 -2.67 -6.53
CA ASP A 29 16.30 -2.43 -6.61
C ASP A 29 15.52 -3.68 -6.15
N ILE A 30 14.72 -3.52 -5.11
CA ILE A 30 13.93 -4.62 -4.58
C ILE A 30 12.93 -5.13 -5.61
N PRO A 31 12.93 -6.45 -5.88
CA PRO A 31 12.00 -7.06 -6.85
C PRO A 31 10.56 -6.97 -6.40
N GLU A 32 9.64 -6.92 -7.36
CA GLU A 32 8.20 -6.85 -7.08
C GLU A 32 7.77 -7.90 -6.05
N ASP A 33 8.66 -8.84 -5.75
CA ASP A 33 8.37 -9.87 -4.76
C ASP A 33 7.96 -9.26 -3.43
N GLU A 34 8.40 -8.03 -3.20
CA GLU A 34 8.07 -7.31 -1.97
C GLU A 34 6.79 -6.51 -2.13
N LEU A 35 6.48 -6.16 -3.38
CA LEU A 35 5.28 -5.39 -3.68
C LEU A 35 4.02 -6.22 -3.44
N GLU A 36 4.07 -7.50 -3.80
CA GLU A 36 2.94 -8.40 -3.63
C GLU A 36 2.56 -8.52 -2.16
N GLU A 37 3.49 -8.17 -1.28
CA GLU A 37 3.25 -8.24 0.16
C GLU A 37 2.37 -7.08 0.61
N ILE A 38 2.46 -5.97 -0.11
CA ILE A 38 1.68 -4.78 0.22
C ILE A 38 0.18 -5.07 0.12
N ARG A 39 -0.21 -5.73 -0.97
CA ARG A 39 -1.62 -6.06 -1.20
C ARG A 39 -2.12 -7.04 -0.14
N GLU A 40 -1.63 -8.26 -0.18
CA GLU A 40 -2.04 -9.31 0.75
C GLU A 40 -2.24 -8.79 2.17
N ALA A 41 -1.51 -7.74 2.53
CA ALA A 41 -1.62 -7.17 3.88
C ALA A 41 -2.94 -6.43 4.11
N PHE A 42 -3.01 -5.18 3.66
CA PHE A 42 -4.20 -4.36 3.85
C PHE A 42 -5.36 -4.77 2.95
N LYS A 43 -5.06 -5.48 1.87
CA LYS A 43 -6.09 -5.91 0.94
C LYS A 43 -6.99 -6.98 1.57
N VAL A 44 -6.40 -7.92 2.30
CA VAL A 44 -7.19 -8.97 2.93
C VAL A 44 -8.10 -8.40 4.02
N PHE A 45 -7.62 -7.36 4.71
CA PHE A 45 -8.42 -6.75 5.77
C PHE A 45 -9.72 -6.19 5.19
N ASP A 46 -9.75 -6.00 3.87
CA ASP A 46 -10.94 -5.50 3.19
C ASP A 46 -12.02 -6.58 3.14
N ARG A 47 -12.94 -6.52 4.10
CA ARG A 47 -14.02 -7.49 4.18
C ARG A 47 -14.89 -7.47 2.93
N ASP A 48 -15.11 -6.28 2.37
CA ASP A 48 -15.94 -6.15 1.17
C ASP A 48 -15.18 -6.55 -0.08
N GLY A 49 -13.85 -6.55 0.01
CA GLY A 49 -13.02 -6.92 -1.13
C GLY A 49 -13.29 -6.06 -2.35
N ASN A 50 -13.97 -4.94 -2.15
CA ASN A 50 -14.28 -4.03 -3.25
C ASN A 50 -13.04 -3.31 -3.75
N GLY A 51 -11.91 -3.57 -3.08
CA GLY A 51 -10.66 -2.94 -3.47
C GLY A 51 -10.33 -1.73 -2.61
N PHE A 52 -11.26 -1.34 -1.74
CA PHE A 52 -11.06 -0.20 -0.86
C PHE A 52 -11.22 -0.61 0.60
N ILE A 53 -10.53 0.10 1.49
CA ILE A 53 -10.60 -0.19 2.91
C ILE A 53 -11.24 0.96 3.68
N SER A 54 -12.33 0.68 4.37
CA SER A 54 -13.04 1.69 5.14
C SER A 54 -12.43 1.82 6.53
N LYS A 55 -12.97 2.74 7.34
CA LYS A 55 -12.47 2.96 8.68
C LYS A 55 -12.60 1.71 9.54
N GLN A 56 -13.83 1.22 9.69
CA GLN A 56 -14.11 0.03 10.48
C GLN A 56 -13.21 -1.14 10.08
N GLU A 57 -12.85 -1.19 8.80
CA GLU A 57 -11.99 -2.25 8.29
C GLU A 57 -10.54 -2.01 8.68
N LEU A 58 -10.08 -0.79 8.45
CA LEU A 58 -8.71 -0.40 8.78
C LEU A 58 -8.46 -0.57 10.28
N GLY A 59 -9.52 -0.43 11.07
CA GLY A 59 -9.41 -0.57 12.51
C GLY A 59 -9.00 -1.99 12.91
N THR A 60 -9.23 -2.92 12.00
CA THR A 60 -8.88 -4.32 12.23
C THR A 60 -7.44 -4.59 11.83
N ALA A 61 -6.93 -3.73 10.94
CA ALA A 61 -5.55 -3.85 10.46
C ALA A 61 -4.55 -3.40 11.52
N MET A 62 -4.79 -2.22 12.09
CA MET A 62 -3.92 -1.67 13.12
C MET A 62 -3.83 -2.59 14.34
N ARG A 63 -4.98 -3.01 14.85
CA ARG A 63 -5.03 -3.89 16.02
C ARG A 63 -4.18 -5.13 15.81
N SER A 64 -4.11 -5.59 14.57
CA SER A 64 -3.32 -6.78 14.24
C SER A 64 -1.86 -6.57 14.61
N LEU A 65 -1.36 -5.37 14.36
CA LEU A 65 0.02 -5.04 14.67
C LEU A 65 0.19 -4.85 16.17
N GLY A 66 -0.92 -4.58 16.86
CA GLY A 66 -0.87 -4.37 18.29
C GLY A 66 -1.33 -2.98 18.69
N TYR A 67 -2.03 -2.32 17.77
CA TYR A 67 -2.54 -0.97 18.03
C TYR A 67 -4.04 -0.91 17.77
N MET A 68 -4.82 -1.13 18.81
CA MET A 68 -6.28 -1.10 18.69
C MET A 68 -6.82 0.33 18.76
N PRO A 69 -7.34 0.87 17.64
CA PRO A 69 -7.88 2.22 17.58
C PRO A 69 -9.36 2.26 17.92
N ASN A 70 -9.79 3.37 18.53
CA ASN A 70 -11.18 3.55 18.90
C ASN A 70 -11.99 4.08 17.72
N GLU A 71 -13.31 4.09 17.86
CA GLU A 71 -14.18 4.59 16.81
C GLU A 71 -13.91 6.07 16.56
N VAL A 72 -13.20 6.70 17.49
CA VAL A 72 -12.85 8.11 17.39
C VAL A 72 -11.50 8.31 16.70
N GLU A 73 -10.62 7.31 16.81
CA GLU A 73 -9.29 7.40 16.23
C GLU A 73 -9.23 6.88 14.79
N LEU A 74 -9.80 5.72 14.53
CA LEU A 74 -9.78 5.13 13.19
C LEU A 74 -10.32 6.11 12.15
N GLU A 75 -10.99 7.16 12.62
CA GLU A 75 -11.55 8.17 11.73
C GLU A 75 -10.49 9.17 11.28
N VAL A 76 -9.59 9.53 12.19
CA VAL A 76 -8.54 10.49 11.87
C VAL A 76 -7.35 9.84 11.16
N ILE A 77 -7.26 8.51 11.30
CA ILE A 77 -6.17 7.77 10.67
C ILE A 77 -6.46 7.50 9.19
N ILE A 78 -7.73 7.31 8.86
CA ILE A 78 -8.13 7.04 7.48
C ILE A 78 -8.00 8.28 6.60
N GLN A 79 -8.15 9.46 7.19
CA GLN A 79 -8.06 10.71 6.43
C GLN A 79 -6.60 11.05 6.12
N ARG A 80 -5.69 10.31 6.73
CA ARG A 80 -4.27 10.53 6.50
C ARG A 80 -3.83 9.89 5.19
N LEU A 81 -4.47 8.78 4.85
CA LEU A 81 -4.17 8.07 3.61
C LEU A 81 -5.13 8.51 2.50
N ASP A 82 -6.39 8.70 2.88
CA ASP A 82 -7.42 9.12 1.94
C ASP A 82 -7.25 10.61 1.59
N MET A 83 -6.39 10.89 0.62
CA MET A 83 -6.14 12.26 0.20
C MET A 83 -7.26 12.79 -0.69
N ASP A 84 -7.79 11.93 -1.56
CA ASP A 84 -8.86 12.32 -2.47
C ASP A 84 -10.18 12.54 -1.72
N GLY A 85 -10.34 11.88 -0.58
CA GLY A 85 -11.55 12.02 0.20
C GLY A 85 -12.69 11.16 -0.29
N ASP A 86 -12.48 9.85 -0.32
CA ASP A 86 -13.51 8.91 -0.77
C ASP A 86 -14.00 8.04 0.38
N GLY A 87 -13.51 8.33 1.58
CA GLY A 87 -13.92 7.56 2.75
C GLY A 87 -13.12 6.28 2.91
N GLN A 88 -12.48 5.85 1.83
CA GLN A 88 -11.68 4.63 1.85
C GLN A 88 -10.29 4.88 1.28
N VAL A 89 -9.38 3.95 1.51
CA VAL A 89 -8.01 4.08 1.02
C VAL A 89 -7.78 3.21 -0.21
N ASP A 90 -7.18 3.80 -1.24
CA ASP A 90 -6.89 3.07 -2.48
C ASP A 90 -5.49 2.48 -2.47
N PHE A 91 -5.31 1.40 -3.21
CA PHE A 91 -4.02 0.71 -3.30
C PHE A 91 -2.88 1.70 -3.58
N GLU A 92 -2.99 2.41 -4.71
CA GLU A 92 -1.96 3.37 -5.12
C GLU A 92 -1.51 4.27 -3.96
N GLU A 93 -2.45 5.01 -3.38
CA GLU A 93 -2.15 5.91 -2.27
C GLU A 93 -1.29 5.23 -1.21
N PHE A 94 -1.58 3.96 -0.91
CA PHE A 94 -0.85 3.22 0.10
C PHE A 94 0.42 2.59 -0.45
N VAL A 95 0.49 2.40 -1.76
CA VAL A 95 1.66 1.77 -2.38
C VAL A 95 2.82 2.76 -2.50
N THR A 96 2.50 4.04 -2.64
CA THR A 96 3.52 5.08 -2.76
C THR A 96 4.16 5.36 -1.40
N LEU A 97 3.33 5.52 -0.37
CA LEU A 97 3.83 5.79 0.97
C LEU A 97 4.56 4.58 1.54
N LEU A 98 4.38 3.43 0.89
CA LEU A 98 5.03 2.20 1.33
C LEU A 98 6.45 2.12 0.78
N GLY A 99 6.74 2.95 -0.21
CA GLY A 99 8.06 2.96 -0.82
C GLY A 99 8.72 4.32 -0.73
N PRO A 100 9.94 4.49 -1.30
CA PRO A 100 10.66 5.76 -1.27
C PRO A 100 9.85 6.91 -1.85
N MET A 1 -42.86 26.08 6.03
CA MET A 1 -41.79 27.08 6.26
C MET A 1 -40.47 26.39 6.59
N PRO A 2 -39.63 26.14 5.57
CA PRO A 2 -38.33 25.48 5.76
C PRO A 2 -37.36 26.33 6.56
N PHE A 3 -36.72 25.71 7.56
CA PHE A 3 -35.77 26.42 8.41
C PHE A 3 -34.38 26.42 7.77
N HIS A 4 -34.22 25.61 6.74
CA HIS A 4 -32.94 25.52 6.03
C HIS A 4 -32.93 26.41 4.80
N PRO A 5 -31.99 27.39 4.73
CA PRO A 5 -31.88 28.31 3.59
C PRO A 5 -31.48 27.58 2.31
N VAL A 6 -32.16 27.89 1.21
CA VAL A 6 -31.86 27.26 -0.07
C VAL A 6 -30.60 27.86 -0.70
N THR A 7 -29.58 27.02 -0.88
CA THR A 7 -28.33 27.45 -1.47
C THR A 7 -27.38 26.26 -1.66
N ALA A 8 -26.87 26.12 -2.88
CA ALA A 8 -25.96 25.02 -3.20
C ALA A 8 -25.10 25.36 -4.41
N ALA A 9 -23.79 25.50 -4.18
CA ALA A 9 -22.87 25.82 -5.25
C ALA A 9 -22.53 24.59 -6.08
N LEU A 10 -22.25 23.48 -5.41
CA LEU A 10 -21.92 22.23 -6.08
C LEU A 10 -20.74 22.41 -7.03
N MET A 11 -19.55 22.08 -6.55
CA MET A 11 -18.33 22.20 -7.35
C MET A 11 -18.48 21.47 -8.68
N TYR A 12 -18.09 22.13 -9.77
CA TYR A 12 -18.17 21.56 -11.10
C TYR A 12 -17.05 20.56 -11.32
N ARG A 13 -15.89 20.81 -10.71
CA ARG A 13 -14.74 19.94 -10.85
C ARG A 13 -13.69 20.27 -9.80
N GLY A 14 -13.40 19.32 -8.92
CA GLY A 14 -12.41 19.54 -7.88
C GLY A 14 -11.71 18.27 -7.46
N ILE A 15 -11.40 17.41 -8.44
CA ILE A 15 -10.73 16.15 -8.17
C ILE A 15 -9.37 16.10 -8.86
N TYR A 16 -8.36 15.62 -8.15
CA TYR A 16 -7.01 15.51 -8.68
C TYR A 16 -6.98 14.60 -9.90
N THR A 17 -6.64 15.18 -11.05
CA THR A 17 -6.56 14.42 -12.30
C THR A 17 -5.19 14.59 -12.95
N VAL A 18 -4.32 13.62 -12.74
CA VAL A 18 -2.98 13.66 -13.31
C VAL A 18 -2.97 13.22 -14.78
N PRO A 19 -2.73 14.15 -15.71
CA PRO A 19 -2.70 13.84 -17.14
C PRO A 19 -1.37 13.26 -17.60
N ASN A 20 -0.28 13.95 -17.27
CA ASN A 20 1.05 13.50 -17.66
C ASN A 20 2.06 13.79 -16.56
N LEU A 21 2.12 12.91 -15.56
CA LEU A 21 3.04 13.07 -14.44
C LEU A 21 4.03 11.91 -14.38
N LEU A 22 4.36 11.36 -15.54
CA LEU A 22 5.31 10.24 -15.61
C LEU A 22 6.64 10.70 -16.20
N SER A 23 6.76 12.01 -16.41
CA SER A 23 7.98 12.58 -16.97
C SER A 23 8.75 13.36 -15.89
N GLU A 24 8.00 14.00 -14.99
CA GLU A 24 8.60 14.78 -13.92
C GLU A 24 9.02 13.87 -12.76
N GLN A 25 8.38 12.72 -12.65
CA GLN A 25 8.67 11.76 -11.59
C GLN A 25 9.63 10.68 -12.08
N ARG A 26 10.22 9.95 -11.13
CA ARG A 26 11.15 8.89 -11.46
C ARG A 26 10.42 7.58 -11.80
N PRO A 27 11.00 6.75 -12.68
CA PRO A 27 10.39 5.48 -13.09
C PRO A 27 10.68 4.35 -12.11
N VAL A 28 11.06 4.70 -10.88
CA VAL A 28 11.36 3.70 -9.86
C VAL A 28 10.09 3.16 -9.23
N ASP A 29 10.20 1.97 -8.64
CA ASP A 29 9.06 1.33 -7.98
C ASP A 29 9.46 0.00 -7.37
N ILE A 30 8.68 -0.46 -6.39
CA ILE A 30 8.94 -1.73 -5.72
C ILE A 30 8.64 -2.92 -6.64
N PRO A 31 9.57 -3.88 -6.74
CA PRO A 31 9.38 -5.06 -7.59
C PRO A 31 8.26 -5.96 -7.09
N GLU A 32 7.60 -6.66 -8.02
CA GLU A 32 6.49 -7.55 -7.67
C GLU A 32 6.75 -8.30 -6.37
N ASP A 33 7.95 -8.84 -6.22
CA ASP A 33 8.32 -9.60 -5.02
C ASP A 33 7.89 -8.90 -3.74
N GLU A 34 8.54 -7.78 -3.41
CA GLU A 34 8.20 -7.03 -2.19
C GLU A 34 6.84 -6.37 -2.32
N LEU A 35 6.41 -6.13 -3.56
CA LEU A 35 5.13 -5.49 -3.80
C LEU A 35 3.97 -6.39 -3.38
N GLU A 36 4.14 -7.70 -3.53
CA GLU A 36 3.10 -8.66 -3.17
C GLU A 36 2.81 -8.59 -1.67
N GLU A 37 3.80 -8.14 -0.90
CA GLU A 37 3.64 -8.01 0.54
C GLU A 37 2.76 -6.82 0.89
N ILE A 38 2.75 -5.82 0.01
CA ILE A 38 1.95 -4.62 0.22
C ILE A 38 0.46 -4.95 0.17
N ARG A 39 0.06 -5.61 -0.90
CA ARG A 39 -1.34 -6.00 -1.09
C ARG A 39 -1.79 -6.98 -0.01
N GLU A 40 -1.23 -8.19 -0.05
CA GLU A 40 -1.59 -9.25 0.90
C GLU A 40 -1.82 -8.70 2.31
N ALA A 41 -1.11 -7.63 2.66
CA ALA A 41 -1.22 -7.03 3.99
C ALA A 41 -2.58 -6.35 4.21
N PHE A 42 -2.71 -5.12 3.75
CA PHE A 42 -3.94 -4.35 3.97
C PHE A 42 -5.09 -4.80 3.06
N LYS A 43 -4.76 -5.49 1.98
CA LYS A 43 -5.78 -5.96 1.05
C LYS A 43 -6.66 -7.03 1.70
N VAL A 44 -6.05 -7.92 2.49
CA VAL A 44 -6.82 -8.96 3.17
C VAL A 44 -7.71 -8.38 4.25
N PHE A 45 -7.23 -7.33 4.93
CA PHE A 45 -8.02 -6.70 5.97
C PHE A 45 -9.32 -6.15 5.40
N ASP A 46 -9.35 -6.00 4.08
CA ASP A 46 -10.53 -5.52 3.38
C ASP A 46 -11.55 -6.64 3.24
N ARG A 47 -12.42 -6.77 4.24
CA ARG A 47 -13.43 -7.81 4.27
C ARG A 47 -14.30 -7.82 3.01
N ASP A 48 -14.57 -6.63 2.46
CA ASP A 48 -15.39 -6.53 1.26
C ASP A 48 -14.60 -6.91 0.01
N GLY A 49 -13.28 -6.85 0.11
CA GLY A 49 -12.43 -7.20 -1.01
C GLY A 49 -12.66 -6.32 -2.21
N ASN A 50 -13.40 -5.22 -2.03
CA ASN A 50 -13.69 -4.30 -3.13
C ASN A 50 -12.43 -3.59 -3.59
N GLY A 51 -11.33 -3.82 -2.89
CA GLY A 51 -10.06 -3.19 -3.24
C GLY A 51 -9.82 -1.93 -2.43
N PHE A 52 -10.87 -1.38 -1.86
CA PHE A 52 -10.77 -0.17 -1.05
C PHE A 52 -11.10 -0.48 0.40
N ILE A 53 -10.23 -0.05 1.32
CA ILE A 53 -10.44 -0.28 2.74
C ILE A 53 -11.16 0.89 3.40
N SER A 54 -12.15 0.58 4.22
CA SER A 54 -12.92 1.59 4.92
C SER A 54 -12.31 1.86 6.29
N LYS A 55 -12.85 2.83 7.02
CA LYS A 55 -12.33 3.17 8.35
C LYS A 55 -12.54 2.01 9.32
N GLN A 56 -13.77 1.50 9.38
CA GLN A 56 -14.10 0.40 10.27
C GLN A 56 -13.21 -0.81 10.00
N GLU A 57 -12.93 -1.07 8.72
CA GLU A 57 -12.10 -2.19 8.33
C GLU A 57 -10.64 -1.94 8.73
N LEU A 58 -10.18 -0.73 8.48
CA LEU A 58 -8.82 -0.35 8.81
C LEU A 58 -8.60 -0.48 10.32
N GLY A 59 -9.70 -0.35 11.08
CA GLY A 59 -9.62 -0.46 12.51
C GLY A 59 -9.27 -1.86 12.96
N THR A 60 -9.46 -2.81 12.05
CA THR A 60 -9.14 -4.21 12.34
C THR A 60 -7.68 -4.50 12.01
N ALA A 61 -7.12 -3.69 11.12
CA ALA A 61 -5.71 -3.85 10.72
C ALA A 61 -4.78 -3.39 11.84
N MET A 62 -5.08 -2.24 12.42
CA MET A 62 -4.27 -1.69 13.50
C MET A 62 -4.26 -2.60 14.72
N ARG A 63 -5.45 -3.03 15.15
CA ARG A 63 -5.57 -3.91 16.31
C ARG A 63 -4.77 -5.19 16.10
N SER A 64 -4.63 -5.61 14.85
CA SER A 64 -3.89 -6.82 14.53
C SER A 64 -2.45 -6.72 15.05
N LEU A 65 -1.88 -5.52 14.96
CA LEU A 65 -0.52 -5.28 15.41
C LEU A 65 -0.46 -5.19 16.94
N GLY A 66 -1.62 -5.00 17.55
CA GLY A 66 -1.69 -4.90 19.00
C GLY A 66 -2.19 -3.55 19.48
N TYR A 67 -2.71 -2.75 18.54
CA TYR A 67 -3.24 -1.43 18.86
C TYR A 67 -4.70 -1.32 18.42
N MET A 68 -5.62 -1.58 19.35
CA MET A 68 -7.04 -1.51 19.06
C MET A 68 -7.55 -0.07 19.03
N PRO A 69 -7.94 0.44 17.84
CA PRO A 69 -8.45 1.80 17.70
C PRO A 69 -9.96 1.86 17.86
N ASN A 70 -10.45 2.94 18.44
CA ASN A 70 -11.88 3.13 18.65
C ASN A 70 -12.53 3.77 17.43
N GLU A 71 -13.84 3.96 17.49
CA GLU A 71 -14.57 4.56 16.38
C GLU A 71 -14.04 5.96 16.04
N VAL A 72 -13.34 6.57 16.98
CA VAL A 72 -12.78 7.90 16.78
C VAL A 72 -11.37 7.84 16.21
N GLU A 73 -10.63 6.79 16.53
CA GLU A 73 -9.26 6.62 16.05
C GLU A 73 -9.23 6.26 14.57
N LEU A 74 -9.97 5.22 14.19
CA LEU A 74 -10.01 4.77 12.79
C LEU A 74 -10.39 5.91 11.84
N GLU A 75 -10.94 6.99 12.39
CA GLU A 75 -11.36 8.13 11.57
C GLU A 75 -10.19 9.07 11.29
N VAL A 76 -9.25 9.18 12.23
CA VAL A 76 -8.10 10.07 12.06
C VAL A 76 -6.93 9.37 11.36
N ILE A 77 -6.89 8.05 11.44
CA ILE A 77 -5.82 7.27 10.82
C ILE A 77 -6.06 7.07 9.32
N ILE A 78 -7.33 7.15 8.91
CA ILE A 78 -7.69 6.96 7.51
C ILE A 78 -7.44 8.22 6.67
N GLN A 79 -7.65 9.39 7.25
CA GLN A 79 -7.45 10.64 6.52
C GLN A 79 -6.00 10.80 6.08
N ARG A 80 -5.08 10.21 6.82
CA ARG A 80 -3.65 10.30 6.50
C ARG A 80 -3.36 9.73 5.11
N LEU A 81 -4.03 8.64 4.77
CA LEU A 81 -3.83 7.99 3.47
C LEU A 81 -4.80 8.53 2.43
N ASP A 82 -6.07 8.65 2.81
CA ASP A 82 -7.10 9.15 1.91
C ASP A 82 -6.88 10.64 1.60
N MET A 83 -6.01 10.91 0.63
CA MET A 83 -5.70 12.29 0.24
C MET A 83 -6.72 12.84 -0.76
N ASP A 84 -7.07 12.03 -1.76
CA ASP A 84 -8.02 12.45 -2.78
C ASP A 84 -9.43 12.62 -2.22
N GLY A 85 -9.68 11.97 -1.09
CA GLY A 85 -10.99 12.07 -0.47
C GLY A 85 -12.01 11.13 -1.07
N ASP A 86 -11.71 9.84 -1.06
CA ASP A 86 -12.61 8.82 -1.60
C ASP A 86 -13.25 8.00 -0.49
N GLY A 87 -12.99 8.38 0.76
CA GLY A 87 -13.55 7.66 1.88
C GLY A 87 -12.77 6.39 2.20
N GLN A 88 -12.15 5.82 1.18
CA GLN A 88 -11.38 4.59 1.34
C GLN A 88 -10.00 4.74 0.70
N VAL A 89 -9.01 4.04 1.25
CA VAL A 89 -7.65 4.10 0.74
C VAL A 89 -7.47 3.17 -0.46
N ASP A 90 -7.09 3.76 -1.60
CA ASP A 90 -6.87 2.99 -2.81
C ASP A 90 -5.46 2.39 -2.83
N PHE A 91 -5.28 1.33 -3.61
CA PHE A 91 -4.00 0.65 -3.72
C PHE A 91 -2.85 1.64 -3.92
N GLU A 92 -2.92 2.40 -5.01
CA GLU A 92 -1.88 3.38 -5.33
C GLU A 92 -1.57 4.29 -4.15
N GLU A 93 -2.60 4.95 -3.61
CA GLU A 93 -2.43 5.85 -2.48
C GLU A 93 -1.57 5.22 -1.37
N PHE A 94 -1.73 3.93 -1.14
CA PHE A 94 -0.97 3.23 -0.10
C PHE A 94 0.34 2.65 -0.62
N VAL A 95 0.42 2.39 -1.93
CA VAL A 95 1.62 1.82 -2.51
C VAL A 95 2.74 2.85 -2.64
N THR A 96 2.37 4.13 -2.76
CA THR A 96 3.36 5.19 -2.89
C THR A 96 3.81 5.70 -1.53
N LEU A 97 2.86 5.97 -0.64
CA LEU A 97 3.17 6.46 0.69
C LEU A 97 4.04 5.47 1.46
N LEU A 98 4.02 4.22 1.02
CA LEU A 98 4.81 3.16 1.65
C LEU A 98 6.08 2.89 0.85
N GLY A 99 6.08 3.34 -0.40
CA GLY A 99 7.23 3.13 -1.27
C GLY A 99 7.87 4.43 -1.71
N PRO A 100 8.68 4.41 -2.79
CA PRO A 100 9.35 5.61 -3.29
C PRO A 100 8.37 6.70 -3.68
N MET A 1 44.38 -2.04 -25.67
CA MET A 1 44.18 -3.07 -24.62
C MET A 1 44.24 -2.44 -23.24
N PRO A 2 43.12 -1.87 -22.76
CA PRO A 2 43.05 -1.23 -21.44
C PRO A 2 43.09 -2.24 -20.30
N PHE A 3 44.18 -2.24 -19.55
CA PHE A 3 44.34 -3.17 -18.42
C PHE A 3 43.36 -2.83 -17.30
N HIS A 4 42.97 -1.56 -17.22
CA HIS A 4 42.05 -1.11 -16.20
C HIS A 4 40.60 -1.20 -16.68
N PRO A 5 39.65 -1.46 -15.75
CA PRO A 5 38.22 -1.56 -16.09
C PRO A 5 37.67 -0.26 -16.65
N VAL A 6 36.97 -0.36 -17.78
CA VAL A 6 36.38 0.81 -18.42
C VAL A 6 34.93 1.01 -18.00
N THR A 7 34.05 0.13 -18.48
CA THR A 7 32.63 0.21 -18.15
C THR A 7 32.26 -0.84 -17.11
N ALA A 8 31.55 -0.40 -16.07
CA ALA A 8 31.11 -1.30 -15.00
C ALA A 8 29.93 -0.73 -14.25
N ALA A 9 29.49 -1.43 -13.21
CA ALA A 9 28.36 -0.97 -12.39
C ALA A 9 28.77 0.17 -11.47
N LEU A 10 29.96 0.04 -10.87
CA LEU A 10 30.47 1.06 -9.96
C LEU A 10 30.72 2.38 -10.69
N MET A 11 31.17 3.38 -9.95
CA MET A 11 31.46 4.70 -10.51
C MET A 11 30.22 5.28 -11.19
N TYR A 12 29.14 5.43 -10.42
CA TYR A 12 27.90 5.98 -10.94
C TYR A 12 28.05 7.45 -11.28
N ARG A 13 28.98 8.12 -10.60
CA ARG A 13 29.23 9.54 -10.84
C ARG A 13 29.94 9.75 -12.16
N GLY A 14 30.04 11.01 -12.57
CA GLY A 14 30.70 11.34 -13.82
C GLY A 14 29.75 11.35 -15.00
N ILE A 15 28.49 11.67 -14.73
CA ILE A 15 27.47 11.71 -15.78
C ILE A 15 26.53 12.90 -15.58
N TYR A 16 26.12 13.51 -16.69
CA TYR A 16 25.21 14.65 -16.64
C TYR A 16 23.81 14.21 -16.24
N THR A 17 23.47 14.41 -14.97
CA THR A 17 22.16 14.04 -14.47
C THR A 17 21.15 15.17 -14.63
N VAL A 18 20.35 15.09 -15.68
CA VAL A 18 19.33 16.10 -15.96
C VAL A 18 18.08 15.88 -15.11
N PRO A 19 17.72 16.87 -14.26
CA PRO A 19 16.54 16.80 -13.39
C PRO A 19 15.33 16.17 -14.08
N ASN A 20 15.24 16.33 -15.39
CA ASN A 20 14.14 15.75 -16.16
C ASN A 20 14.54 14.40 -16.73
N LEU A 21 15.13 13.57 -15.87
CA LEU A 21 15.58 12.24 -16.28
C LEU A 21 14.44 11.23 -16.27
N LEU A 22 13.21 11.73 -16.44
CA LEU A 22 12.04 10.86 -16.47
C LEU A 22 11.43 10.80 -17.87
N SER A 23 12.02 11.55 -18.80
CA SER A 23 11.54 11.58 -20.17
C SER A 23 12.31 10.61 -21.07
N GLU A 24 13.48 10.17 -20.59
CA GLU A 24 14.31 9.25 -21.35
C GLU A 24 14.55 7.96 -20.57
N GLN A 25 14.58 8.07 -19.25
CA GLN A 25 14.79 6.92 -18.38
C GLN A 25 13.50 6.45 -17.75
N ARG A 26 13.16 5.18 -17.96
CA ARG A 26 11.94 4.60 -17.42
C ARG A 26 11.99 4.61 -15.89
N PRO A 27 10.84 4.84 -15.23
CA PRO A 27 10.77 4.88 -13.76
C PRO A 27 10.85 3.48 -13.16
N VAL A 28 12.06 3.01 -12.94
CA VAL A 28 12.29 1.68 -12.36
C VAL A 28 11.59 1.54 -11.02
N ASP A 29 11.51 0.30 -10.53
CA ASP A 29 10.86 0.01 -9.26
C ASP A 29 11.07 -1.45 -8.86
N ILE A 30 10.97 -1.70 -7.56
CA ILE A 30 11.14 -3.05 -7.03
C ILE A 30 10.13 -4.01 -7.69
N PRO A 31 10.58 -5.22 -8.09
CA PRO A 31 9.71 -6.20 -8.75
C PRO A 31 8.47 -6.53 -7.93
N GLU A 32 7.39 -6.84 -8.64
CA GLU A 32 6.10 -7.18 -8.02
C GLU A 32 6.29 -8.13 -6.84
N ASP A 33 7.37 -8.91 -6.85
CA ASP A 33 7.66 -9.85 -5.78
C ASP A 33 7.50 -9.19 -4.40
N GLU A 34 8.07 -8.00 -4.26
CA GLU A 34 8.00 -7.27 -3.01
C GLU A 34 6.64 -6.57 -2.87
N LEU A 35 5.96 -6.39 -4.00
CA LEU A 35 4.66 -5.74 -4.01
C LEU A 35 3.60 -6.64 -3.38
N GLU A 36 3.81 -7.96 -3.52
CA GLU A 36 2.87 -8.94 -2.97
C GLU A 36 2.73 -8.76 -1.46
N GLU A 37 3.82 -8.38 -0.82
CA GLU A 37 3.83 -8.17 0.63
C GLU A 37 2.95 -7.00 1.01
N ILE A 38 2.93 -5.98 0.15
CA ILE A 38 2.12 -4.79 0.38
C ILE A 38 0.63 -5.11 0.27
N ARG A 39 0.27 -5.86 -0.76
CA ARG A 39 -1.11 -6.24 -1.00
C ARG A 39 -1.61 -7.22 0.07
N GLU A 40 -1.08 -8.43 0.05
CA GLU A 40 -1.49 -9.46 1.00
C GLU A 40 -1.72 -8.89 2.40
N ALA A 41 -0.97 -7.86 2.75
CA ALA A 41 -1.10 -7.23 4.06
C ALA A 41 -2.45 -6.54 4.27
N PHE A 42 -2.57 -5.32 3.75
CA PHE A 42 -3.79 -4.54 3.92
C PHE A 42 -4.93 -5.05 3.03
N LYS A 43 -4.59 -5.61 1.88
CA LYS A 43 -5.61 -6.11 0.95
C LYS A 43 -6.50 -7.17 1.61
N VAL A 44 -5.91 -8.04 2.43
CA VAL A 44 -6.70 -9.08 3.09
C VAL A 44 -7.57 -8.48 4.19
N PHE A 45 -7.07 -7.46 4.87
CA PHE A 45 -7.85 -6.81 5.93
C PHE A 45 -9.14 -6.23 5.38
N ASP A 46 -9.20 -6.07 4.06
CA ASP A 46 -10.39 -5.54 3.41
C ASP A 46 -11.46 -6.63 3.32
N ARG A 47 -12.39 -6.58 4.27
CA ARG A 47 -13.48 -7.55 4.33
C ARG A 47 -14.27 -7.62 3.03
N ASP A 48 -14.50 -6.47 2.41
CA ASP A 48 -15.25 -6.42 1.17
C ASP A 48 -14.38 -6.82 -0.03
N GLY A 49 -13.06 -6.77 0.16
CA GLY A 49 -12.15 -7.14 -0.91
C GLY A 49 -12.33 -6.31 -2.16
N ASN A 50 -13.04 -5.19 -2.03
CA ASN A 50 -13.29 -4.31 -3.17
C ASN A 50 -12.03 -3.51 -3.53
N GLY A 51 -10.93 -3.80 -2.85
CA GLY A 51 -9.69 -3.10 -3.12
C GLY A 51 -9.51 -1.87 -2.26
N PHE A 52 -10.61 -1.41 -1.66
CA PHE A 52 -10.57 -0.23 -0.80
C PHE A 52 -10.86 -0.61 0.65
N ILE A 53 -10.08 -0.06 1.57
CA ILE A 53 -10.25 -0.36 2.99
C ILE A 53 -10.85 0.83 3.74
N SER A 54 -12.12 0.70 4.10
CA SER A 54 -12.82 1.75 4.85
C SER A 54 -12.22 1.91 6.24
N LYS A 55 -12.78 2.81 7.03
CA LYS A 55 -12.28 3.05 8.38
C LYS A 55 -12.46 1.82 9.26
N GLN A 56 -13.70 1.34 9.35
CA GLN A 56 -14.03 0.17 10.17
C GLN A 56 -13.11 -1.01 9.86
N GLU A 57 -12.85 -1.23 8.57
CA GLU A 57 -11.98 -2.33 8.14
C GLU A 57 -10.54 -2.07 8.54
N LEU A 58 -10.06 -0.85 8.28
CA LEU A 58 -8.69 -0.47 8.60
C LEU A 58 -8.47 -0.57 10.11
N GLY A 59 -9.55 -0.40 10.88
CA GLY A 59 -9.45 -0.47 12.33
C GLY A 59 -9.04 -1.84 12.80
N THR A 60 -9.27 -2.85 11.96
CA THR A 60 -8.91 -4.22 12.29
C THR A 60 -7.47 -4.51 11.86
N ALA A 61 -6.98 -3.71 10.92
CA ALA A 61 -5.61 -3.86 10.42
C ALA A 61 -4.60 -3.36 11.45
N MET A 62 -4.85 -2.18 11.99
CA MET A 62 -3.96 -1.57 12.99
C MET A 62 -3.90 -2.42 14.26
N ARG A 63 -5.05 -2.79 14.79
CA ARG A 63 -5.11 -3.59 16.01
C ARG A 63 -4.32 -4.89 15.85
N SER A 64 -4.30 -5.41 14.63
CA SER A 64 -3.57 -6.65 14.35
C SER A 64 -2.11 -6.52 14.77
N LEU A 65 -1.56 -5.33 14.58
CA LEU A 65 -0.16 -5.07 14.94
C LEU A 65 -0.04 -4.78 16.43
N GLY A 66 -1.17 -4.46 17.06
CA GLY A 66 -1.19 -4.17 18.48
C GLY A 66 -1.64 -2.75 18.77
N TYR A 67 -2.32 -2.14 17.80
CA TYR A 67 -2.81 -0.78 17.95
C TYR A 67 -4.31 -0.72 17.66
N MET A 68 -5.12 -0.90 18.69
CA MET A 68 -6.57 -0.87 18.55
C MET A 68 -7.12 0.56 18.63
N PRO A 69 -7.61 1.11 17.50
CA PRO A 69 -8.16 2.46 17.46
C PRO A 69 -9.65 2.50 17.77
N ASN A 70 -10.11 3.61 18.33
CA ASN A 70 -11.52 3.76 18.67
C ASN A 70 -12.33 4.26 17.47
N GLU A 71 -13.64 4.27 17.61
CA GLU A 71 -14.52 4.71 16.53
C GLU A 71 -14.22 6.16 16.15
N VAL A 72 -13.65 6.90 17.08
CA VAL A 72 -13.30 8.30 16.84
C VAL A 72 -11.88 8.44 16.31
N GLU A 73 -11.07 7.41 16.52
CA GLU A 73 -9.68 7.42 16.08
C GLU A 73 -9.52 6.92 14.65
N LEU A 74 -10.02 5.72 14.36
CA LEU A 74 -9.90 5.12 13.03
C LEU A 74 -10.46 6.05 11.95
N GLU A 75 -11.24 7.05 12.36
CA GLU A 75 -11.83 8.00 11.42
C GLU A 75 -10.83 9.10 11.04
N VAL A 76 -9.97 9.48 11.98
CA VAL A 76 -8.99 10.53 11.72
C VAL A 76 -7.69 9.98 11.15
N ILE A 77 -7.40 8.72 11.47
CA ILE A 77 -6.19 8.08 10.98
C ILE A 77 -6.30 7.74 9.50
N ILE A 78 -7.48 7.31 9.09
CA ILE A 78 -7.72 6.96 7.69
C ILE A 78 -7.41 8.11 6.76
N GLN A 79 -7.85 9.32 7.13
CA GLN A 79 -7.62 10.50 6.31
C GLN A 79 -6.14 10.66 5.94
N ARG A 80 -5.27 10.39 6.91
CA ARG A 80 -3.82 10.49 6.68
C ARG A 80 -3.40 9.82 5.38
N LEU A 81 -4.02 8.68 5.08
CA LEU A 81 -3.71 7.96 3.86
C LEU A 81 -4.62 8.39 2.71
N ASP A 82 -5.90 8.61 3.02
CA ASP A 82 -6.88 9.03 2.03
C ASP A 82 -6.69 10.50 1.68
N MET A 83 -5.78 10.77 0.76
CA MET A 83 -5.50 12.15 0.33
C MET A 83 -6.74 12.81 -0.25
N ASP A 84 -7.41 12.12 -1.16
CA ASP A 84 -8.62 12.65 -1.79
C ASP A 84 -9.76 12.77 -0.79
N GLY A 85 -9.67 12.00 0.29
CA GLY A 85 -10.69 12.03 1.33
C GLY A 85 -12.01 11.41 0.91
N ASP A 86 -11.95 10.32 0.16
CA ASP A 86 -13.16 9.64 -0.30
C ASP A 86 -13.70 8.73 0.81
N GLY A 87 -12.86 8.46 1.80
CA GLY A 87 -13.27 7.60 2.91
C GLY A 87 -12.58 6.26 2.90
N GLN A 88 -12.09 5.85 1.74
CA GLN A 88 -11.40 4.57 1.59
C GLN A 88 -10.05 4.76 0.91
N VAL A 89 -9.02 4.12 1.48
CA VAL A 89 -7.67 4.22 0.94
C VAL A 89 -7.48 3.32 -0.27
N ASP A 90 -7.00 3.91 -1.37
CA ASP A 90 -6.76 3.16 -2.60
C ASP A 90 -5.37 2.55 -2.60
N PHE A 91 -5.20 1.47 -3.35
CA PHE A 91 -3.92 0.77 -3.44
C PHE A 91 -2.76 1.74 -3.67
N GLU A 92 -2.83 2.52 -4.74
CA GLU A 92 -1.78 3.48 -5.08
C GLU A 92 -1.44 4.38 -3.88
N GLU A 93 -2.46 5.00 -3.30
CA GLU A 93 -2.25 5.89 -2.16
C GLU A 93 -1.46 5.18 -1.05
N PHE A 94 -1.55 3.86 -1.01
CA PHE A 94 -0.86 3.08 0.01
C PHE A 94 0.55 2.67 -0.42
N VAL A 95 0.71 2.35 -1.70
CA VAL A 95 2.02 1.94 -2.21
C VAL A 95 3.06 3.04 -2.08
N THR A 96 2.60 4.29 -2.14
CA THR A 96 3.51 5.43 -2.03
C THR A 96 3.86 5.71 -0.58
N LEU A 97 2.86 5.73 0.29
CA LEU A 97 3.09 6.00 1.71
C LEU A 97 3.94 4.90 2.33
N LEU A 98 3.95 3.73 1.71
CA LEU A 98 4.72 2.60 2.20
C LEU A 98 6.00 2.43 1.39
N GLY A 99 6.01 3.00 0.20
CA GLY A 99 7.18 2.89 -0.67
C GLY A 99 8.19 3.99 -0.41
N PRO A 100 8.50 4.84 -1.42
CA PRO A 100 9.46 5.94 -1.26
C PRO A 100 9.10 6.88 -0.11
N MET A 1 -16.72 -37.04 5.33
CA MET A 1 -17.77 -37.49 4.37
C MET A 1 -18.07 -36.41 3.34
N PRO A 2 -17.29 -36.35 2.25
CA PRO A 2 -17.49 -35.34 1.20
C PRO A 2 -18.81 -35.54 0.46
N PHE A 3 -19.87 -34.92 0.99
CA PHE A 3 -21.19 -35.01 0.40
C PHE A 3 -21.56 -33.71 -0.29
N HIS A 4 -21.20 -32.59 0.32
CA HIS A 4 -21.48 -31.27 -0.23
C HIS A 4 -20.25 -30.69 -0.91
N PRO A 5 -20.34 -30.36 -2.21
CA PRO A 5 -19.21 -29.80 -2.97
C PRO A 5 -18.73 -28.48 -2.38
N VAL A 6 -17.43 -28.40 -2.13
CA VAL A 6 -16.85 -27.19 -1.56
C VAL A 6 -16.17 -26.36 -2.65
N THR A 7 -16.27 -25.04 -2.52
CA THR A 7 -15.67 -24.13 -3.49
C THR A 7 -15.01 -22.95 -2.80
N ALA A 8 -13.86 -22.53 -3.33
CA ALA A 8 -13.12 -21.40 -2.76
C ALA A 8 -12.65 -20.46 -3.87
N ALA A 9 -11.82 -19.50 -3.49
CA ALA A 9 -11.29 -18.54 -4.46
C ALA A 9 -10.53 -19.25 -5.58
N LEU A 10 -9.37 -19.81 -5.22
CA LEU A 10 -8.53 -20.53 -6.19
C LEU A 10 -8.36 -19.74 -7.48
N MET A 11 -7.30 -18.94 -7.54
CA MET A 11 -7.03 -18.14 -8.73
C MET A 11 -6.74 -19.02 -9.94
N TYR A 12 -7.77 -19.28 -10.74
CA TYR A 12 -7.61 -20.11 -11.93
C TYR A 12 -6.96 -19.31 -13.07
N ARG A 13 -7.56 -18.18 -13.41
CA ARG A 13 -7.04 -17.33 -14.47
C ARG A 13 -7.67 -15.94 -14.43
N GLY A 14 -6.83 -14.92 -14.52
CA GLY A 14 -7.32 -13.55 -14.49
C GLY A 14 -6.82 -12.74 -15.67
N ILE A 15 -7.46 -12.92 -16.83
CA ILE A 15 -7.07 -12.21 -18.04
C ILE A 15 -7.23 -10.70 -17.87
N TYR A 16 -6.26 -9.95 -18.38
CA TYR A 16 -6.30 -8.50 -18.29
C TYR A 16 -6.59 -7.88 -19.66
N THR A 17 -6.78 -6.56 -19.69
CA THR A 17 -7.07 -5.86 -20.92
C THR A 17 -6.67 -4.38 -20.85
N VAL A 18 -5.42 -4.11 -21.20
CA VAL A 18 -4.91 -2.73 -21.19
C VAL A 18 -4.92 -2.13 -22.59
N PRO A 19 -5.26 -0.83 -22.72
CA PRO A 19 -5.32 -0.16 -24.02
C PRO A 19 -3.94 -0.04 -24.67
N ASN A 20 -2.95 0.35 -23.88
CA ASN A 20 -1.59 0.51 -24.38
C ASN A 20 -0.60 0.74 -23.24
N LEU A 21 -0.14 -0.34 -22.63
CA LEU A 21 0.80 -0.25 -21.52
C LEU A 21 2.12 -0.94 -21.87
N LEU A 22 2.24 -1.34 -23.13
CA LEU A 22 3.45 -2.01 -23.60
C LEU A 22 4.30 -1.07 -24.44
N SER A 23 4.10 0.23 -24.25
CA SER A 23 4.85 1.24 -24.99
C SER A 23 5.84 1.96 -24.08
N GLU A 24 5.37 2.40 -22.92
CA GLU A 24 6.20 3.10 -21.97
C GLU A 24 6.46 2.27 -20.71
N GLN A 25 5.52 1.36 -20.42
CA GLN A 25 5.64 0.49 -19.25
C GLN A 25 5.59 1.30 -17.95
N ARG A 26 4.76 0.86 -17.01
CA ARG A 26 4.61 1.54 -15.73
C ARG A 26 5.94 1.52 -14.96
N PRO A 27 6.33 2.66 -14.37
CA PRO A 27 7.57 2.77 -13.60
C PRO A 27 7.41 2.31 -12.16
N VAL A 28 8.10 1.23 -11.81
CA VAL A 28 8.04 0.69 -10.45
C VAL A 28 9.42 0.63 -9.81
N ASP A 29 9.46 0.43 -8.50
CA ASP A 29 10.72 0.35 -7.78
C ASP A 29 10.74 -0.86 -6.84
N ILE A 30 9.56 -1.37 -6.56
CA ILE A 30 9.42 -2.53 -5.69
C ILE A 30 8.96 -3.75 -6.48
N PRO A 31 9.81 -4.79 -6.60
CA PRO A 31 9.45 -6.00 -7.34
C PRO A 31 8.32 -6.77 -6.67
N GLU A 32 7.54 -7.49 -7.47
CA GLU A 32 6.41 -8.27 -6.97
C GLU A 32 6.75 -8.98 -5.66
N ASP A 33 7.95 -9.55 -5.58
CA ASP A 33 8.39 -10.26 -4.38
C ASP A 33 8.09 -9.48 -3.10
N GLU A 34 8.43 -8.19 -3.10
CA GLU A 34 8.20 -7.35 -1.93
C GLU A 34 6.83 -6.67 -1.98
N LEU A 35 6.32 -6.47 -3.20
CA LEU A 35 5.04 -5.81 -3.39
C LEU A 35 3.88 -6.67 -2.89
N GLU A 36 4.00 -7.99 -3.04
CA GLU A 36 2.95 -8.90 -2.62
C GLU A 36 2.65 -8.72 -1.14
N GLU A 37 3.65 -8.31 -0.38
CA GLU A 37 3.50 -8.08 1.05
C GLU A 37 2.60 -6.88 1.30
N ILE A 38 2.64 -5.93 0.36
CA ILE A 38 1.82 -4.72 0.46
C ILE A 38 0.35 -5.03 0.25
N ARG A 39 0.05 -5.77 -0.82
CA ARG A 39 -1.32 -6.13 -1.15
C ARG A 39 -1.89 -7.10 -0.13
N GLU A 40 -1.40 -8.34 -0.15
CA GLU A 40 -1.87 -9.38 0.76
C GLU A 40 -2.15 -8.84 2.16
N ALA A 41 -1.40 -7.83 2.56
CA ALA A 41 -1.56 -7.23 3.88
C ALA A 41 -2.92 -6.56 4.06
N PHE A 42 -3.04 -5.34 3.57
CA PHE A 42 -4.28 -4.57 3.71
C PHE A 42 -5.38 -5.03 2.74
N LYS A 43 -4.97 -5.56 1.59
CA LYS A 43 -5.93 -6.02 0.59
C LYS A 43 -6.88 -7.07 1.18
N VAL A 44 -6.34 -7.99 1.99
CA VAL A 44 -7.17 -9.03 2.59
C VAL A 44 -8.06 -8.46 3.69
N PHE A 45 -7.55 -7.49 4.44
CA PHE A 45 -8.33 -6.88 5.51
C PHE A 45 -9.62 -6.28 4.96
N ASP A 46 -9.64 -6.05 3.65
CA ASP A 46 -10.82 -5.50 2.99
C ASP A 46 -11.94 -6.53 2.95
N ARG A 47 -12.78 -6.52 3.98
CA ARG A 47 -13.88 -7.46 4.08
C ARG A 47 -14.78 -7.42 2.85
N ASP A 48 -15.03 -6.22 2.33
CA ASP A 48 -15.87 -6.06 1.16
C ASP A 48 -15.12 -6.41 -0.12
N GLY A 49 -13.78 -6.40 -0.02
CA GLY A 49 -12.95 -6.71 -1.17
C GLY A 49 -13.24 -5.85 -2.38
N ASN A 50 -13.88 -4.70 -2.15
CA ASN A 50 -14.21 -3.78 -3.23
C ASN A 50 -12.97 -3.03 -3.72
N GLY A 51 -11.83 -3.33 -3.11
CA GLY A 51 -10.59 -2.68 -3.49
C GLY A 51 -10.25 -1.50 -2.60
N PHE A 52 -11.21 -1.11 -1.76
CA PHE A 52 -11.01 0.01 -0.85
C PHE A 52 -11.24 -0.43 0.59
N ILE A 53 -10.46 0.12 1.51
CA ILE A 53 -10.58 -0.23 2.92
C ILE A 53 -11.16 0.93 3.74
N SER A 54 -12.40 0.76 4.19
CA SER A 54 -13.07 1.77 4.99
C SER A 54 -12.44 1.89 6.37
N LYS A 55 -12.99 2.76 7.21
CA LYS A 55 -12.47 2.97 8.56
C LYS A 55 -12.61 1.72 9.42
N GLN A 56 -13.82 1.16 9.43
CA GLN A 56 -14.10 -0.04 10.23
C GLN A 56 -13.19 -1.19 9.84
N GLU A 57 -12.87 -1.29 8.56
CA GLU A 57 -12.01 -2.36 8.06
C GLU A 57 -10.56 -2.15 8.48
N LEU A 58 -10.05 -0.93 8.26
CA LEU A 58 -8.67 -0.62 8.62
C LEU A 58 -8.49 -0.72 10.13
N GLY A 59 -9.59 -0.66 10.86
CA GLY A 59 -9.53 -0.74 12.31
C GLY A 59 -9.04 -2.10 12.76
N THR A 60 -9.22 -3.10 11.90
CA THR A 60 -8.78 -4.46 12.20
C THR A 60 -7.35 -4.67 11.73
N ALA A 61 -6.93 -3.84 10.78
CA ALA A 61 -5.59 -3.91 10.23
C ALA A 61 -4.56 -3.39 11.24
N MET A 62 -4.91 -2.31 11.93
CA MET A 62 -4.02 -1.72 12.92
C MET A 62 -3.84 -2.61 14.14
N ARG A 63 -4.96 -3.12 14.67
CA ARG A 63 -4.91 -4.00 15.84
C ARG A 63 -4.02 -5.21 15.59
N SER A 64 -3.89 -5.59 14.33
CA SER A 64 -3.07 -6.73 13.95
C SER A 64 -1.61 -6.51 14.35
N LEU A 65 -1.12 -5.29 14.10
CA LEU A 65 0.26 -4.94 14.44
C LEU A 65 0.45 -4.85 15.95
N GLY A 66 -0.66 -4.75 16.67
CA GLY A 66 -0.61 -4.65 18.12
C GLY A 66 -1.17 -3.34 18.63
N TYR A 67 -1.79 -2.58 17.74
CA TYR A 67 -2.38 -1.29 18.10
C TYR A 67 -3.87 -1.28 17.79
N MET A 68 -4.69 -1.54 18.80
CA MET A 68 -6.14 -1.56 18.63
C MET A 68 -6.71 -0.14 18.65
N PRO A 69 -7.21 0.35 17.50
CA PRO A 69 -7.78 1.69 17.40
C PRO A 69 -9.26 1.72 17.72
N ASN A 70 -9.72 2.83 18.29
CA ASN A 70 -11.13 2.98 18.64
C ASN A 70 -11.89 3.72 17.54
N GLU A 71 -13.17 4.00 17.78
CA GLU A 71 -14.00 4.70 16.82
C GLU A 71 -13.46 6.10 16.50
N VAL A 72 -12.71 6.66 17.45
CA VAL A 72 -12.14 7.99 17.28
C VAL A 72 -10.79 7.95 16.55
N GLU A 73 -10.16 6.78 16.56
CA GLU A 73 -8.86 6.62 15.91
C GLU A 73 -9.00 6.32 14.41
N LEU A 74 -9.82 5.33 14.08
CA LEU A 74 -10.03 4.95 12.69
C LEU A 74 -10.48 6.13 11.83
N GLU A 75 -10.89 7.22 12.47
CA GLU A 75 -11.34 8.40 11.74
C GLU A 75 -10.18 9.34 11.40
N VAL A 76 -9.15 9.34 12.24
CA VAL A 76 -7.99 10.21 12.01
C VAL A 76 -6.92 9.52 11.18
N ILE A 77 -6.90 8.20 11.22
CA ILE A 77 -5.92 7.43 10.47
C ILE A 77 -6.31 7.27 9.00
N ILE A 78 -7.60 7.40 8.72
CA ILE A 78 -8.11 7.26 7.36
C ILE A 78 -8.13 8.59 6.61
N GLN A 79 -8.05 9.70 7.34
CA GLN A 79 -8.08 11.01 6.71
C GLN A 79 -6.69 11.39 6.18
N ARG A 80 -5.68 10.65 6.63
CA ARG A 80 -4.30 10.90 6.20
C ARG A 80 -4.03 10.27 4.85
N LEU A 81 -4.34 8.98 4.72
CA LEU A 81 -4.13 8.25 3.48
C LEU A 81 -5.12 8.70 2.40
N ASP A 82 -6.36 8.89 2.80
CA ASP A 82 -7.42 9.31 1.87
C ASP A 82 -7.20 10.75 1.41
N MET A 83 -6.34 10.92 0.40
CA MET A 83 -6.04 12.24 -0.14
C MET A 83 -7.16 12.73 -1.06
N ASP A 84 -7.63 11.86 -1.93
CA ASP A 84 -8.70 12.22 -2.87
C ASP A 84 -10.02 12.46 -2.14
N GLY A 85 -10.06 12.11 -0.86
CA GLY A 85 -11.26 12.31 -0.07
C GLY A 85 -12.42 11.44 -0.52
N ASP A 86 -12.11 10.25 -1.02
CA ASP A 86 -13.15 9.33 -1.48
C ASP A 86 -13.82 8.63 -0.29
N GLY A 87 -13.19 8.75 0.88
CA GLY A 87 -13.72 8.13 2.07
C GLY A 87 -12.95 6.89 2.47
N GLN A 88 -12.40 6.20 1.48
CA GLN A 88 -11.63 4.98 1.71
C GLN A 88 -10.19 5.16 1.24
N VAL A 89 -9.36 4.16 1.51
CA VAL A 89 -7.95 4.20 1.11
C VAL A 89 -7.70 3.36 -0.14
N ASP A 90 -7.14 4.01 -1.16
CA ASP A 90 -6.84 3.32 -2.42
C ASP A 90 -5.46 2.69 -2.38
N PHE A 91 -5.31 1.59 -3.11
CA PHE A 91 -4.03 0.87 -3.18
C PHE A 91 -2.89 1.77 -3.64
N GLU A 92 -3.20 2.73 -4.52
CA GLU A 92 -2.18 3.64 -5.03
C GLU A 92 -1.72 4.63 -3.97
N GLU A 93 -2.67 5.30 -3.33
CA GLU A 93 -2.36 6.27 -2.29
C GLU A 93 -1.57 5.61 -1.16
N PHE A 94 -1.67 4.28 -1.06
CA PHE A 94 -0.98 3.54 -0.02
C PHE A 94 0.43 3.13 -0.45
N VAL A 95 0.55 2.58 -1.66
CA VAL A 95 1.83 2.14 -2.17
C VAL A 95 2.88 3.26 -2.17
N THR A 96 2.41 4.49 -2.38
CA THR A 96 3.31 5.63 -2.42
C THR A 96 3.73 6.07 -1.01
N LEU A 97 2.77 6.17 -0.11
CA LEU A 97 3.05 6.58 1.26
C LEU A 97 4.01 5.63 1.96
N LEU A 98 4.16 4.41 1.41
CA LEU A 98 5.06 3.42 1.99
C LEU A 98 6.27 3.20 1.11
N GLY A 99 6.21 3.70 -0.13
CA GLY A 99 7.32 3.53 -1.05
C GLY A 99 8.07 4.83 -1.29
N PRO A 100 9.34 4.75 -1.75
CA PRO A 100 10.15 5.94 -2.02
C PRO A 100 9.71 6.68 -3.28
N MET A 1 14.93 -13.56 21.13
CA MET A 1 14.50 -12.22 21.56
C MET A 1 13.93 -11.41 20.39
N PRO A 2 12.67 -11.69 20.00
CA PRO A 2 12.01 -10.98 18.89
C PRO A 2 11.69 -9.54 19.25
N PHE A 3 11.97 -9.15 20.49
CA PHE A 3 11.69 -7.79 20.95
C PHE A 3 12.56 -6.78 20.21
N HIS A 4 13.68 -7.25 19.67
CA HIS A 4 14.61 -6.39 18.93
C HIS A 4 14.11 -6.17 17.50
N PRO A 5 13.72 -4.93 17.13
CA PRO A 5 13.23 -4.63 15.79
C PRO A 5 14.36 -4.58 14.76
N VAL A 6 14.37 -5.57 13.86
CA VAL A 6 15.39 -5.63 12.82
C VAL A 6 14.84 -5.19 11.48
N THR A 7 13.58 -4.76 11.47
CA THR A 7 12.93 -4.30 10.24
C THR A 7 12.98 -2.78 10.14
N ALA A 8 12.39 -2.10 11.12
CA ALA A 8 12.36 -0.64 11.14
C ALA A 8 13.64 -0.08 11.74
N ALA A 9 14.47 0.53 10.91
CA ALA A 9 15.72 1.11 11.36
C ALA A 9 15.53 2.54 11.85
N LEU A 10 15.26 3.45 10.91
CA LEU A 10 15.05 4.85 11.24
C LEU A 10 16.18 5.39 12.11
N MET A 11 17.40 4.91 11.84
CA MET A 11 18.57 5.33 12.59
C MET A 11 19.03 6.73 12.16
N TYR A 12 20.19 7.14 12.65
CA TYR A 12 20.76 8.44 12.33
C TYR A 12 20.95 8.59 10.82
N ARG A 13 21.65 7.63 10.23
CA ARG A 13 21.91 7.66 8.79
C ARG A 13 20.73 7.11 8.01
N GLY A 14 19.63 7.86 8.02
CA GLY A 14 18.43 7.43 7.30
C GLY A 14 17.88 8.53 6.41
N ILE A 15 18.15 9.78 6.77
CA ILE A 15 17.68 10.92 5.99
C ILE A 15 18.38 10.98 4.63
N TYR A 16 17.60 11.28 3.59
CA TYR A 16 18.13 11.36 2.25
C TYR A 16 19.01 12.60 2.09
N THR A 17 18.60 13.69 2.73
CA THR A 17 19.34 14.95 2.68
C THR A 17 19.98 15.19 1.31
N VAL A 18 19.20 14.99 0.25
CA VAL A 18 19.69 15.18 -1.11
C VAL A 18 19.38 16.60 -1.59
N PRO A 19 20.36 17.27 -2.25
CA PRO A 19 20.20 18.63 -2.76
C PRO A 19 19.49 18.68 -4.11
N ASN A 20 20.06 17.99 -5.08
CA ASN A 20 19.50 17.95 -6.44
C ASN A 20 18.02 17.60 -6.42
N LEU A 21 17.72 16.30 -6.44
CA LEU A 21 16.34 15.83 -6.43
C LEU A 21 15.56 16.35 -7.63
N LEU A 22 16.28 16.75 -8.68
CA LEU A 22 15.64 17.27 -9.88
C LEU A 22 15.75 16.26 -11.03
N SER A 23 16.75 15.40 -10.95
CA SER A 23 16.97 14.38 -11.97
C SER A 23 16.57 13.00 -11.47
N GLU A 24 17.21 12.56 -10.39
CA GLU A 24 16.92 11.25 -9.81
C GLU A 24 15.69 11.32 -8.90
N GLN A 25 15.57 12.42 -8.17
CA GLN A 25 14.44 12.63 -7.26
C GLN A 25 14.35 11.49 -6.24
N ARG A 26 13.33 10.65 -6.38
CA ARG A 26 13.14 9.53 -5.47
C ARG A 26 13.63 8.22 -6.08
N PRO A 27 14.11 7.28 -5.25
CA PRO A 27 14.61 5.99 -5.73
C PRO A 27 13.48 4.97 -5.93
N VAL A 28 12.35 5.46 -6.44
CA VAL A 28 11.19 4.61 -6.67
C VAL A 28 11.53 3.42 -7.54
N ASP A 29 11.56 2.24 -6.93
CA ASP A 29 11.87 1.01 -7.64
C ASP A 29 11.72 -0.20 -6.73
N ILE A 30 10.49 -0.68 -6.62
CA ILE A 30 10.19 -1.82 -5.77
C ILE A 30 9.88 -3.06 -6.60
N PRO A 31 10.46 -4.21 -6.22
CA PRO A 31 10.27 -5.46 -6.94
C PRO A 31 8.95 -6.14 -6.55
N GLU A 32 8.36 -6.86 -7.50
CA GLU A 32 7.10 -7.56 -7.27
C GLU A 32 7.10 -8.28 -5.92
N ASP A 33 8.23 -8.90 -5.58
CA ASP A 33 8.35 -9.63 -4.32
C ASP A 33 7.85 -8.81 -3.13
N GLU A 34 8.28 -7.56 -3.06
CA GLU A 34 7.89 -6.68 -1.98
C GLU A 34 6.46 -6.18 -2.17
N LEU A 35 6.00 -6.14 -3.42
CA LEU A 35 4.66 -5.67 -3.73
C LEU A 35 3.60 -6.66 -3.27
N GLU A 36 3.89 -7.95 -3.39
CA GLU A 36 2.96 -8.99 -2.99
C GLU A 36 2.62 -8.86 -1.50
N GLU A 37 3.56 -8.32 -0.73
CA GLU A 37 3.36 -8.14 0.70
C GLU A 37 2.44 -6.96 0.98
N ILE A 38 2.41 -6.01 0.06
CA ILE A 38 1.55 -4.83 0.21
C ILE A 38 0.08 -5.18 0.05
N ARG A 39 -0.23 -5.92 -0.99
CA ARG A 39 -1.61 -6.32 -1.25
C ARG A 39 -2.11 -7.31 -0.22
N GLU A 40 -1.60 -8.52 -0.24
CA GLU A 40 -2.02 -9.58 0.69
C GLU A 40 -2.26 -9.04 2.10
N ALA A 41 -1.52 -8.01 2.49
CA ALA A 41 -1.65 -7.43 3.81
C ALA A 41 -2.99 -6.70 4.02
N PHE A 42 -3.09 -5.49 3.49
CA PHE A 42 -4.29 -4.67 3.66
C PHE A 42 -5.43 -5.11 2.74
N LYS A 43 -5.11 -5.82 1.68
CA LYS A 43 -6.11 -6.29 0.73
C LYS A 43 -7.02 -7.33 1.38
N VAL A 44 -6.46 -8.20 2.22
CA VAL A 44 -7.26 -9.23 2.88
C VAL A 44 -8.13 -8.62 3.98
N PHE A 45 -7.61 -7.60 4.66
CA PHE A 45 -8.37 -6.95 5.72
C PHE A 45 -9.66 -6.35 5.16
N ASP A 46 -9.69 -6.18 3.84
CA ASP A 46 -10.87 -5.64 3.17
C ASP A 46 -11.99 -6.68 3.15
N ARG A 47 -12.82 -6.65 4.18
CA ARG A 47 -13.93 -7.60 4.31
C ARG A 47 -14.82 -7.61 3.06
N ASP A 48 -15.07 -6.43 2.50
CA ASP A 48 -15.91 -6.31 1.31
C ASP A 48 -15.14 -6.71 0.05
N GLY A 49 -13.81 -6.67 0.15
CA GLY A 49 -12.98 -7.03 -0.98
C GLY A 49 -13.24 -6.19 -2.21
N ASN A 50 -13.86 -5.02 -2.02
CA ASN A 50 -14.16 -4.12 -3.12
C ASN A 50 -12.92 -3.39 -3.59
N GLY A 51 -11.79 -3.65 -2.94
CA GLY A 51 -10.55 -3.01 -3.31
C GLY A 51 -10.23 -1.82 -2.42
N PHE A 52 -11.25 -1.30 -1.74
CA PHE A 52 -11.08 -0.16 -0.85
C PHE A 52 -11.33 -0.57 0.59
N ILE A 53 -10.51 -0.05 1.51
CA ILE A 53 -10.63 -0.37 2.92
C ILE A 53 -11.29 0.78 3.68
N SER A 54 -12.41 0.48 4.33
CA SER A 54 -13.16 1.48 5.11
C SER A 54 -12.56 1.63 6.50
N LYS A 55 -13.18 2.48 7.32
CA LYS A 55 -12.71 2.72 8.68
C LYS A 55 -12.84 1.45 9.54
N GLN A 56 -14.03 0.86 9.54
CA GLN A 56 -14.30 -0.34 10.33
C GLN A 56 -13.36 -1.49 9.93
N GLU A 57 -12.93 -1.48 8.68
CA GLU A 57 -12.04 -2.51 8.16
C GLU A 57 -10.59 -2.20 8.51
N LEU A 58 -10.17 -0.97 8.21
CA LEU A 58 -8.82 -0.52 8.49
C LEU A 58 -8.54 -0.61 9.99
N GLY A 59 -9.60 -0.50 10.79
CA GLY A 59 -9.44 -0.56 12.23
C GLY A 59 -9.02 -1.95 12.71
N THR A 60 -9.25 -2.95 11.86
CA THR A 60 -8.87 -4.32 12.17
C THR A 60 -7.44 -4.58 11.76
N ALA A 61 -6.94 -3.76 10.83
CA ALA A 61 -5.57 -3.89 10.34
C ALA A 61 -4.57 -3.34 11.35
N MET A 62 -4.86 -2.15 11.88
CA MET A 62 -3.98 -1.51 12.85
C MET A 62 -3.82 -2.35 14.11
N ARG A 63 -4.95 -2.87 14.62
CA ARG A 63 -4.91 -3.68 15.83
C ARG A 63 -4.05 -4.92 15.63
N SER A 64 -3.89 -5.33 14.37
CA SER A 64 -3.08 -6.49 14.05
C SER A 64 -1.59 -6.17 14.14
N LEU A 65 -1.28 -5.02 14.75
CA LEU A 65 0.10 -4.58 14.91
C LEU A 65 0.42 -4.38 16.38
N GLY A 66 -0.63 -4.23 17.18
CA GLY A 66 -0.46 -4.03 18.61
C GLY A 66 -0.99 -2.68 19.07
N TYR A 67 -1.80 -2.05 18.22
CA TYR A 67 -2.38 -0.75 18.54
C TYR A 67 -3.88 -0.74 18.27
N MET A 68 -4.66 -1.11 19.28
CA MET A 68 -6.11 -1.15 19.14
C MET A 68 -6.67 0.26 18.89
N PRO A 69 -7.21 0.51 17.68
CA PRO A 69 -7.78 1.81 17.33
C PRO A 69 -9.25 1.92 17.71
N ASN A 70 -9.61 3.06 18.30
CA ASN A 70 -10.99 3.29 18.71
C ASN A 70 -11.78 4.03 17.63
N GLU A 71 -13.03 4.34 17.91
CA GLU A 71 -13.89 5.02 16.95
C GLU A 71 -13.30 6.37 16.54
N VAL A 72 -12.43 6.91 17.38
CA VAL A 72 -11.80 8.20 17.10
C VAL A 72 -10.50 8.04 16.33
N GLU A 73 -9.88 6.86 16.44
CA GLU A 73 -8.63 6.59 15.76
C GLU A 73 -8.83 6.30 14.29
N LEU A 74 -9.68 5.30 13.98
CA LEU A 74 -9.94 4.92 12.59
C LEU A 74 -10.45 6.10 11.77
N GLU A 75 -10.86 7.18 12.44
CA GLU A 75 -11.36 8.36 11.75
C GLU A 75 -10.23 9.33 11.39
N VAL A 76 -9.17 9.34 12.20
CA VAL A 76 -8.05 10.24 11.95
C VAL A 76 -6.98 9.61 11.06
N ILE A 77 -6.91 8.29 11.08
CA ILE A 77 -5.93 7.56 10.27
C ILE A 77 -6.39 7.41 8.83
N ILE A 78 -7.70 7.34 8.63
CA ILE A 78 -8.27 7.18 7.29
C ILE A 78 -8.26 8.49 6.51
N GLN A 79 -8.18 9.62 7.21
CA GLN A 79 -8.17 10.91 6.54
C GLN A 79 -6.77 11.26 6.06
N ARG A 80 -5.78 10.57 6.61
CA ARG A 80 -4.39 10.81 6.23
C ARG A 80 -4.06 10.12 4.91
N LEU A 81 -4.79 9.05 4.62
CA LEU A 81 -4.56 8.29 3.38
C LEU A 81 -5.58 8.71 2.31
N ASP A 82 -6.83 8.87 2.71
CA ASP A 82 -7.90 9.25 1.79
C ASP A 82 -7.71 10.68 1.30
N MET A 83 -6.96 10.83 0.21
CA MET A 83 -6.69 12.14 -0.37
C MET A 83 -7.82 12.60 -1.29
N ASP A 84 -8.29 11.72 -2.14
CA ASP A 84 -9.36 12.05 -3.09
C ASP A 84 -10.69 12.30 -2.38
N GLY A 85 -10.80 11.79 -1.15
CA GLY A 85 -12.03 11.98 -0.39
C GLY A 85 -13.13 11.02 -0.77
N ASP A 86 -12.82 9.72 -0.76
CA ASP A 86 -13.81 8.70 -1.11
C ASP A 86 -14.23 7.91 0.12
N GLY A 87 -13.75 8.35 1.29
CA GLY A 87 -14.09 7.68 2.53
C GLY A 87 -13.26 6.43 2.77
N GLN A 88 -12.65 5.90 1.71
CA GLN A 88 -11.83 4.71 1.81
C GLN A 88 -10.41 4.96 1.30
N VAL A 89 -9.50 4.07 1.65
CA VAL A 89 -8.10 4.20 1.24
C VAL A 89 -7.81 3.43 -0.05
N ASP A 90 -7.11 4.08 -0.97
CA ASP A 90 -6.77 3.46 -2.25
C ASP A 90 -5.41 2.78 -2.18
N PHE A 91 -5.25 1.72 -2.96
CA PHE A 91 -4.01 0.95 -3.01
C PHE A 91 -2.83 1.81 -3.49
N GLU A 92 -3.13 2.87 -4.23
CA GLU A 92 -2.09 3.76 -4.74
C GLU A 92 -1.55 4.67 -3.65
N GLU A 93 -2.46 5.33 -2.94
CA GLU A 93 -2.08 6.22 -1.85
C GLU A 93 -1.25 5.49 -0.80
N PHE A 94 -1.41 4.18 -0.74
CA PHE A 94 -0.69 3.36 0.23
C PHE A 94 0.67 2.90 -0.28
N VAL A 95 0.71 2.40 -1.51
CA VAL A 95 1.96 1.93 -2.10
C VAL A 95 3.05 3.00 -2.09
N THR A 96 2.65 4.26 -2.23
CA THR A 96 3.60 5.36 -2.24
C THR A 96 4.12 5.68 -0.83
N LEU A 97 3.20 5.76 0.12
CA LEU A 97 3.57 6.07 1.50
C LEU A 97 4.58 5.07 2.06
N LEU A 98 4.68 3.90 1.43
CA LEU A 98 5.62 2.88 1.86
C LEU A 98 6.74 2.70 0.84
N GLY A 99 6.53 3.23 -0.35
CA GLY A 99 7.54 3.12 -1.40
C GLY A 99 8.30 4.42 -1.61
N PRO A 100 9.54 4.51 -1.11
CA PRO A 100 10.36 5.73 -1.27
C PRO A 100 10.59 6.09 -2.74
N MET A 1 4.45 2.32 -27.89
CA MET A 1 3.94 1.40 -26.84
C MET A 1 5.01 1.16 -25.76
N PRO A 2 5.27 2.17 -24.91
CA PRO A 2 6.26 2.05 -23.84
C PRO A 2 5.86 1.08 -22.76
N PHE A 3 4.56 0.73 -22.73
CA PHE A 3 4.05 -0.20 -21.73
C PHE A 3 4.23 -1.65 -22.20
N HIS A 4 4.57 -1.81 -23.47
CA HIS A 4 4.77 -3.14 -24.04
C HIS A 4 6.21 -3.60 -23.85
N PRO A 5 6.42 -4.81 -23.27
CA PRO A 5 7.77 -5.35 -23.05
C PRO A 5 8.44 -5.78 -24.34
N VAL A 6 9.64 -5.25 -24.58
CA VAL A 6 10.40 -5.59 -25.78
C VAL A 6 11.67 -6.35 -25.43
N THR A 7 12.13 -7.18 -26.37
CA THR A 7 13.34 -7.97 -26.18
C THR A 7 13.16 -8.99 -25.05
N ALA A 8 12.65 -10.16 -25.39
CA ALA A 8 12.42 -11.22 -24.41
C ALA A 8 12.37 -12.59 -25.09
N ALA A 9 13.34 -13.44 -24.75
CA ALA A 9 13.41 -14.78 -25.33
C ALA A 9 12.51 -15.75 -24.58
N LEU A 10 12.16 -15.41 -23.35
CA LEU A 10 11.30 -16.25 -22.53
C LEU A 10 9.83 -15.85 -22.67
N MET A 11 9.15 -16.47 -23.63
CA MET A 11 7.74 -16.18 -23.87
C MET A 11 6.90 -17.44 -23.68
N TYR A 12 7.25 -18.23 -22.67
CA TYR A 12 6.54 -19.46 -22.37
C TYR A 12 5.31 -19.18 -21.51
N ARG A 13 5.25 -17.97 -20.95
CA ARG A 13 4.14 -17.55 -20.10
C ARG A 13 4.03 -18.45 -18.87
N GLY A 14 4.71 -18.06 -17.80
CA GLY A 14 4.68 -18.83 -16.57
C GLY A 14 4.86 -17.97 -15.33
N ILE A 15 4.32 -18.43 -14.21
CA ILE A 15 4.43 -17.68 -12.96
C ILE A 15 5.78 -17.95 -12.28
N TYR A 16 6.45 -16.87 -11.88
CA TYR A 16 7.75 -16.99 -11.23
C TYR A 16 7.61 -16.80 -9.72
N THR A 17 8.22 -17.72 -8.97
CA THR A 17 8.18 -17.68 -7.51
C THR A 17 9.42 -18.34 -6.93
N VAL A 18 10.57 -18.05 -7.54
CA VAL A 18 11.84 -18.61 -7.09
C VAL A 18 12.09 -18.30 -5.61
N PRO A 19 12.50 -19.33 -4.82
CA PRO A 19 12.77 -19.17 -3.41
C PRO A 19 14.23 -18.82 -3.13
N ASN A 20 15.15 -19.67 -3.59
CA ASN A 20 16.57 -19.43 -3.39
C ASN A 20 17.03 -18.27 -4.25
N LEU A 21 16.73 -17.06 -3.80
CA LEU A 21 17.12 -15.88 -4.54
C LEU A 21 18.22 -15.11 -3.82
N LEU A 22 19.09 -15.84 -3.14
CA LEU A 22 20.23 -15.22 -2.45
C LEU A 22 21.10 -14.54 -3.50
N SER A 23 20.88 -14.95 -4.74
CA SER A 23 21.58 -14.43 -5.89
C SER A 23 20.74 -13.35 -6.57
N GLU A 24 19.82 -12.77 -5.78
CA GLU A 24 18.91 -11.72 -6.26
C GLU A 24 19.63 -10.64 -7.06
N GLN A 25 20.96 -10.63 -7.00
CA GLN A 25 21.77 -9.65 -7.73
C GLN A 25 21.64 -8.26 -7.12
N ARG A 26 22.03 -7.27 -7.90
CA ARG A 26 21.97 -5.87 -7.48
C ARG A 26 20.60 -5.52 -6.90
N PRO A 27 20.55 -4.57 -5.94
CA PRO A 27 19.30 -4.15 -5.32
C PRO A 27 18.55 -3.12 -6.15
N VAL A 28 18.87 -3.06 -7.45
CA VAL A 28 18.23 -2.12 -8.36
C VAL A 28 16.89 -2.65 -8.86
N ASP A 29 15.84 -1.85 -8.65
CA ASP A 29 14.49 -2.22 -9.09
C ASP A 29 14.11 -3.61 -8.57
N ILE A 30 13.62 -3.67 -7.33
CA ILE A 30 13.22 -4.93 -6.74
C ILE A 30 11.94 -5.45 -7.38
N PRO A 31 11.92 -6.74 -7.79
CA PRO A 31 10.75 -7.36 -8.41
C PRO A 31 9.50 -7.23 -7.55
N GLU A 32 8.35 -7.18 -8.21
CA GLU A 32 7.05 -7.07 -7.55
C GLU A 32 6.90 -8.09 -6.41
N ASP A 33 7.83 -9.05 -6.33
CA ASP A 33 7.81 -10.06 -5.29
C ASP A 33 7.70 -9.42 -3.91
N GLU A 34 8.41 -8.31 -3.70
CA GLU A 34 8.38 -7.60 -2.43
C GLU A 34 7.11 -6.77 -2.30
N LEU A 35 6.52 -6.46 -3.45
CA LEU A 35 5.29 -5.67 -3.49
C LEU A 35 4.09 -6.49 -3.05
N GLU A 36 4.17 -7.80 -3.27
CA GLU A 36 3.09 -8.70 -2.89
C GLU A 36 2.76 -8.59 -1.40
N GLU A 37 3.78 -8.29 -0.60
CA GLU A 37 3.61 -8.17 0.84
C GLU A 37 2.72 -6.97 1.17
N ILE A 38 2.82 -5.91 0.37
CA ILE A 38 2.03 -4.71 0.58
C ILE A 38 0.54 -5.01 0.44
N ARG A 39 0.17 -5.61 -0.69
CA ARG A 39 -1.21 -5.95 -0.97
C ARG A 39 -1.74 -6.98 0.01
N GLU A 40 -1.21 -8.19 -0.07
CA GLU A 40 -1.65 -9.30 0.80
C GLU A 40 -1.96 -8.82 2.22
N ALA A 41 -1.24 -7.79 2.67
CA ALA A 41 -1.43 -7.26 4.01
C ALA A 41 -2.81 -6.61 4.19
N PHE A 42 -2.96 -5.38 3.71
CA PHE A 42 -4.21 -4.64 3.85
C PHE A 42 -5.27 -5.12 2.87
N LYS A 43 -4.85 -5.56 1.70
CA LYS A 43 -5.78 -6.03 0.67
C LYS A 43 -6.70 -7.13 1.21
N VAL A 44 -6.14 -8.05 2.01
CA VAL A 44 -6.95 -9.13 2.57
C VAL A 44 -7.90 -8.61 3.65
N PHE A 45 -7.44 -7.63 4.43
CA PHE A 45 -8.30 -7.06 5.48
C PHE A 45 -9.56 -6.46 4.88
N ASP A 46 -9.52 -6.20 3.56
CA ASP A 46 -10.66 -5.65 2.86
C ASP A 46 -11.76 -6.70 2.74
N ARG A 47 -12.66 -6.72 3.72
CA ARG A 47 -13.75 -7.69 3.75
C ARG A 47 -14.63 -7.58 2.51
N ASP A 48 -14.81 -6.37 2.00
CA ASP A 48 -15.63 -6.16 0.82
C ASP A 48 -14.89 -6.56 -0.46
N GLY A 49 -13.56 -6.64 -0.36
CA GLY A 49 -12.75 -7.02 -1.51
C GLY A 49 -12.96 -6.12 -2.70
N ASN A 50 -13.52 -4.94 -2.47
CA ASN A 50 -13.77 -4.00 -3.55
C ASN A 50 -12.51 -3.20 -3.89
N GLY A 51 -11.43 -3.51 -3.20
CA GLY A 51 -10.17 -2.82 -3.44
C GLY A 51 -9.95 -1.66 -2.50
N PHE A 52 -11.01 -1.23 -1.83
CA PHE A 52 -10.94 -0.11 -0.89
C PHE A 52 -11.18 -0.60 0.53
N ILE A 53 -10.43 -0.04 1.48
CA ILE A 53 -10.57 -0.41 2.89
C ILE A 53 -11.12 0.75 3.71
N SER A 54 -12.35 0.59 4.20
CA SER A 54 -13.01 1.61 5.01
C SER A 54 -12.33 1.73 6.37
N LYS A 55 -12.83 2.64 7.21
CA LYS A 55 -12.26 2.84 8.53
C LYS A 55 -12.47 1.61 9.42
N GLN A 56 -13.70 1.10 9.43
CA GLN A 56 -14.03 -0.08 10.24
C GLN A 56 -13.16 -1.26 9.87
N GLU A 57 -12.82 -1.38 8.59
CA GLU A 57 -11.99 -2.49 8.12
C GLU A 57 -10.53 -2.28 8.53
N LEU A 58 -10.01 -1.09 8.30
CA LEU A 58 -8.64 -0.78 8.67
C LEU A 58 -8.47 -0.87 10.19
N GLY A 59 -9.58 -0.79 10.90
CA GLY A 59 -9.53 -0.88 12.36
C GLY A 59 -9.08 -2.24 12.81
N THR A 60 -9.28 -3.24 11.95
CA THR A 60 -8.88 -4.60 12.25
C THR A 60 -7.39 -4.78 11.96
N ALA A 61 -6.91 -4.07 10.96
CA ALA A 61 -5.50 -4.14 10.57
C ALA A 61 -4.61 -3.54 11.65
N MET A 62 -5.02 -2.40 12.19
CA MET A 62 -4.26 -1.73 13.24
C MET A 62 -4.19 -2.57 14.51
N ARG A 63 -5.34 -3.05 14.97
CA ARG A 63 -5.40 -3.86 16.18
C ARG A 63 -4.63 -5.16 16.00
N SER A 64 -4.52 -5.62 14.77
CA SER A 64 -3.78 -6.85 14.46
C SER A 64 -2.36 -6.77 14.98
N LEU A 65 -1.76 -5.59 14.89
CA LEU A 65 -0.39 -5.38 15.36
C LEU A 65 -0.34 -5.34 16.88
N GLY A 66 -1.51 -5.15 17.50
CA GLY A 66 -1.59 -5.07 18.94
C GLY A 66 -1.96 -3.69 19.43
N TYR A 67 -2.54 -2.88 18.54
CA TYR A 67 -2.95 -1.53 18.88
C TYR A 67 -4.43 -1.32 18.61
N MET A 68 -5.26 -1.47 19.64
CA MET A 68 -6.70 -1.31 19.51
C MET A 68 -7.05 0.14 19.15
N PRO A 69 -7.53 0.39 17.92
CA PRO A 69 -7.89 1.73 17.47
C PRO A 69 -9.32 2.11 17.86
N ASN A 70 -9.46 3.29 18.46
CA ASN A 70 -10.77 3.78 18.87
C ASN A 70 -11.59 4.19 17.65
N GLU A 71 -12.91 4.17 17.79
CA GLU A 71 -13.79 4.57 16.69
C GLU A 71 -13.50 6.02 16.33
N VAL A 72 -12.84 6.72 17.23
CA VAL A 72 -12.47 8.12 17.03
C VAL A 72 -11.10 8.24 16.38
N GLU A 73 -10.23 7.26 16.67
CA GLU A 73 -8.87 7.27 16.13
C GLU A 73 -8.86 6.88 14.66
N LEU A 74 -9.53 5.80 14.31
CA LEU A 74 -9.59 5.32 12.92
C LEU A 74 -10.08 6.41 11.97
N GLU A 75 -10.64 7.48 12.54
CA GLU A 75 -11.15 8.59 11.73
C GLU A 75 -10.02 9.52 11.30
N VAL A 76 -9.05 9.72 12.18
CA VAL A 76 -7.92 10.61 11.87
C VAL A 76 -6.82 9.87 11.10
N ILE A 77 -6.81 8.55 11.23
CA ILE A 77 -5.81 7.73 10.54
C ILE A 77 -6.20 7.48 9.08
N ILE A 78 -7.50 7.44 8.82
CA ILE A 78 -8.00 7.18 7.47
C ILE A 78 -8.04 8.46 6.62
N GLN A 79 -8.05 9.62 7.28
CA GLN A 79 -8.11 10.89 6.57
C GLN A 79 -6.72 11.29 6.06
N ARG A 80 -5.70 10.60 6.55
CA ARG A 80 -4.33 10.87 6.15
C ARG A 80 -4.05 10.30 4.76
N LEU A 81 -4.45 9.04 4.56
CA LEU A 81 -4.24 8.36 3.28
C LEU A 81 -5.31 8.78 2.27
N ASP A 82 -6.55 8.86 2.74
CA ASP A 82 -7.68 9.23 1.88
C ASP A 82 -7.54 10.67 1.39
N MET A 83 -6.81 10.84 0.29
CA MET A 83 -6.59 12.16 -0.30
C MET A 83 -7.85 12.73 -0.93
N ASP A 84 -8.46 11.97 -1.84
CA ASP A 84 -9.66 12.43 -2.54
C ASP A 84 -10.86 12.50 -1.60
N GLY A 85 -10.73 11.87 -0.42
CA GLY A 85 -11.80 11.90 0.55
C GLY A 85 -13.00 11.06 0.15
N ASP A 86 -12.76 9.84 -0.31
CA ASP A 86 -13.83 8.95 -0.73
C ASP A 86 -14.26 8.04 0.43
N GLY A 87 -13.75 8.32 1.62
CA GLY A 87 -14.09 7.53 2.78
C GLY A 87 -13.26 6.25 2.87
N GLN A 88 -12.62 5.89 1.77
CA GLN A 88 -11.79 4.68 1.73
C GLN A 88 -10.42 4.98 1.11
N VAL A 89 -9.47 4.09 1.35
CA VAL A 89 -8.12 4.26 0.83
C VAL A 89 -7.85 3.30 -0.33
N ASP A 90 -7.31 3.84 -1.42
CA ASP A 90 -7.01 3.04 -2.60
C ASP A 90 -5.57 2.51 -2.55
N PHE A 91 -5.32 1.40 -3.25
CA PHE A 91 -4.00 0.78 -3.29
C PHE A 91 -2.90 1.82 -3.56
N GLU A 92 -2.98 2.47 -4.72
CA GLU A 92 -1.99 3.47 -5.12
C GLU A 92 -1.63 4.42 -3.97
N GLU A 93 -2.64 5.08 -3.41
CA GLU A 93 -2.43 6.01 -2.31
C GLU A 93 -1.62 5.37 -1.19
N PHE A 94 -1.79 4.07 -0.99
CA PHE A 94 -1.08 3.34 0.06
C PHE A 94 0.26 2.78 -0.43
N VAL A 95 0.42 2.65 -1.74
CA VAL A 95 1.65 2.09 -2.30
C VAL A 95 2.76 3.15 -2.35
N THR A 96 2.37 4.41 -2.48
CA THR A 96 3.34 5.51 -2.53
C THR A 96 3.77 5.92 -1.13
N LEU A 97 2.81 6.03 -0.22
CA LEU A 97 3.10 6.41 1.15
C LEU A 97 3.95 5.36 1.84
N LEU A 98 3.85 4.12 1.37
CA LEU A 98 4.61 3.02 1.94
C LEU A 98 5.86 2.74 1.10
N GLY A 99 5.84 3.21 -0.15
CA GLY A 99 6.97 3.01 -1.04
C GLY A 99 7.28 4.25 -1.87
N PRO A 100 8.15 5.14 -1.37
CA PRO A 100 8.53 6.36 -2.10
C PRO A 100 8.95 6.08 -3.54
N MET A 1 57.16 -31.53 -12.07
CA MET A 1 57.25 -30.76 -13.34
C MET A 1 56.29 -31.33 -14.39
N PRO A 2 55.05 -30.82 -14.45
CA PRO A 2 54.06 -31.30 -15.41
C PRO A 2 54.46 -31.03 -16.86
N PHE A 3 54.31 -32.03 -17.71
CA PHE A 3 54.66 -31.91 -19.12
C PHE A 3 53.47 -31.41 -19.94
N HIS A 4 52.28 -31.49 -19.35
CA HIS A 4 51.06 -31.04 -20.02
C HIS A 4 50.94 -29.51 -19.97
N PRO A 5 50.31 -28.91 -20.99
CA PRO A 5 50.15 -27.46 -21.06
C PRO A 5 49.34 -26.91 -19.89
N VAL A 6 49.87 -25.87 -19.24
CA VAL A 6 49.20 -25.26 -18.10
C VAL A 6 47.99 -24.45 -18.54
N THR A 7 46.81 -25.06 -18.44
CA THR A 7 45.58 -24.41 -18.84
C THR A 7 44.96 -23.63 -17.68
N ALA A 8 44.32 -22.52 -17.98
CA ALA A 8 43.69 -21.69 -16.97
C ALA A 8 42.57 -22.44 -16.26
N ALA A 9 42.68 -22.55 -14.94
CA ALA A 9 41.68 -23.24 -14.14
C ALA A 9 40.36 -22.47 -14.10
N LEU A 10 40.37 -21.27 -14.68
CA LEU A 10 39.18 -20.43 -14.71
C LEU A 10 38.69 -20.12 -13.29
N MET A 11 39.43 -19.25 -12.60
CA MET A 11 39.08 -18.88 -11.24
C MET A 11 37.70 -18.24 -11.17
N TYR A 12 36.71 -19.05 -10.79
CA TYR A 12 35.33 -18.58 -10.69
C TYR A 12 35.22 -17.47 -9.64
N ARG A 13 35.57 -17.81 -8.40
CA ARG A 13 35.52 -16.85 -7.30
C ARG A 13 34.09 -16.39 -7.03
N GLY A 14 33.86 -15.84 -5.85
CA GLY A 14 32.55 -15.35 -5.49
C GLY A 14 32.57 -13.95 -4.93
N ILE A 15 33.50 -13.13 -5.44
CA ILE A 15 33.65 -11.76 -4.99
C ILE A 15 33.60 -10.79 -6.17
N TYR A 16 33.06 -9.61 -5.95
CA TYR A 16 32.96 -8.59 -6.99
C TYR A 16 34.31 -7.94 -7.24
N THR A 17 34.62 -7.69 -8.52
CA THR A 17 35.88 -7.06 -8.90
C THR A 17 35.65 -5.70 -9.53
N VAL A 18 34.46 -5.51 -10.11
CA VAL A 18 34.13 -4.25 -10.75
C VAL A 18 34.19 -3.09 -9.75
N PRO A 19 34.70 -1.92 -10.19
CA PRO A 19 34.83 -0.74 -9.33
C PRO A 19 33.52 0.01 -9.15
N ASN A 20 32.79 0.23 -10.24
CA ASN A 20 31.53 0.94 -10.19
C ASN A 20 30.60 0.51 -11.32
N LEU A 21 30.27 -0.77 -11.36
CA LEU A 21 29.39 -1.30 -12.39
C LEU A 21 28.13 -1.90 -11.78
N LEU A 22 28.10 -1.95 -10.44
CA LEU A 22 26.96 -2.50 -9.72
C LEU A 22 25.69 -1.70 -10.01
N SER A 23 25.83 -0.56 -10.66
CA SER A 23 24.70 0.29 -10.99
C SER A 23 23.82 -0.35 -12.05
N GLU A 24 24.44 -1.09 -12.97
CA GLU A 24 23.70 -1.76 -14.04
C GLU A 24 23.95 -3.27 -14.03
N GLN A 25 24.89 -3.70 -13.18
CA GLN A 25 25.23 -5.11 -13.10
C GLN A 25 24.14 -5.88 -12.36
N ARG A 26 24.18 -5.79 -11.03
CA ARG A 26 23.20 -6.48 -10.19
C ARG A 26 21.81 -5.90 -10.40
N PRO A 27 20.77 -6.76 -10.46
CA PRO A 27 19.38 -6.31 -10.67
C PRO A 27 18.93 -5.33 -9.59
N VAL A 28 18.99 -4.04 -9.91
CA VAL A 28 18.58 -3.01 -8.96
C VAL A 28 17.06 -3.03 -8.77
N ASP A 29 16.60 -2.26 -7.79
CA ASP A 29 15.17 -2.19 -7.49
C ASP A 29 14.63 -3.55 -7.07
N ILE A 30 14.31 -3.69 -5.80
CA ILE A 30 13.78 -4.95 -5.27
C ILE A 30 12.61 -5.44 -6.11
N PRO A 31 12.63 -6.73 -6.54
CA PRO A 31 11.56 -7.31 -7.36
C PRO A 31 10.19 -7.14 -6.71
N GLU A 32 9.16 -7.07 -7.55
CA GLU A 32 7.78 -6.91 -7.08
C GLU A 32 7.42 -7.94 -6.01
N ASP A 33 8.33 -8.90 -5.77
CA ASP A 33 8.10 -9.93 -4.76
C ASP A 33 7.77 -9.30 -3.41
N GLU A 34 8.38 -8.14 -3.14
CA GLU A 34 8.14 -7.42 -1.88
C GLU A 34 6.89 -6.55 -1.98
N LEU A 35 6.53 -6.19 -3.20
CA LEU A 35 5.36 -5.35 -3.44
C LEU A 35 4.08 -6.16 -3.30
N GLU A 36 4.16 -7.46 -3.59
CA GLU A 36 3.00 -8.34 -3.50
C GLU A 36 2.48 -8.43 -2.07
N GLU A 37 3.39 -8.40 -1.10
CA GLU A 37 3.02 -8.50 0.31
C GLU A 37 2.33 -7.21 0.78
N ILE A 38 2.58 -6.10 0.08
CA ILE A 38 1.99 -4.83 0.44
C ILE A 38 0.47 -4.88 0.37
N ARG A 39 -0.04 -5.00 -0.85
CA ARG A 39 -1.47 -5.04 -1.08
C ARG A 39 -2.12 -6.26 -0.43
N GLU A 40 -1.51 -7.43 -0.60
CA GLU A 40 -2.05 -8.67 -0.04
C GLU A 40 -2.33 -8.50 1.45
N ALA A 41 -1.70 -7.51 2.08
CA ALA A 41 -1.88 -7.27 3.50
C ALA A 41 -3.16 -6.51 3.80
N PHE A 42 -3.24 -5.27 3.34
CA PHE A 42 -4.41 -4.43 3.59
C PHE A 42 -5.61 -4.87 2.77
N LYS A 43 -5.38 -5.62 1.69
CA LYS A 43 -6.49 -6.07 0.84
C LYS A 43 -7.25 -7.23 1.48
N VAL A 44 -6.55 -8.12 2.18
CA VAL A 44 -7.22 -9.24 2.83
C VAL A 44 -8.11 -8.76 3.96
N PHE A 45 -7.72 -7.66 4.60
CA PHE A 45 -8.54 -7.11 5.69
C PHE A 45 -9.88 -6.62 5.15
N ASP A 46 -9.93 -6.39 3.84
CA ASP A 46 -11.16 -5.93 3.20
C ASP A 46 -12.19 -7.06 3.17
N ARG A 47 -13.04 -7.08 4.18
CA ARG A 47 -14.07 -8.11 4.29
C ARG A 47 -14.97 -8.13 3.05
N ASP A 48 -15.27 -6.96 2.51
CA ASP A 48 -16.13 -6.85 1.34
C ASP A 48 -15.34 -7.19 0.07
N GLY A 49 -14.01 -7.11 0.17
CA GLY A 49 -13.16 -7.40 -0.97
C GLY A 49 -13.49 -6.56 -2.18
N ASN A 50 -14.11 -5.40 -1.95
CA ASN A 50 -14.48 -4.51 -3.04
C ASN A 50 -13.27 -3.74 -3.57
N GLY A 51 -12.12 -3.96 -2.93
CA GLY A 51 -10.90 -3.30 -3.35
C GLY A 51 -10.60 -2.06 -2.53
N PHE A 52 -11.55 -1.65 -1.70
CA PHE A 52 -11.38 -0.48 -0.86
C PHE A 52 -11.53 -0.84 0.63
N ILE A 53 -10.81 -0.11 1.49
CA ILE A 53 -10.87 -0.36 2.92
C ILE A 53 -11.53 0.80 3.66
N SER A 54 -12.52 0.48 4.48
CA SER A 54 -13.24 1.49 5.26
C SER A 54 -12.62 1.63 6.64
N LYS A 55 -13.20 2.50 7.46
CA LYS A 55 -12.70 2.73 8.82
C LYS A 55 -12.81 1.46 9.66
N GLN A 56 -13.98 0.84 9.63
CA GLN A 56 -14.22 -0.38 10.41
C GLN A 56 -13.30 -1.51 10.00
N GLU A 57 -12.91 -1.53 8.73
CA GLU A 57 -12.02 -2.57 8.22
C GLU A 57 -10.58 -2.29 8.60
N LEU A 58 -10.14 -1.07 8.35
CA LEU A 58 -8.77 -0.66 8.68
C LEU A 58 -8.53 -0.77 10.18
N GLY A 59 -9.62 -0.74 10.95
CA GLY A 59 -9.51 -0.84 12.40
C GLY A 59 -9.01 -2.20 12.84
N THR A 60 -9.16 -3.20 11.96
CA THR A 60 -8.73 -4.55 12.25
C THR A 60 -7.26 -4.72 11.88
N ALA A 61 -6.82 -3.97 10.88
CA ALA A 61 -5.44 -4.02 10.43
C ALA A 61 -4.49 -3.46 11.48
N MET A 62 -4.80 -2.26 11.98
CA MET A 62 -3.98 -1.60 12.99
C MET A 62 -3.82 -2.46 14.25
N ARG A 63 -4.93 -2.99 14.76
CA ARG A 63 -4.89 -3.82 15.96
C ARG A 63 -4.02 -5.05 15.73
N SER A 64 -3.86 -5.44 14.47
CA SER A 64 -3.05 -6.60 14.10
C SER A 64 -1.57 -6.23 14.10
N LEU A 65 -1.24 -5.08 14.66
CA LEU A 65 0.13 -4.61 14.72
C LEU A 65 0.58 -4.41 16.17
N GLY A 66 -0.41 -4.28 17.05
CA GLY A 66 -0.13 -4.08 18.46
C GLY A 66 -0.64 -2.74 18.96
N TYR A 67 -1.52 -2.12 18.17
CA TYR A 67 -2.10 -0.83 18.53
C TYR A 67 -3.61 -0.87 18.35
N MET A 68 -4.33 -0.73 19.46
CA MET A 68 -5.79 -0.75 19.44
C MET A 68 -6.36 0.63 19.11
N PRO A 69 -6.95 0.81 17.92
CA PRO A 69 -7.53 2.08 17.50
C PRO A 69 -9.00 2.21 17.89
N ASN A 70 -9.37 3.35 18.44
CA ASN A 70 -10.74 3.60 18.84
C ASN A 70 -11.57 4.09 17.66
N GLU A 71 -12.88 4.25 17.87
CA GLU A 71 -13.77 4.72 16.83
C GLU A 71 -13.46 6.17 16.47
N VAL A 72 -12.73 6.85 17.35
CA VAL A 72 -12.35 8.23 17.14
C VAL A 72 -11.02 8.35 16.41
N GLU A 73 -10.20 7.30 16.52
CA GLU A 73 -8.88 7.28 15.89
C GLU A 73 -8.98 6.92 14.41
N LEU A 74 -9.69 5.83 14.11
CA LEU A 74 -9.84 5.38 12.73
C LEU A 74 -10.42 6.48 11.83
N GLU A 75 -10.95 7.53 12.44
CA GLU A 75 -11.53 8.63 11.68
C GLU A 75 -10.46 9.63 11.23
N VAL A 76 -9.44 9.82 12.06
CA VAL A 76 -8.36 10.76 11.74
C VAL A 76 -7.23 10.07 10.98
N ILE A 77 -6.96 8.82 11.33
CA ILE A 77 -5.89 8.06 10.69
C ILE A 77 -6.26 7.70 9.25
N ILE A 78 -7.55 7.56 8.99
CA ILE A 78 -8.03 7.21 7.66
C ILE A 78 -7.78 8.35 6.67
N GLN A 79 -7.94 9.58 7.12
CA GLN A 79 -7.75 10.74 6.26
C GLN A 79 -6.32 10.78 5.70
N ARG A 80 -5.36 10.45 6.54
CA ARG A 80 -3.95 10.45 6.14
C ARG A 80 -3.75 9.67 4.84
N LEU A 81 -4.14 8.40 4.85
CA LEU A 81 -4.01 7.55 3.69
C LEU A 81 -5.02 7.93 2.61
N ASP A 82 -6.27 8.07 3.03
CA ASP A 82 -7.36 8.45 2.12
C ASP A 82 -7.29 9.92 1.76
N MET A 83 -6.38 10.27 0.86
CA MET A 83 -6.21 11.65 0.43
C MET A 83 -7.44 12.15 -0.32
N ASP A 84 -8.09 11.25 -1.04
CA ASP A 84 -9.29 11.59 -1.81
C ASP A 84 -10.46 11.94 -0.89
N GLY A 85 -10.38 11.48 0.36
CA GLY A 85 -11.43 11.75 1.32
C GLY A 85 -12.75 11.09 0.97
N ASP A 86 -12.67 9.96 0.26
CA ASP A 86 -13.86 9.23 -0.15
C ASP A 86 -14.33 8.26 0.94
N GLY A 87 -13.56 8.20 2.04
CA GLY A 87 -13.92 7.32 3.13
C GLY A 87 -13.19 5.99 3.07
N GLN A 88 -12.56 5.71 1.94
CA GLN A 88 -11.82 4.47 1.76
C GLN A 88 -10.43 4.73 1.16
N VAL A 89 -9.49 3.85 1.47
CA VAL A 89 -8.13 3.97 0.98
C VAL A 89 -7.87 3.03 -0.20
N ASP A 90 -7.34 3.58 -1.28
CA ASP A 90 -7.04 2.80 -2.47
C ASP A 90 -5.62 2.23 -2.42
N PHE A 91 -5.42 1.10 -3.10
CA PHE A 91 -4.12 0.45 -3.14
C PHE A 91 -2.97 1.42 -3.42
N GLU A 92 -3.06 2.12 -4.55
CA GLU A 92 -2.02 3.07 -4.96
C GLU A 92 -1.64 4.03 -3.82
N GLU A 93 -2.62 4.66 -3.22
CA GLU A 93 -2.37 5.60 -2.13
C GLU A 93 -1.54 4.97 -1.00
N PHE A 94 -1.64 3.65 -0.87
CA PHE A 94 -0.93 2.93 0.19
C PHE A 94 0.51 2.61 -0.22
N VAL A 95 0.69 2.06 -1.42
CA VAL A 95 2.02 1.70 -1.90
C VAL A 95 2.97 2.89 -1.94
N THR A 96 2.42 4.09 -2.11
CA THR A 96 3.25 5.29 -2.16
C THR A 96 3.77 5.68 -0.79
N LEU A 97 2.86 5.83 0.19
CA LEU A 97 3.25 6.22 1.54
C LEU A 97 4.15 5.16 2.18
N LEU A 98 4.12 3.95 1.63
CA LEU A 98 4.92 2.86 2.15
C LEU A 98 6.15 2.62 1.27
N GLY A 99 6.07 3.07 0.02
CA GLY A 99 7.17 2.88 -0.90
C GLY A 99 7.51 4.16 -1.66
N PRO A 100 8.33 5.05 -1.06
CA PRO A 100 8.73 6.31 -1.70
C PRO A 100 9.62 6.08 -2.92
N MET A 1 8.25 -29.77 -15.01
CA MET A 1 7.30 -30.87 -15.36
C MET A 1 6.10 -30.34 -16.15
N PRO A 2 5.37 -29.31 -15.64
CA PRO A 2 4.21 -28.76 -16.33
C PRO A 2 4.60 -27.89 -17.52
N PHE A 3 3.80 -27.97 -18.59
CA PHE A 3 4.07 -27.20 -19.79
C PHE A 3 3.77 -25.71 -19.56
N HIS A 4 3.12 -25.41 -18.45
CA HIS A 4 2.77 -24.04 -18.12
C HIS A 4 3.61 -23.54 -16.92
N PRO A 5 4.47 -22.53 -17.13
CA PRO A 5 5.31 -21.98 -16.06
C PRO A 5 4.51 -21.19 -15.04
N VAL A 6 4.75 -21.46 -13.76
CA VAL A 6 4.05 -20.77 -12.69
C VAL A 6 5.00 -19.87 -11.89
N THR A 7 6.18 -20.40 -11.60
CA THR A 7 7.19 -19.67 -10.83
C THR A 7 8.49 -20.45 -10.74
N ALA A 8 9.60 -19.74 -10.72
CA ALA A 8 10.92 -20.36 -10.62
C ALA A 8 11.72 -19.79 -9.45
N ALA A 9 12.28 -20.68 -8.64
CA ALA A 9 13.05 -20.25 -7.48
C ALA A 9 14.50 -20.01 -7.86
N LEU A 10 14.93 -20.58 -8.99
CA LEU A 10 16.29 -20.44 -9.50
C LEU A 10 17.27 -21.32 -8.70
N MET A 11 17.20 -21.24 -7.38
CA MET A 11 18.07 -22.01 -6.51
C MET A 11 19.53 -21.69 -6.75
N TYR A 12 20.42 -22.34 -5.99
CA TYR A 12 21.84 -22.11 -6.12
C TYR A 12 22.38 -22.73 -7.41
N ARG A 13 21.64 -23.72 -7.91
CA ARG A 13 22.02 -24.43 -9.14
C ARG A 13 23.37 -25.11 -8.99
N GLY A 14 24.44 -24.37 -9.20
CA GLY A 14 25.78 -24.92 -9.09
C GLY A 14 26.83 -24.01 -9.69
N ILE A 15 26.56 -23.52 -10.90
CA ILE A 15 27.49 -22.63 -11.59
C ILE A 15 27.03 -21.18 -11.46
N TYR A 16 28.00 -20.26 -11.35
CA TYR A 16 27.68 -18.85 -11.22
C TYR A 16 27.35 -18.24 -12.58
N THR A 17 28.39 -17.80 -13.31
CA THR A 17 28.22 -17.20 -14.63
C THR A 17 27.06 -16.20 -14.64
N VAL A 18 27.27 -15.05 -14.01
CA VAL A 18 26.24 -14.01 -13.94
C VAL A 18 26.34 -13.06 -15.13
N PRO A 19 25.18 -12.58 -15.64
CA PRO A 19 25.16 -11.65 -16.78
C PRO A 19 25.57 -10.23 -16.39
N ASN A 20 24.83 -9.64 -15.45
CA ASN A 20 25.12 -8.28 -14.99
C ASN A 20 24.68 -8.10 -13.53
N LEU A 21 25.06 -9.06 -12.69
CA LEU A 21 24.71 -9.01 -11.27
C LEU A 21 25.54 -7.96 -10.55
N LEU A 22 26.65 -7.57 -11.17
CA LEU A 22 27.55 -6.59 -10.58
C LEU A 22 27.07 -5.16 -10.85
N SER A 23 25.97 -5.04 -11.60
CA SER A 23 25.42 -3.73 -11.93
C SER A 23 24.09 -3.50 -11.21
N GLU A 24 23.45 -4.57 -10.77
CA GLU A 24 22.18 -4.47 -10.07
C GLU A 24 22.26 -5.05 -8.66
N GLN A 25 23.41 -4.88 -8.03
CA GLN A 25 23.61 -5.39 -6.67
C GLN A 25 23.23 -4.33 -5.64
N ARG A 26 22.74 -3.20 -6.11
CA ARG A 26 22.35 -2.09 -5.23
C ARG A 26 21.00 -2.38 -4.58
N PRO A 27 20.76 -1.81 -3.38
CA PRO A 27 19.51 -2.00 -2.65
C PRO A 27 18.32 -1.28 -3.29
N VAL A 28 18.54 -0.75 -4.49
CA VAL A 28 17.49 -0.04 -5.21
C VAL A 28 16.75 -0.98 -6.16
N ASP A 29 15.60 -0.52 -6.65
CA ASP A 29 14.78 -1.32 -7.57
C ASP A 29 14.29 -2.58 -6.89
N ILE A 30 13.13 -2.47 -6.25
CA ILE A 30 12.54 -3.61 -5.55
C ILE A 30 11.66 -4.44 -6.48
N PRO A 31 11.76 -5.78 -6.39
CA PRO A 31 10.97 -6.69 -7.24
C PRO A 31 9.54 -6.82 -6.75
N GLU A 32 8.63 -7.03 -7.70
CA GLU A 32 7.21 -7.18 -7.39
C GLU A 32 6.98 -8.22 -6.28
N ASP A 33 8.00 -9.04 -6.02
CA ASP A 33 7.92 -10.06 -4.98
C ASP A 33 7.60 -9.43 -3.63
N GLU A 34 8.36 -8.40 -3.27
CA GLU A 34 8.16 -7.70 -2.01
C GLU A 34 6.91 -6.83 -2.08
N LEU A 35 6.52 -6.47 -3.31
CA LEU A 35 5.33 -5.65 -3.52
C LEU A 35 4.07 -6.42 -3.16
N GLU A 36 4.13 -7.74 -3.31
CA GLU A 36 2.99 -8.61 -3.02
C GLU A 36 2.62 -8.53 -1.54
N GLU A 37 3.64 -8.43 -0.69
CA GLU A 37 3.41 -8.34 0.75
C GLU A 37 2.58 -7.10 1.11
N ILE A 38 2.70 -6.07 0.29
CA ILE A 38 1.97 -4.83 0.50
C ILE A 38 0.47 -5.06 0.35
N ARG A 39 0.06 -5.60 -0.79
CA ARG A 39 -1.34 -5.87 -1.07
C ARG A 39 -1.92 -6.84 -0.03
N GLU A 40 -1.47 -8.09 -0.08
CA GLU A 40 -1.96 -9.12 0.84
C GLU A 40 -2.15 -8.59 2.26
N ALA A 41 -1.42 -7.54 2.62
CA ALA A 41 -1.52 -6.96 3.95
C ALA A 41 -2.86 -6.27 4.18
N PHE A 42 -2.98 -5.04 3.69
CA PHE A 42 -4.20 -4.26 3.88
C PHE A 42 -5.34 -4.73 2.97
N LYS A 43 -4.99 -5.39 1.87
CA LYS A 43 -6.00 -5.87 0.93
C LYS A 43 -6.89 -6.95 1.57
N VAL A 44 -6.29 -7.85 2.35
CA VAL A 44 -7.07 -8.91 2.99
C VAL A 44 -7.96 -8.35 4.10
N PHE A 45 -7.50 -7.31 4.80
CA PHE A 45 -8.31 -6.71 5.86
C PHE A 45 -9.64 -6.22 5.29
N ASP A 46 -9.70 -6.05 3.98
CA ASP A 46 -10.92 -5.61 3.31
C ASP A 46 -11.89 -6.79 3.18
N ARG A 47 -12.80 -6.89 4.15
CA ARG A 47 -13.77 -7.97 4.18
C ARG A 47 -14.59 -8.06 2.88
N ASP A 48 -14.91 -6.90 2.30
CA ASP A 48 -15.69 -6.86 1.07
C ASP A 48 -14.82 -7.04 -0.17
N GLY A 49 -13.52 -6.76 -0.01
CA GLY A 49 -12.60 -6.89 -1.12
C GLY A 49 -13.00 -6.10 -2.35
N ASN A 50 -13.24 -4.79 -2.17
CA ASN A 50 -13.63 -3.93 -3.28
C ASN A 50 -12.44 -3.12 -3.78
N GLY A 51 -11.29 -3.27 -3.10
CA GLY A 51 -10.10 -2.55 -3.48
C GLY A 51 -9.91 -1.31 -2.64
N PHE A 52 -10.93 -0.97 -1.85
CA PHE A 52 -10.89 0.21 -0.98
C PHE A 52 -11.22 -0.19 0.45
N ILE A 53 -10.38 0.23 1.38
CA ILE A 53 -10.59 -0.10 2.79
C ILE A 53 -11.24 1.06 3.54
N SER A 54 -12.32 0.75 4.26
CA SER A 54 -13.04 1.76 5.04
C SER A 54 -12.42 1.94 6.41
N LYS A 55 -12.99 2.83 7.21
CA LYS A 55 -12.48 3.08 8.56
C LYS A 55 -12.70 1.87 9.46
N GLN A 56 -13.91 1.35 9.46
CA GLN A 56 -14.26 0.19 10.28
C GLN A 56 -13.34 -0.99 9.96
N GLU A 57 -13.08 -1.20 8.68
CA GLU A 57 -12.21 -2.30 8.24
C GLU A 57 -10.78 -2.07 8.73
N LEU A 58 -10.31 -0.84 8.57
CA LEU A 58 -8.97 -0.48 8.99
C LEU A 58 -8.82 -0.68 10.50
N GLY A 59 -9.95 -0.70 11.19
CA GLY A 59 -9.94 -0.89 12.63
C GLY A 59 -9.42 -2.26 13.01
N THR A 60 -9.56 -3.22 12.10
CA THR A 60 -9.11 -4.58 12.34
C THR A 60 -7.64 -4.72 11.93
N ALA A 61 -7.19 -3.82 11.06
CA ALA A 61 -5.81 -3.83 10.59
C ALA A 61 -4.85 -3.32 11.67
N MET A 62 -5.23 -2.22 12.31
CA MET A 62 -4.40 -1.62 13.36
C MET A 62 -4.22 -2.55 14.55
N ARG A 63 -5.33 -3.10 15.05
CA ARG A 63 -5.28 -4.01 16.20
C ARG A 63 -4.30 -5.16 15.96
N SER A 64 -4.09 -5.49 14.69
CA SER A 64 -3.16 -6.57 14.34
C SER A 64 -1.75 -6.23 14.80
N LEU A 65 -1.36 -4.98 14.61
CA LEU A 65 -0.03 -4.52 15.00
C LEU A 65 0.11 -4.47 16.51
N GLY A 66 -1.03 -4.45 17.20
CA GLY A 66 -1.02 -4.41 18.65
C GLY A 66 -1.68 -3.15 19.20
N TYR A 67 -2.13 -2.29 18.30
CA TYR A 67 -2.79 -1.05 18.69
C TYR A 67 -4.27 -1.11 18.40
N MET A 68 -5.08 -1.11 19.45
CA MET A 68 -6.54 -1.18 19.30
C MET A 68 -7.15 0.22 19.22
N PRO A 69 -7.62 0.63 18.02
CA PRO A 69 -8.23 1.93 17.81
C PRO A 69 -9.74 1.92 18.04
N ASN A 70 -10.28 3.06 18.43
CA ASN A 70 -11.71 3.19 18.69
C ASN A 70 -12.42 3.83 17.50
N GLU A 71 -13.73 4.01 17.62
CA GLU A 71 -14.52 4.61 16.55
C GLU A 71 -14.01 6.01 16.20
N VAL A 72 -13.32 6.64 17.13
CA VAL A 72 -12.80 7.99 16.93
C VAL A 72 -11.39 7.96 16.33
N GLU A 73 -10.69 6.85 16.54
CA GLU A 73 -9.32 6.71 16.02
C GLU A 73 -9.32 6.32 14.55
N LEU A 74 -10.07 5.27 14.21
CA LEU A 74 -10.14 4.78 12.83
C LEU A 74 -10.54 5.89 11.86
N GLU A 75 -11.03 7.01 12.40
CA GLU A 75 -11.44 8.14 11.57
C GLU A 75 -10.27 9.06 11.23
N VAL A 76 -9.31 9.18 12.16
CA VAL A 76 -8.16 10.05 11.94
C VAL A 76 -7.00 9.31 11.28
N ILE A 77 -6.96 8.00 11.43
CA ILE A 77 -5.90 7.20 10.84
C ILE A 77 -6.12 6.98 9.35
N ILE A 78 -7.38 6.92 8.95
CA ILE A 78 -7.73 6.70 7.55
C ILE A 78 -7.34 7.91 6.68
N GLN A 79 -7.76 9.10 7.09
CA GLN A 79 -7.47 10.32 6.35
C GLN A 79 -5.97 10.56 6.17
N ARG A 80 -5.14 9.77 6.85
CA ARG A 80 -3.70 9.94 6.74
C ARG A 80 -3.20 9.50 5.37
N LEU A 81 -3.84 8.48 4.81
CA LEU A 81 -3.48 7.95 3.50
C LEU A 81 -4.52 8.33 2.45
N ASP A 82 -5.77 8.44 2.90
CA ASP A 82 -6.87 8.80 2.00
C ASP A 82 -6.80 10.26 1.58
N MET A 83 -6.01 10.52 0.54
CA MET A 83 -5.85 11.87 0.02
C MET A 83 -7.14 12.37 -0.64
N ASP A 84 -7.86 11.45 -1.28
CA ASP A 84 -9.10 11.79 -1.96
C ASP A 84 -10.19 12.17 -0.96
N GLY A 85 -10.07 11.65 0.26
CA GLY A 85 -11.03 11.96 1.30
C GLY A 85 -12.37 11.29 1.07
N ASP A 86 -12.35 10.13 0.42
CA ASP A 86 -13.58 9.39 0.13
C ASP A 86 -13.87 8.38 1.23
N GLY A 87 -13.21 8.54 2.37
CA GLY A 87 -13.41 7.65 3.49
C GLY A 87 -12.76 6.28 3.28
N GLN A 88 -12.21 6.07 2.09
CA GLN A 88 -11.56 4.80 1.77
C GLN A 88 -10.20 5.04 1.12
N VAL A 89 -9.22 4.22 1.50
CA VAL A 89 -7.87 4.35 0.97
C VAL A 89 -7.63 3.35 -0.16
N ASP A 90 -7.20 3.86 -1.31
CA ASP A 90 -6.92 3.02 -2.47
C ASP A 90 -5.48 2.52 -2.46
N PHE A 91 -5.24 1.38 -3.10
CA PHE A 91 -3.91 0.78 -3.16
C PHE A 91 -2.86 1.80 -3.63
N GLU A 92 -3.20 2.53 -4.69
CA GLU A 92 -2.29 3.53 -5.26
C GLU A 92 -1.79 4.51 -4.20
N GLU A 93 -2.71 5.21 -3.57
CA GLU A 93 -2.37 6.20 -2.54
C GLU A 93 -1.43 5.61 -1.49
N PHE A 94 -1.61 4.33 -1.18
CA PHE A 94 -0.79 3.66 -0.18
C PHE A 94 0.50 3.10 -0.76
N VAL A 95 0.52 2.90 -2.09
CA VAL A 95 1.70 2.36 -2.75
C VAL A 95 2.82 3.39 -2.85
N THR A 96 2.44 4.67 -2.93
CA THR A 96 3.41 5.76 -3.02
C THR A 96 3.98 6.11 -1.66
N LEU A 97 3.10 6.16 -0.65
CA LEU A 97 3.51 6.49 0.71
C LEU A 97 4.64 5.58 1.19
N LEU A 98 4.61 4.32 0.75
CA LEU A 98 5.63 3.36 1.13
C LEU A 98 6.62 3.12 0.00
N GLY A 99 6.25 3.53 -1.20
CA GLY A 99 7.12 3.36 -2.35
C GLY A 99 7.38 4.67 -3.08
N PRO A 100 8.24 5.54 -2.52
CA PRO A 100 8.58 6.83 -3.13
C PRO A 100 9.06 6.68 -4.57
N MET A 1 -6.91 4.63 -48.93
CA MET A 1 -7.21 3.23 -48.56
C MET A 1 -6.45 2.82 -47.32
N PRO A 2 -6.85 3.31 -46.13
CA PRO A 2 -6.19 2.98 -44.87
C PRO A 2 -6.37 1.51 -44.50
N PHE A 3 -5.26 0.79 -44.39
CA PHE A 3 -5.30 -0.63 -44.05
C PHE A 3 -5.22 -0.82 -42.53
N HIS A 4 -4.64 0.14 -41.84
CA HIS A 4 -4.51 0.08 -40.39
C HIS A 4 -5.74 0.69 -39.70
N PRO A 5 -6.58 -0.13 -39.06
CA PRO A 5 -7.78 0.35 -38.37
C PRO A 5 -7.46 1.24 -37.17
N VAL A 6 -8.18 2.35 -37.06
CA VAL A 6 -7.99 3.30 -35.96
C VAL A 6 -6.56 3.86 -35.96
N THR A 7 -5.64 3.13 -35.31
CA THR A 7 -4.26 3.55 -35.24
C THR A 7 -3.55 3.36 -36.57
N ALA A 8 -2.36 3.95 -36.69
CA ALA A 8 -1.58 3.85 -37.93
C ALA A 8 -0.09 4.03 -37.64
N ALA A 9 0.67 2.96 -37.81
CA ALA A 9 2.11 2.99 -37.58
C ALA A 9 2.83 3.57 -38.79
N LEU A 10 2.37 3.21 -39.98
CA LEU A 10 2.97 3.69 -41.23
C LEU A 10 4.45 3.33 -41.31
N MET A 11 4.88 2.38 -40.47
CA MET A 11 6.27 1.95 -40.45
C MET A 11 6.37 0.44 -40.27
N TYR A 12 7.59 -0.06 -40.10
CA TYR A 12 7.81 -1.48 -39.92
C TYR A 12 7.53 -1.89 -38.47
N ARG A 13 7.86 -1.00 -37.54
CA ARG A 13 7.64 -1.27 -36.11
C ARG A 13 7.79 0.01 -35.30
N GLY A 14 6.67 0.66 -35.01
CA GLY A 14 6.70 1.88 -34.23
C GLY A 14 5.32 2.38 -33.86
N ILE A 15 5.03 2.40 -32.56
CA ILE A 15 3.73 2.86 -32.07
C ILE A 15 3.75 3.03 -30.55
N TYR A 16 3.11 4.11 -30.09
CA TYR A 16 3.04 4.41 -28.66
C TYR A 16 1.78 3.81 -28.05
N THR A 17 1.88 3.41 -26.78
CA THR A 17 0.74 2.81 -26.09
C THR A 17 0.22 3.73 -24.99
N VAL A 18 1.12 4.20 -24.14
CA VAL A 18 0.74 5.09 -23.05
C VAL A 18 0.87 6.56 -23.45
N PRO A 19 -0.02 7.43 -22.93
CA PRO A 19 0.01 8.86 -23.24
C PRO A 19 1.25 9.55 -22.70
N ASN A 20 1.41 9.52 -21.39
CA ASN A 20 2.57 10.13 -20.73
C ASN A 20 2.87 9.43 -19.42
N LEU A 21 3.15 8.13 -19.50
CA LEU A 21 3.45 7.34 -18.32
C LEU A 21 4.96 7.19 -18.13
N LEU A 22 5.71 8.20 -18.54
CA LEU A 22 7.17 8.19 -18.42
C LEU A 22 7.63 9.06 -17.26
N SER A 23 6.74 9.94 -16.79
CA SER A 23 7.07 10.82 -15.68
C SER A 23 6.27 10.43 -14.43
N GLU A 24 5.07 9.93 -14.64
CA GLU A 24 4.21 9.52 -13.53
C GLU A 24 4.62 8.15 -13.00
N GLN A 25 5.53 7.49 -13.71
CA GLN A 25 6.00 6.18 -13.31
C GLN A 25 7.12 6.29 -12.27
N ARG A 26 6.93 5.62 -11.14
CA ARG A 26 7.91 5.64 -10.07
C ARG A 26 9.18 4.88 -10.48
N PRO A 27 10.36 5.52 -10.35
CA PRO A 27 11.64 4.90 -10.72
C PRO A 27 12.10 3.87 -9.69
N VAL A 28 11.72 2.61 -9.91
CA VAL A 28 12.10 1.54 -9.00
C VAL A 28 12.69 0.35 -9.75
N ASP A 29 13.27 -0.59 -9.01
CA ASP A 29 13.86 -1.78 -9.60
C ASP A 29 13.54 -3.02 -8.76
N ILE A 30 12.34 -3.05 -8.20
CA ILE A 30 11.91 -4.17 -7.38
C ILE A 30 10.91 -5.05 -8.13
N PRO A 31 11.11 -6.39 -8.10
CA PRO A 31 10.21 -7.33 -8.78
C PRO A 31 8.86 -7.44 -8.08
N GLU A 32 7.81 -7.60 -8.89
CA GLU A 32 6.45 -7.72 -8.38
C GLU A 32 6.36 -8.72 -7.22
N ASP A 33 7.36 -9.59 -7.10
CA ASP A 33 7.39 -10.59 -6.04
C ASP A 33 7.32 -9.93 -4.66
N GLU A 34 8.06 -8.84 -4.49
CA GLU A 34 8.08 -8.12 -3.24
C GLU A 34 6.84 -7.24 -3.10
N LEU A 35 6.25 -6.90 -4.24
CA LEU A 35 5.05 -6.05 -4.25
C LEU A 35 3.85 -6.83 -3.73
N GLU A 36 3.87 -8.14 -3.93
CA GLU A 36 2.78 -9.02 -3.49
C GLU A 36 2.54 -8.89 -1.99
N GLU A 37 3.63 -8.73 -1.24
CA GLU A 37 3.53 -8.60 0.21
C GLU A 37 2.66 -7.41 0.59
N ILE A 38 2.80 -6.31 -0.14
CA ILE A 38 2.02 -5.11 0.12
C ILE A 38 0.53 -5.39 0.02
N ARG A 39 0.11 -5.96 -1.10
CA ARG A 39 -1.29 -6.29 -1.32
C ARG A 39 -1.80 -7.28 -0.28
N GLU A 40 -1.31 -8.51 -0.34
CA GLU A 40 -1.72 -9.57 0.60
C GLU A 40 -1.93 -9.04 2.01
N ALA A 41 -1.22 -7.99 2.38
CA ALA A 41 -1.33 -7.42 3.72
C ALA A 41 -2.67 -6.74 3.96
N PHE A 42 -2.81 -5.51 3.48
CA PHE A 42 -4.03 -4.73 3.68
C PHE A 42 -5.15 -5.16 2.75
N LYS A 43 -4.81 -5.81 1.66
CA LYS A 43 -5.80 -6.27 0.69
C LYS A 43 -6.69 -7.35 1.30
N VAL A 44 -6.10 -8.27 2.07
CA VAL A 44 -6.88 -9.33 2.70
C VAL A 44 -7.78 -8.76 3.78
N PHE A 45 -7.31 -7.73 4.50
CA PHE A 45 -8.11 -7.11 5.55
C PHE A 45 -9.39 -6.51 4.96
N ASP A 46 -9.39 -6.31 3.64
CA ASP A 46 -10.55 -5.77 2.95
C ASP A 46 -11.61 -6.85 2.76
N ARG A 47 -12.62 -6.84 3.62
CA ARG A 47 -13.69 -7.83 3.57
C ARG A 47 -14.54 -7.69 2.31
N ASP A 48 -14.78 -6.45 1.89
CA ASP A 48 -15.60 -6.19 0.70
C ASP A 48 -14.80 -6.45 -0.58
N GLY A 49 -13.48 -6.45 -0.45
CA GLY A 49 -12.63 -6.70 -1.61
C GLY A 49 -12.92 -5.77 -2.76
N ASN A 50 -13.47 -4.60 -2.46
CA ASN A 50 -13.80 -3.61 -3.50
C ASN A 50 -12.56 -2.84 -3.91
N GLY A 51 -11.44 -3.10 -3.24
CA GLY A 51 -10.20 -2.41 -3.54
C GLY A 51 -9.88 -1.33 -2.54
N PHE A 52 -10.90 -0.89 -1.80
CA PHE A 52 -10.71 0.15 -0.79
C PHE A 52 -11.03 -0.41 0.60
N ILE A 53 -10.21 -0.04 1.57
CA ILE A 53 -10.39 -0.50 2.94
C ILE A 53 -11.07 0.57 3.78
N SER A 54 -12.29 0.30 4.21
CA SER A 54 -13.05 1.25 5.03
C SER A 54 -12.38 1.48 6.37
N LYS A 55 -12.88 2.45 7.12
CA LYS A 55 -12.32 2.78 8.43
C LYS A 55 -12.44 1.60 9.39
N GLN A 56 -13.63 1.01 9.46
CA GLN A 56 -13.87 -0.13 10.34
C GLN A 56 -13.00 -1.32 9.97
N GLU A 57 -12.64 -1.42 8.69
CA GLU A 57 -11.81 -2.52 8.21
C GLU A 57 -10.35 -2.29 8.58
N LEU A 58 -9.83 -1.11 8.26
CA LEU A 58 -8.45 -0.77 8.57
C LEU A 58 -8.24 -0.76 10.07
N GLY A 59 -9.34 -0.64 10.81
CA GLY A 59 -9.27 -0.61 12.26
C GLY A 59 -8.84 -1.97 12.81
N THR A 60 -9.00 -3.00 12.00
CA THR A 60 -8.61 -4.35 12.39
C THR A 60 -7.16 -4.60 11.99
N ALA A 61 -6.70 -3.85 11.00
CA ALA A 61 -5.33 -3.96 10.53
C ALA A 61 -4.35 -3.27 11.48
N MET A 62 -4.77 -2.12 12.01
CA MET A 62 -3.94 -1.35 12.93
C MET A 62 -3.78 -2.07 14.26
N ARG A 63 -4.88 -2.60 14.80
CA ARG A 63 -4.85 -3.30 16.08
C ARG A 63 -3.83 -4.44 16.05
N SER A 64 -3.63 -5.00 14.87
CA SER A 64 -2.67 -6.10 14.70
C SER A 64 -1.27 -5.64 15.09
N LEU A 65 -0.95 -4.39 14.75
CA LEU A 65 0.35 -3.83 15.08
C LEU A 65 0.43 -3.47 16.55
N GLY A 66 -0.73 -3.29 17.18
CA GLY A 66 -0.77 -2.95 18.59
C GLY A 66 -1.43 -1.60 18.84
N TYR A 67 -2.23 -1.15 17.88
CA TYR A 67 -2.92 0.12 17.99
C TYR A 67 -4.43 -0.08 17.89
N MET A 68 -5.12 0.11 19.01
CA MET A 68 -6.58 -0.07 19.05
C MET A 68 -7.30 1.27 18.94
N PRO A 69 -7.83 1.61 17.74
CA PRO A 69 -8.54 2.86 17.51
C PRO A 69 -10.04 2.74 17.82
N ASN A 70 -10.62 3.79 18.37
CA ASN A 70 -12.03 3.81 18.70
C ASN A 70 -12.87 4.17 17.49
N GLU A 71 -14.17 4.34 17.71
CA GLU A 71 -15.08 4.69 16.62
C GLU A 71 -14.73 6.04 16.00
N VAL A 72 -14.23 6.96 16.83
CA VAL A 72 -13.86 8.29 16.36
C VAL A 72 -12.41 8.35 15.89
N GLU A 73 -11.59 7.43 16.40
CA GLU A 73 -10.17 7.40 16.04
C GLU A 73 -9.97 6.96 14.59
N LEU A 74 -10.59 5.85 14.20
CA LEU A 74 -10.45 5.34 12.84
C LEU A 74 -10.87 6.37 11.80
N GLU A 75 -11.56 7.42 12.25
CA GLU A 75 -12.03 8.46 11.35
C GLU A 75 -10.93 9.50 11.07
N VAL A 76 -10.07 9.74 12.07
CA VAL A 76 -8.99 10.71 11.91
C VAL A 76 -7.73 10.07 11.33
N ILE A 77 -7.59 8.76 11.51
CA ILE A 77 -6.43 8.04 11.01
C ILE A 77 -6.59 7.70 9.53
N ILE A 78 -7.82 7.56 9.08
CA ILE A 78 -8.11 7.23 7.69
C ILE A 78 -8.09 8.46 6.80
N GLN A 79 -8.33 9.63 7.38
CA GLN A 79 -8.35 10.88 6.60
C GLN A 79 -6.93 11.32 6.25
N ARG A 80 -5.96 10.85 7.02
CA ARG A 80 -4.56 11.21 6.78
C ARG A 80 -4.09 10.61 5.47
N LEU A 81 -4.36 9.32 5.29
CA LEU A 81 -3.97 8.61 4.07
C LEU A 81 -4.91 8.96 2.93
N ASP A 82 -6.20 9.08 3.25
CA ASP A 82 -7.21 9.42 2.25
C ASP A 82 -7.08 10.88 1.81
N MET A 83 -6.14 11.15 0.92
CA MET A 83 -5.91 12.50 0.42
C MET A 83 -6.92 12.87 -0.66
N ASP A 84 -7.26 11.90 -1.51
CA ASP A 84 -8.22 12.13 -2.60
C ASP A 84 -9.62 12.38 -2.06
N GLY A 85 -9.87 11.95 -0.83
CA GLY A 85 -11.17 12.14 -0.23
C GLY A 85 -12.19 11.13 -0.72
N ASP A 86 -11.73 9.91 -1.00
CA ASP A 86 -12.62 8.86 -1.48
C ASP A 86 -13.31 8.16 -0.31
N GLY A 87 -12.97 8.57 0.91
CA GLY A 87 -13.56 7.97 2.09
C GLY A 87 -12.77 6.78 2.58
N GLN A 88 -12.14 6.07 1.65
CA GLN A 88 -11.34 4.90 1.99
C GLN A 88 -9.90 5.06 1.49
N VAL A 89 -9.01 4.20 1.98
CA VAL A 89 -7.62 4.24 1.59
C VAL A 89 -7.36 3.36 0.36
N ASP A 90 -6.95 3.99 -0.74
CA ASP A 90 -6.68 3.27 -1.97
C ASP A 90 -5.26 2.72 -2.00
N PHE A 91 -5.06 1.62 -2.72
CA PHE A 91 -3.75 0.99 -2.83
C PHE A 91 -2.65 2.00 -3.09
N GLU A 92 -2.88 2.90 -4.05
CA GLU A 92 -1.89 3.92 -4.41
C GLU A 92 -1.41 4.71 -3.18
N GLU A 93 -2.35 5.26 -2.44
CA GLU A 93 -2.03 6.06 -1.26
C GLU A 93 -1.10 5.31 -0.30
N PHE A 94 -1.34 4.00 -0.16
CA PHE A 94 -0.53 3.18 0.74
C PHE A 94 0.73 2.65 0.07
N VAL A 95 0.75 2.63 -1.25
CA VAL A 95 1.91 2.13 -1.99
C VAL A 95 3.06 3.13 -1.97
N THR A 96 2.74 4.41 -1.80
CA THR A 96 3.75 5.46 -1.77
C THR A 96 4.31 5.65 -0.35
N LEU A 97 3.43 5.56 0.64
CA LEU A 97 3.82 5.73 2.04
C LEU A 97 4.96 4.78 2.41
N LEU A 98 4.88 3.54 1.90
CA LEU A 98 5.91 2.55 2.19
C LEU A 98 6.97 2.50 1.09
N GLY A 99 6.65 3.10 -0.05
CA GLY A 99 7.59 3.11 -1.16
C GLY A 99 8.77 4.04 -0.92
N PRO A 100 9.75 4.06 -1.84
CA PRO A 100 10.93 4.92 -1.70
C PRO A 100 10.57 6.40 -1.56
N MET A 1 16.38 -6.44 25.37
CA MET A 1 16.37 -7.11 24.03
C MET A 1 15.74 -8.49 24.13
N PRO A 2 14.43 -8.57 24.38
CA PRO A 2 13.71 -9.84 24.49
C PRO A 2 13.46 -10.49 23.13
N PHE A 3 12.33 -10.17 22.51
CA PHE A 3 11.98 -10.73 21.21
C PHE A 3 12.03 -9.66 20.13
N HIS A 4 11.66 -8.43 20.49
CA HIS A 4 11.66 -7.32 19.54
C HIS A 4 13.01 -6.61 19.52
N PRO A 5 13.39 -6.02 18.37
CA PRO A 5 14.66 -5.30 18.23
C PRO A 5 14.57 -3.88 18.78
N VAL A 6 15.73 -3.35 19.18
CA VAL A 6 15.81 -2.00 19.73
C VAL A 6 15.41 -0.96 18.69
N THR A 7 15.47 -1.34 17.42
CA THR A 7 15.12 -0.44 16.32
C THR A 7 13.81 -0.86 15.68
N ALA A 8 13.02 0.13 15.25
CA ALA A 8 11.74 -0.14 14.62
C ALA A 8 11.24 1.09 13.85
N ALA A 9 9.95 1.07 13.50
CA ALA A 9 9.34 2.17 12.76
C ALA A 9 9.14 3.41 13.64
N LEU A 10 8.26 3.29 14.63
CA LEU A 10 7.96 4.39 15.54
C LEU A 10 7.31 5.55 14.80
N MET A 11 6.53 6.36 15.52
CA MET A 11 5.86 7.51 14.93
C MET A 11 5.97 8.72 15.83
N TYR A 12 7.02 8.76 16.66
CA TYR A 12 7.25 9.87 17.57
C TYR A 12 8.02 10.99 16.88
N ARG A 13 8.44 10.73 15.64
CA ARG A 13 9.18 11.72 14.85
C ARG A 13 10.44 12.17 15.60
N GLY A 14 11.46 11.33 15.62
CA GLY A 14 12.69 11.66 16.30
C GLY A 14 13.92 11.20 15.55
N ILE A 15 13.96 9.91 15.22
CA ILE A 15 15.09 9.33 14.50
C ILE A 15 14.67 8.86 13.10
N TYR A 16 15.56 9.02 12.14
CA TYR A 16 15.29 8.62 10.76
C TYR A 16 15.54 7.12 10.57
N THR A 17 14.64 6.47 9.85
CA THR A 17 14.76 5.04 9.59
C THR A 17 15.79 4.76 8.51
N VAL A 18 16.01 5.74 7.64
CA VAL A 18 16.97 5.60 6.54
C VAL A 18 18.31 6.22 6.92
N PRO A 19 19.42 5.67 6.38
CA PRO A 19 20.77 6.18 6.67
C PRO A 19 21.00 7.58 6.09
N ASN A 20 20.90 7.70 4.78
CA ASN A 20 21.10 8.99 4.10
C ASN A 20 20.29 9.07 2.81
N LEU A 21 18.97 9.06 2.95
CA LEU A 21 18.09 9.13 1.79
C LEU A 21 17.16 10.34 1.88
N LEU A 22 17.54 11.32 2.69
CA LEU A 22 16.75 12.52 2.87
C LEU A 22 17.44 13.73 2.23
N SER A 23 18.61 13.48 1.64
CA SER A 23 19.37 14.54 1.00
C SER A 23 19.34 14.38 -0.53
N GLU A 24 19.85 13.25 -1.01
CA GLU A 24 19.89 12.98 -2.44
C GLU A 24 19.03 11.77 -2.80
N GLN A 25 19.23 10.67 -2.08
CA GLN A 25 18.47 9.44 -2.32
C GLN A 25 18.72 8.92 -3.74
N ARG A 26 19.59 7.93 -3.84
CA ARG A 26 19.91 7.33 -5.13
C ARG A 26 18.69 6.63 -5.74
N PRO A 27 18.59 6.59 -7.08
CA PRO A 27 17.47 5.94 -7.76
C PRO A 27 17.54 4.42 -7.70
N VAL A 28 16.73 3.84 -6.82
CA VAL A 28 16.70 2.40 -6.65
C VAL A 28 15.30 1.84 -6.84
N ASP A 29 15.19 0.52 -6.84
CA ASP A 29 13.90 -0.15 -7.00
C ASP A 29 13.97 -1.60 -6.54
N ILE A 30 12.90 -2.07 -5.91
CA ILE A 30 12.84 -3.44 -5.42
C ILE A 30 11.88 -4.28 -6.26
N PRO A 31 12.28 -5.50 -6.64
CA PRO A 31 11.45 -6.42 -7.43
C PRO A 31 10.04 -6.58 -6.86
N GLU A 32 9.08 -6.83 -7.75
CA GLU A 32 7.68 -7.03 -7.36
C GLU A 32 7.54 -8.01 -6.20
N ASP A 33 8.61 -8.73 -5.88
CA ASP A 33 8.60 -9.70 -4.78
C ASP A 33 8.02 -9.09 -3.52
N GLU A 34 8.31 -7.81 -3.28
CA GLU A 34 7.80 -7.11 -2.10
C GLU A 34 6.44 -6.48 -2.38
N LEU A 35 6.14 -6.27 -3.66
CA LEU A 35 4.88 -5.67 -4.06
C LEU A 35 3.72 -6.61 -3.75
N GLU A 36 3.98 -7.91 -3.80
CA GLU A 36 2.97 -8.92 -3.53
C GLU A 36 2.61 -8.94 -2.04
N GLU A 37 3.55 -8.53 -1.19
CA GLU A 37 3.34 -8.51 0.24
C GLU A 37 2.49 -7.31 0.66
N ILE A 38 2.51 -6.26 -0.16
CA ILE A 38 1.73 -5.06 0.13
C ILE A 38 0.24 -5.33 0.03
N ARG A 39 -0.18 -5.92 -1.08
CA ARG A 39 -1.58 -6.25 -1.29
C ARG A 39 -2.09 -7.20 -0.23
N GLU A 40 -1.59 -8.43 -0.24
CA GLU A 40 -2.02 -9.46 0.71
C GLU A 40 -2.23 -8.88 2.11
N ALA A 41 -1.46 -7.84 2.45
CA ALA A 41 -1.57 -7.22 3.77
C ALA A 41 -2.92 -6.54 4.00
N PHE A 42 -3.08 -5.33 3.48
CA PHE A 42 -4.31 -4.57 3.67
C PHE A 42 -5.44 -5.03 2.75
N LYS A 43 -5.09 -5.67 1.66
CA LYS A 43 -6.08 -6.16 0.71
C LYS A 43 -6.98 -7.22 1.36
N VAL A 44 -6.41 -8.05 2.23
CA VAL A 44 -7.20 -9.08 2.90
C VAL A 44 -8.05 -8.48 4.02
N PHE A 45 -7.53 -7.44 4.68
CA PHE A 45 -8.28 -6.80 5.76
C PHE A 45 -9.62 -6.30 5.25
N ASP A 46 -9.74 -6.19 3.93
CA ASP A 46 -10.97 -5.74 3.30
C ASP A 46 -12.05 -6.81 3.45
N ARG A 47 -12.86 -6.69 4.49
CA ARG A 47 -13.91 -7.66 4.79
C ARG A 47 -14.86 -7.85 3.61
N ASP A 48 -15.37 -6.76 3.05
CA ASP A 48 -16.29 -6.84 1.92
C ASP A 48 -15.54 -7.08 0.61
N GLY A 49 -14.24 -6.79 0.61
CA GLY A 49 -13.42 -7.00 -0.57
C GLY A 49 -13.88 -6.20 -1.78
N ASN A 50 -14.46 -5.03 -1.55
CA ASN A 50 -14.94 -4.19 -2.65
C ASN A 50 -13.77 -3.50 -3.34
N GLY A 51 -12.57 -3.74 -2.83
CA GLY A 51 -11.37 -3.12 -3.41
C GLY A 51 -10.94 -1.89 -2.64
N PHE A 52 -11.66 -1.56 -1.59
CA PHE A 52 -11.37 -0.39 -0.77
C PHE A 52 -11.40 -0.76 0.71
N ILE A 53 -10.68 -0.01 1.53
CA ILE A 53 -10.63 -0.27 2.96
C ILE A 53 -11.20 0.91 3.76
N SER A 54 -12.45 0.76 4.19
CA SER A 54 -13.12 1.81 4.96
C SER A 54 -12.44 2.00 6.32
N LYS A 55 -12.97 2.92 7.13
CA LYS A 55 -12.41 3.19 8.44
C LYS A 55 -12.50 1.97 9.35
N GLN A 56 -13.67 1.35 9.38
CA GLN A 56 -13.90 0.19 10.23
C GLN A 56 -12.96 -0.96 9.87
N GLU A 57 -12.73 -1.16 8.57
CA GLU A 57 -11.86 -2.23 8.12
C GLU A 57 -10.40 -1.96 8.48
N LEU A 58 -9.92 -0.76 8.18
CA LEU A 58 -8.55 -0.40 8.50
C LEU A 58 -8.31 -0.44 9.99
N GLY A 59 -9.40 -0.38 10.75
CA GLY A 59 -9.31 -0.41 12.20
C GLY A 59 -8.81 -1.75 12.70
N THR A 60 -9.01 -2.78 11.88
CA THR A 60 -8.58 -4.13 12.21
C THR A 60 -7.14 -4.34 11.75
N ALA A 61 -6.72 -3.52 10.80
CA ALA A 61 -5.36 -3.59 10.27
C ALA A 61 -4.35 -3.06 11.28
N MET A 62 -4.71 -1.99 11.97
CA MET A 62 -3.83 -1.38 12.96
C MET A 62 -3.66 -2.27 14.19
N ARG A 63 -4.79 -2.76 14.72
CA ARG A 63 -4.75 -3.63 15.90
C ARG A 63 -3.82 -4.82 15.69
N SER A 64 -3.74 -5.29 14.45
CA SER A 64 -2.88 -6.42 14.12
C SER A 64 -1.44 -6.13 14.51
N LEU A 65 -0.98 -4.91 14.26
CA LEU A 65 0.39 -4.51 14.60
C LEU A 65 0.51 -4.25 16.09
N GLY A 66 -0.63 -4.04 16.76
CA GLY A 66 -0.62 -3.79 18.18
C GLY A 66 -1.16 -2.42 18.53
N TYR A 67 -2.01 -1.88 17.65
CA TYR A 67 -2.60 -0.57 17.86
C TYR A 67 -4.11 -0.62 17.60
N MET A 68 -4.89 -0.71 18.67
CA MET A 68 -6.35 -0.78 18.55
C MET A 68 -6.97 0.62 18.57
N PRO A 69 -7.49 1.08 17.41
CA PRO A 69 -8.11 2.41 17.30
C PRO A 69 -9.57 2.40 17.73
N ASN A 70 -10.02 3.51 18.32
CA ASN A 70 -11.40 3.62 18.78
C ASN A 70 -12.32 4.03 17.64
N GLU A 71 -13.61 4.10 17.90
CA GLU A 71 -14.59 4.47 16.88
C GLU A 71 -14.25 5.83 16.28
N VAL A 72 -13.70 6.73 17.10
CA VAL A 72 -13.35 8.07 16.67
C VAL A 72 -11.94 8.12 16.10
N GLU A 73 -11.09 7.18 16.53
CA GLU A 73 -9.71 7.13 16.05
C GLU A 73 -9.62 6.65 14.61
N LEU A 74 -10.26 5.52 14.32
CA LEU A 74 -10.25 4.95 12.98
C LEU A 74 -10.73 5.95 11.94
N GLU A 75 -11.35 7.04 12.38
CA GLU A 75 -11.86 8.07 11.48
C GLU A 75 -10.78 9.10 11.15
N VAL A 76 -9.98 9.46 12.15
CA VAL A 76 -8.92 10.45 11.96
C VAL A 76 -7.65 9.82 11.39
N ILE A 77 -7.43 8.54 11.70
CA ILE A 77 -6.26 7.83 11.20
C ILE A 77 -6.37 7.60 9.70
N ILE A 78 -7.60 7.45 9.21
CA ILE A 78 -7.84 7.22 7.79
C ILE A 78 -7.49 8.44 6.94
N GLN A 79 -8.06 9.59 7.27
CA GLN A 79 -7.80 10.82 6.53
C GLN A 79 -6.32 11.18 6.47
N ARG A 80 -5.50 10.47 7.24
CA ARG A 80 -4.07 10.74 7.26
C ARG A 80 -3.44 10.40 5.91
N LEU A 81 -3.91 9.32 5.30
CA LEU A 81 -3.41 8.88 4.00
C LEU A 81 -4.51 9.00 2.94
N ASP A 82 -5.76 8.95 3.38
CA ASP A 82 -6.91 9.05 2.48
C ASP A 82 -7.04 10.46 1.92
N MET A 83 -6.39 10.71 0.80
CA MET A 83 -6.42 12.01 0.16
C MET A 83 -7.74 12.25 -0.57
N ASP A 84 -8.32 11.17 -1.10
CA ASP A 84 -9.57 11.26 -1.83
C ASP A 84 -10.73 11.64 -0.91
N GLY A 85 -10.55 11.39 0.38
CA GLY A 85 -11.58 11.71 1.35
C GLY A 85 -12.90 11.00 1.09
N ASP A 86 -12.83 9.86 0.39
CA ASP A 86 -14.02 9.09 0.08
C ASP A 86 -14.37 8.12 1.20
N GLY A 87 -13.65 8.24 2.32
CA GLY A 87 -13.90 7.36 3.45
C GLY A 87 -13.14 6.05 3.35
N GLN A 88 -12.59 5.78 2.17
CA GLN A 88 -11.83 4.55 1.93
C GLN A 88 -10.51 4.84 1.24
N VAL A 89 -9.46 4.12 1.63
CA VAL A 89 -8.15 4.30 1.04
C VAL A 89 -7.91 3.33 -0.11
N ASP A 90 -7.46 3.85 -1.24
CA ASP A 90 -7.18 3.04 -2.41
C ASP A 90 -5.76 2.48 -2.37
N PHE A 91 -5.57 1.31 -2.96
CA PHE A 91 -4.26 0.65 -2.99
C PHE A 91 -3.14 1.64 -3.30
N GLU A 92 -3.21 2.27 -4.47
CA GLU A 92 -2.19 3.23 -4.91
C GLU A 92 -1.77 4.17 -3.77
N GLU A 93 -2.73 4.73 -3.07
CA GLU A 93 -2.45 5.65 -1.97
C GLU A 93 -1.50 5.01 -0.94
N PHE A 94 -1.73 3.75 -0.61
CA PHE A 94 -0.91 3.05 0.36
C PHE A 94 0.41 2.56 -0.24
N VAL A 95 0.34 2.01 -1.46
CA VAL A 95 1.53 1.49 -2.13
C VAL A 95 2.64 2.55 -2.22
N THR A 96 2.25 3.82 -2.17
CA THR A 96 3.21 4.91 -2.24
C THR A 96 3.80 5.21 -0.87
N LEU A 97 2.96 5.13 0.17
CA LEU A 97 3.40 5.38 1.54
C LEU A 97 4.67 4.61 1.87
N LEU A 98 4.78 3.39 1.35
CA LEU A 98 5.95 2.56 1.61
C LEU A 98 6.79 2.41 0.35
N GLY A 99 6.28 2.91 -0.77
CA GLY A 99 7.00 2.82 -2.03
C GLY A 99 8.08 3.88 -2.15
N PRO A 100 8.79 3.95 -3.29
CA PRO A 100 9.85 4.94 -3.50
C PRO A 100 9.29 6.35 -3.69
N MET A 1 -13.36 -4.87 -26.30
CA MET A 1 -13.97 -4.47 -25.00
C MET A 1 -14.86 -3.25 -25.17
N PRO A 2 -16.04 -3.41 -25.81
CA PRO A 2 -16.97 -2.31 -26.03
C PRO A 2 -17.67 -1.87 -24.75
N PHE A 3 -17.80 -2.79 -23.79
CA PHE A 3 -18.43 -2.49 -22.52
C PHE A 3 -17.54 -1.62 -21.65
N HIS A 4 -16.23 -1.76 -21.81
CA HIS A 4 -15.26 -0.98 -21.04
C HIS A 4 -14.73 0.20 -21.86
N PRO A 5 -15.18 1.44 -21.55
CA PRO A 5 -14.74 2.64 -22.28
C PRO A 5 -13.24 2.89 -22.13
N VAL A 6 -12.62 3.39 -23.19
CA VAL A 6 -11.20 3.68 -23.18
C VAL A 6 -10.93 5.15 -22.84
N THR A 7 -9.93 5.38 -22.00
CA THR A 7 -9.57 6.74 -21.59
C THR A 7 -8.05 6.88 -21.47
N ALA A 8 -7.40 5.83 -21.02
CA ALA A 8 -5.95 5.83 -20.85
C ALA A 8 -5.25 5.78 -22.20
N ALA A 9 -3.93 5.68 -22.17
CA ALA A 9 -3.13 5.62 -23.39
C ALA A 9 -3.36 4.30 -24.13
N LEU A 10 -2.87 3.21 -23.55
CA LEU A 10 -3.01 1.90 -24.16
C LEU A 10 -3.01 0.79 -23.11
N MET A 11 -3.30 -0.43 -23.54
CA MET A 11 -3.33 -1.58 -22.63
C MET A 11 -2.73 -2.81 -23.30
N TYR A 12 -1.81 -2.58 -24.23
CA TYR A 12 -1.15 -3.67 -24.95
C TYR A 12 -0.14 -4.38 -24.04
N ARG A 13 0.67 -3.59 -23.34
CA ARG A 13 1.69 -4.15 -22.45
C ARG A 13 2.64 -5.07 -23.21
N GLY A 14 3.70 -4.49 -23.76
CA GLY A 14 4.67 -5.28 -24.51
C GLY A 14 5.91 -4.49 -24.85
N ILE A 15 5.74 -3.39 -25.58
CA ILE A 15 6.86 -2.55 -25.97
C ILE A 15 7.17 -1.51 -24.89
N TYR A 16 8.44 -1.13 -24.78
CA TYR A 16 8.87 -0.15 -23.79
C TYR A 16 8.03 1.12 -23.86
N THR A 17 8.43 2.04 -24.74
CA THR A 17 7.71 3.30 -24.91
C THR A 17 7.31 3.90 -23.57
N VAL A 18 8.28 4.53 -22.89
CA VAL A 18 8.03 5.15 -21.60
C VAL A 18 6.77 6.02 -21.62
N PRO A 19 5.68 5.56 -20.98
CA PRO A 19 4.42 6.30 -20.94
C PRO A 19 4.39 7.34 -19.82
N ASN A 20 4.64 6.90 -18.59
CA ASN A 20 4.64 7.80 -17.44
C ASN A 20 5.94 7.69 -16.65
N LEU A 21 6.89 8.58 -16.98
CA LEU A 21 8.18 8.59 -16.30
C LEU A 21 8.33 9.86 -15.45
N LEU A 22 7.22 10.33 -14.91
CA LEU A 22 7.23 11.53 -14.07
C LEU A 22 7.26 11.17 -12.59
N SER A 23 6.74 9.98 -12.27
CA SER A 23 6.70 9.51 -10.89
C SER A 23 7.78 8.47 -10.65
N GLU A 24 8.13 7.73 -11.70
CA GLU A 24 9.15 6.69 -11.61
C GLU A 24 10.46 7.16 -12.21
N GLN A 25 10.69 8.47 -12.17
CA GLN A 25 11.92 9.05 -12.71
C GLN A 25 13.13 8.61 -11.89
N ARG A 26 12.87 8.18 -10.66
CA ARG A 26 13.92 7.74 -9.76
C ARG A 26 14.23 6.25 -9.97
N PRO A 27 15.45 5.82 -9.63
CA PRO A 27 15.87 4.42 -9.80
C PRO A 27 15.38 3.53 -8.66
N VAL A 28 14.20 3.85 -8.13
CA VAL A 28 13.62 3.08 -7.03
C VAL A 28 12.28 2.48 -7.43
N ASP A 29 12.10 1.20 -7.11
CA ASP A 29 10.85 0.51 -7.44
C ASP A 29 10.88 -0.93 -6.94
N ILE A 30 9.78 -1.37 -6.34
CA ILE A 30 9.66 -2.72 -5.82
C ILE A 30 9.04 -3.65 -6.85
N PRO A 31 9.74 -4.74 -7.22
CA PRO A 31 9.24 -5.72 -8.19
C PRO A 31 8.04 -6.49 -7.68
N GLU A 32 7.17 -6.91 -8.59
CA GLU A 32 5.95 -7.65 -8.24
C GLU A 32 6.17 -8.60 -7.06
N ASP A 33 7.27 -9.35 -7.09
CA ASP A 33 7.60 -10.30 -6.03
C ASP A 33 7.41 -9.67 -4.64
N GLU A 34 8.26 -8.71 -4.30
CA GLU A 34 8.18 -8.05 -2.99
C GLU A 34 6.92 -7.19 -2.91
N LEU A 35 6.35 -6.85 -4.05
CA LEU A 35 5.14 -6.03 -4.09
C LEU A 35 3.96 -6.80 -3.51
N GLU A 36 3.93 -8.11 -3.76
CA GLU A 36 2.84 -8.95 -3.25
C GLU A 36 2.75 -8.85 -1.73
N GLU A 37 3.88 -8.63 -1.08
CA GLU A 37 3.92 -8.49 0.37
C GLU A 37 3.06 -7.32 0.82
N ILE A 38 3.06 -6.26 0.02
CA ILE A 38 2.29 -5.06 0.31
C ILE A 38 0.79 -5.36 0.27
N ARG A 39 0.35 -5.94 -0.84
CA ARG A 39 -1.05 -6.27 -1.03
C ARG A 39 -1.54 -7.23 0.05
N GLU A 40 -1.01 -8.46 0.04
CA GLU A 40 -1.42 -9.48 1.01
C GLU A 40 -1.64 -8.90 2.40
N ALA A 41 -0.92 -7.82 2.74
CA ALA A 41 -1.05 -7.20 4.05
C ALA A 41 -2.40 -6.48 4.23
N PHE A 42 -2.49 -5.25 3.73
CA PHE A 42 -3.71 -4.46 3.88
C PHE A 42 -4.86 -4.96 3.00
N LYS A 43 -4.53 -5.66 1.92
CA LYS A 43 -5.54 -6.16 1.01
C LYS A 43 -6.42 -7.22 1.68
N VAL A 44 -5.82 -8.09 2.50
CA VAL A 44 -6.60 -9.13 3.18
C VAL A 44 -7.51 -8.51 4.22
N PHE A 45 -7.06 -7.43 4.86
CA PHE A 45 -7.88 -6.76 5.87
C PHE A 45 -9.17 -6.22 5.23
N ASP A 46 -9.15 -6.10 3.90
CA ASP A 46 -10.30 -5.62 3.16
C ASP A 46 -11.33 -6.73 3.01
N ARG A 47 -12.35 -6.67 3.87
CA ARG A 47 -13.41 -7.67 3.89
C ARG A 47 -14.17 -7.71 2.56
N ASP A 48 -14.40 -6.54 1.97
CA ASP A 48 -15.12 -6.46 0.71
C ASP A 48 -14.22 -6.83 -0.46
N GLY A 49 -12.92 -6.79 -0.25
CA GLY A 49 -11.96 -7.13 -1.30
C GLY A 49 -12.12 -6.26 -2.53
N ASN A 50 -12.86 -5.18 -2.41
CA ASN A 50 -13.08 -4.27 -3.53
C ASN A 50 -11.83 -3.46 -3.85
N GLY A 51 -10.76 -3.73 -3.11
CA GLY A 51 -9.50 -3.02 -3.33
C GLY A 51 -9.36 -1.83 -2.41
N PHE A 52 -10.46 -1.43 -1.79
CA PHE A 52 -10.45 -0.28 -0.88
C PHE A 52 -10.70 -0.74 0.55
N ILE A 53 -10.08 -0.06 1.51
CA ILE A 53 -10.23 -0.42 2.91
C ILE A 53 -10.93 0.70 3.68
N SER A 54 -12.20 0.50 4.01
CA SER A 54 -12.97 1.47 4.76
C SER A 54 -12.35 1.72 6.13
N LYS A 55 -12.92 2.65 6.89
CA LYS A 55 -12.41 2.97 8.22
C LYS A 55 -12.53 1.77 9.14
N GLN A 56 -13.73 1.21 9.22
CA GLN A 56 -14.00 0.06 10.09
C GLN A 56 -13.08 -1.10 9.76
N GLU A 57 -12.72 -1.24 8.49
CA GLU A 57 -11.83 -2.31 8.05
C GLU A 57 -10.38 -2.00 8.42
N LEU A 58 -9.96 -0.77 8.14
CA LEU A 58 -8.61 -0.33 8.46
C LEU A 58 -8.36 -0.45 9.96
N GLY A 59 -9.42 -0.35 10.74
CA GLY A 59 -9.31 -0.45 12.18
C GLY A 59 -8.93 -1.85 12.61
N THR A 60 -9.11 -2.81 11.70
CA THR A 60 -8.78 -4.20 11.97
C THR A 60 -7.30 -4.45 11.69
N ALA A 61 -6.74 -3.65 10.81
CA ALA A 61 -5.33 -3.76 10.45
C ALA A 61 -4.43 -3.27 11.59
N MET A 62 -4.82 -2.14 12.18
CA MET A 62 -4.06 -1.55 13.28
C MET A 62 -4.06 -2.46 14.51
N ARG A 63 -5.23 -2.92 14.91
CA ARG A 63 -5.36 -3.79 16.08
C ARG A 63 -4.47 -5.02 15.95
N SER A 64 -4.25 -5.45 14.71
CA SER A 64 -3.40 -6.61 14.44
C SER A 64 -2.02 -6.42 15.04
N LEU A 65 -1.52 -5.19 14.98
CA LEU A 65 -0.20 -4.86 15.52
C LEU A 65 -0.25 -4.80 17.04
N GLY A 66 -1.46 -4.63 17.59
CA GLY A 66 -1.63 -4.56 19.02
C GLY A 66 -2.17 -3.22 19.49
N TYR A 67 -2.94 -2.57 18.61
CA TYR A 67 -3.52 -1.27 18.93
C TYR A 67 -4.96 -1.18 18.46
N MET A 68 -5.89 -1.38 19.39
CA MET A 68 -7.32 -1.34 19.07
C MET A 68 -7.81 0.11 18.91
N PRO A 69 -8.13 0.53 17.66
CA PRO A 69 -8.60 1.88 17.39
C PRO A 69 -10.10 2.03 17.64
N ASN A 70 -10.47 3.14 18.28
CA ASN A 70 -11.87 3.42 18.58
C ASN A 70 -12.57 4.02 17.37
N GLU A 71 -13.84 4.42 17.56
CA GLU A 71 -14.62 4.99 16.48
C GLU A 71 -13.96 6.25 15.94
N VAL A 72 -13.82 7.26 16.79
CA VAL A 72 -13.22 8.51 16.42
C VAL A 72 -11.74 8.35 16.03
N GLU A 73 -11.15 7.24 16.45
CA GLU A 73 -9.75 6.97 16.15
C GLU A 73 -9.56 6.59 14.69
N LEU A 74 -10.22 5.51 14.26
CA LEU A 74 -10.11 5.04 12.88
C LEU A 74 -10.49 6.12 11.89
N GLU A 75 -11.12 7.19 12.37
CA GLU A 75 -11.53 8.30 11.53
C GLU A 75 -10.38 9.29 11.30
N VAL A 76 -9.59 9.53 12.34
CA VAL A 76 -8.47 10.47 12.23
C VAL A 76 -7.29 9.84 11.50
N ILE A 77 -7.21 8.53 11.53
CA ILE A 77 -6.13 7.81 10.86
C ILE A 77 -6.41 7.64 9.37
N ILE A 78 -7.68 7.49 9.03
CA ILE A 78 -8.10 7.30 7.64
C ILE A 78 -8.02 8.60 6.84
N GLN A 79 -8.16 9.74 7.51
CA GLN A 79 -8.10 11.03 6.83
C GLN A 79 -6.68 11.35 6.38
N ARG A 80 -5.72 10.60 6.89
CA ARG A 80 -4.32 10.80 6.54
C ARG A 80 -3.97 10.09 5.24
N LEU A 81 -4.49 8.87 5.09
CA LEU A 81 -4.24 8.09 3.88
C LEU A 81 -5.16 8.53 2.74
N ASP A 82 -6.45 8.62 3.04
CA ASP A 82 -7.44 9.02 2.04
C ASP A 82 -7.26 10.48 1.64
N MET A 83 -6.42 10.71 0.64
CA MET A 83 -6.14 12.07 0.16
C MET A 83 -7.34 12.67 -0.57
N ASP A 84 -7.88 11.94 -1.54
CA ASP A 84 -9.02 12.43 -2.32
C ASP A 84 -10.28 12.51 -1.47
N GLY A 85 -10.32 11.73 -0.38
CA GLY A 85 -11.47 11.74 0.51
C GLY A 85 -12.64 10.92 -0.02
N ASP A 86 -12.36 9.73 -0.52
CA ASP A 86 -13.40 8.86 -1.04
C ASP A 86 -13.96 7.94 0.04
N GLY A 87 -13.60 8.23 1.30
CA GLY A 87 -14.06 7.43 2.40
C GLY A 87 -13.26 6.15 2.59
N GLN A 88 -12.56 5.73 1.53
CA GLN A 88 -11.75 4.53 1.58
C GLN A 88 -10.33 4.79 1.08
N VAL A 89 -9.41 3.90 1.42
CA VAL A 89 -8.02 4.03 1.01
C VAL A 89 -7.72 3.19 -0.22
N ASP A 90 -7.20 3.84 -1.26
CA ASP A 90 -6.87 3.16 -2.51
C ASP A 90 -5.45 2.57 -2.46
N PHE A 91 -5.23 1.50 -3.22
CA PHE A 91 -3.93 0.85 -3.27
C PHE A 91 -2.81 1.84 -3.57
N GLU A 92 -2.97 2.59 -4.65
CA GLU A 92 -1.97 3.57 -5.07
C GLU A 92 -1.56 4.49 -3.92
N GLU A 93 -2.53 5.20 -3.35
CA GLU A 93 -2.26 6.12 -2.26
C GLU A 93 -1.48 5.44 -1.13
N PHE A 94 -1.67 4.15 -0.96
CA PHE A 94 -0.99 3.40 0.09
C PHE A 94 0.36 2.84 -0.38
N VAL A 95 0.52 2.71 -1.70
CA VAL A 95 1.75 2.17 -2.27
C VAL A 95 2.91 3.16 -2.12
N THR A 96 2.59 4.45 -2.04
CA THR A 96 3.61 5.47 -1.89
C THR A 96 3.90 5.76 -0.42
N LEU A 97 2.85 5.77 0.40
CA LEU A 97 2.99 6.03 1.83
C LEU A 97 4.03 5.08 2.46
N LEU A 98 4.17 3.89 1.89
CA LEU A 98 5.11 2.91 2.41
C LEU A 98 6.36 2.82 1.53
N GLY A 99 6.30 3.46 0.37
CA GLY A 99 7.43 3.44 -0.55
C GLY A 99 8.36 4.63 -0.35
N PRO A 100 9.68 4.40 -0.20
CA PRO A 100 10.64 5.48 -0.01
C PRO A 100 10.80 6.35 -1.25
N MET A 1 29.49 29.58 9.56
CA MET A 1 29.13 30.82 10.28
C MET A 1 28.07 31.60 9.53
N PRO A 2 26.82 31.09 9.48
CA PRO A 2 25.72 31.75 8.78
C PRO A 2 25.22 32.98 9.52
N PHE A 3 25.55 34.15 8.98
CA PHE A 3 25.14 35.42 9.59
C PHE A 3 23.79 35.87 9.06
N HIS A 4 23.46 35.43 7.84
CA HIS A 4 22.19 35.79 7.21
C HIS A 4 21.11 34.75 7.54
N PRO A 5 19.92 35.22 7.96
CA PRO A 5 18.81 34.32 8.30
C PRO A 5 18.35 33.49 7.10
N VAL A 6 18.10 32.20 7.34
CA VAL A 6 17.66 31.30 6.27
C VAL A 6 16.20 30.92 6.45
N THR A 7 15.75 29.94 5.68
CA THR A 7 14.36 29.48 5.75
C THR A 7 14.20 28.34 6.75
N ALA A 8 14.77 27.19 6.42
CA ALA A 8 14.69 26.02 7.28
C ALA A 8 16.08 25.46 7.59
N ALA A 9 16.27 25.05 8.83
CA ALA A 9 17.55 24.50 9.28
C ALA A 9 17.76 23.08 8.74
N LEU A 10 16.68 22.48 8.23
CA LEU A 10 16.75 21.13 7.68
C LEU A 10 17.65 21.09 6.45
N MET A 11 18.10 19.89 6.08
CA MET A 11 18.98 19.72 4.93
C MET A 11 20.22 20.60 5.06
N TYR A 12 20.93 20.43 6.16
CA TYR A 12 22.14 21.22 6.43
C TYR A 12 23.31 20.75 5.57
N ARG A 13 23.32 19.45 5.26
CA ARG A 13 24.39 18.88 4.45
C ARG A 13 23.82 18.03 3.31
N GLY A 14 22.59 17.57 3.48
CA GLY A 14 21.95 16.75 2.45
C GLY A 14 22.31 15.28 2.58
N ILE A 15 23.58 14.97 2.36
CA ILE A 15 24.05 13.59 2.45
C ILE A 15 23.79 13.01 3.84
N TYR A 16 23.34 11.76 3.88
CA TYR A 16 23.03 11.10 5.14
C TYR A 16 24.28 10.47 5.74
N THR A 17 24.45 10.62 7.04
CA THR A 17 25.60 10.07 7.75
C THR A 17 25.16 9.26 8.96
N VAL A 18 23.91 8.83 8.94
CA VAL A 18 23.35 8.03 10.02
C VAL A 18 23.90 6.60 10.00
N PRO A 19 24.25 6.06 11.18
CA PRO A 19 24.79 4.70 11.30
C PRO A 19 23.71 3.63 11.17
N ASN A 20 22.67 3.75 11.99
CA ASN A 20 21.57 2.81 11.98
C ASN A 20 20.67 3.03 10.77
N LEU A 21 21.12 2.58 9.61
CA LEU A 21 20.37 2.73 8.37
C LEU A 21 19.77 1.40 7.91
N LEU A 22 19.32 0.60 8.87
CA LEU A 22 18.72 -0.69 8.58
C LEU A 22 17.21 -0.63 8.70
N SER A 23 16.72 0.35 9.47
CA SER A 23 15.28 0.51 9.69
C SER A 23 14.74 1.64 8.81
N GLU A 24 15.50 2.71 8.68
CA GLU A 24 15.09 3.86 7.88
C GLU A 24 15.46 3.66 6.41
N GLN A 25 15.78 2.42 6.05
CA GLN A 25 16.16 2.10 4.68
C GLN A 25 14.96 2.22 3.75
N ARG A 26 15.08 3.10 2.76
CA ARG A 26 14.00 3.32 1.79
C ARG A 26 14.05 2.27 0.68
N PRO A 27 12.87 1.82 0.19
CA PRO A 27 12.79 0.82 -0.87
C PRO A 27 13.29 1.36 -2.20
N VAL A 28 14.39 0.79 -2.69
CA VAL A 28 14.97 1.22 -3.96
C VAL A 28 15.35 0.02 -4.81
N ASP A 29 14.91 0.03 -6.07
CA ASP A 29 15.20 -1.05 -7.01
C ASP A 29 14.78 -2.40 -6.44
N ILE A 30 13.77 -2.39 -5.56
CA ILE A 30 13.28 -3.63 -4.97
C ILE A 30 12.37 -4.38 -5.94
N PRO A 31 12.62 -5.70 -6.13
CA PRO A 31 11.81 -6.51 -7.04
C PRO A 31 10.35 -6.57 -6.59
N GLU A 32 9.45 -6.71 -7.57
CA GLU A 32 8.02 -6.78 -7.31
C GLU A 32 7.68 -7.86 -6.27
N ASP A 33 8.66 -8.71 -5.96
CA ASP A 33 8.46 -9.77 -4.98
C ASP A 33 8.03 -9.20 -3.64
N GLU A 34 8.41 -7.95 -3.38
CA GLU A 34 8.07 -7.28 -2.14
C GLU A 34 6.75 -6.53 -2.28
N LEU A 35 6.39 -6.21 -3.53
CA LEU A 35 5.14 -5.50 -3.80
C LEU A 35 3.94 -6.38 -3.46
N GLU A 36 4.11 -7.69 -3.61
CA GLU A 36 3.04 -8.64 -3.32
C GLU A 36 2.65 -8.58 -1.85
N GLU A 37 3.64 -8.36 -0.99
CA GLU A 37 3.39 -8.29 0.45
C GLU A 37 2.49 -7.11 0.79
N ILE A 38 2.48 -6.11 -0.09
CA ILE A 38 1.66 -4.93 0.11
C ILE A 38 0.17 -5.26 0.01
N ARG A 39 -0.21 -5.92 -1.09
CA ARG A 39 -1.61 -6.29 -1.30
C ARG A 39 -2.10 -7.23 -0.21
N GLU A 40 -1.61 -8.46 -0.22
CA GLU A 40 -2.01 -9.48 0.75
C GLU A 40 -2.20 -8.89 2.15
N ALA A 41 -1.42 -7.86 2.47
CA ALA A 41 -1.50 -7.23 3.79
C ALA A 41 -2.86 -6.57 4.04
N PHE A 42 -3.01 -5.33 3.57
CA PHE A 42 -4.23 -4.58 3.79
C PHE A 42 -5.38 -5.02 2.89
N LYS A 43 -5.05 -5.65 1.76
CA LYS A 43 -6.08 -6.10 0.83
C LYS A 43 -6.98 -7.15 1.49
N VAL A 44 -6.38 -8.05 2.27
CA VAL A 44 -7.17 -9.09 2.94
C VAL A 44 -7.99 -8.51 4.08
N PHE A 45 -7.46 -7.49 4.75
CA PHE A 45 -8.20 -6.86 5.85
C PHE A 45 -9.50 -6.27 5.34
N ASP A 46 -9.57 -6.07 4.03
CA ASP A 46 -10.76 -5.53 3.40
C ASP A 46 -11.87 -6.59 3.38
N ARG A 47 -12.69 -6.58 4.42
CA ARG A 47 -13.78 -7.55 4.55
C ARG A 47 -14.65 -7.62 3.30
N ASP A 48 -14.91 -6.47 2.69
CA ASP A 48 -15.74 -6.43 1.48
C ASP A 48 -14.95 -6.86 0.25
N GLY A 49 -13.63 -6.80 0.33
CA GLY A 49 -12.79 -7.20 -0.77
C GLY A 49 -13.04 -6.39 -2.04
N ASN A 50 -13.77 -5.29 -1.90
CA ASN A 50 -14.09 -4.44 -3.04
C ASN A 50 -12.86 -3.72 -3.56
N GLY A 51 -11.73 -3.92 -2.88
CA GLY A 51 -10.48 -3.27 -3.28
C GLY A 51 -10.19 -2.02 -2.48
N PHE A 52 -11.24 -1.44 -1.89
CA PHE A 52 -11.09 -0.23 -1.10
C PHE A 52 -11.36 -0.51 0.38
N ILE A 53 -10.44 -0.10 1.24
CA ILE A 53 -10.58 -0.32 2.68
C ILE A 53 -11.21 0.89 3.37
N SER A 54 -12.07 0.62 4.33
CA SER A 54 -12.75 1.66 5.09
C SER A 54 -12.14 1.84 6.47
N LYS A 55 -12.72 2.74 7.26
CA LYS A 55 -12.23 3.01 8.61
C LYS A 55 -12.43 1.80 9.51
N GLN A 56 -13.64 1.26 9.52
CA GLN A 56 -13.96 0.09 10.35
C GLN A 56 -13.08 -1.09 9.99
N GLU A 57 -12.72 -1.19 8.71
CA GLU A 57 -11.87 -2.28 8.23
C GLU A 57 -10.42 -2.07 8.66
N LEU A 58 -9.91 -0.87 8.45
CA LEU A 58 -8.54 -0.54 8.82
C LEU A 58 -8.35 -0.69 10.32
N GLY A 59 -9.45 -0.66 11.06
CA GLY A 59 -9.39 -0.80 12.51
C GLY A 59 -9.00 -2.20 12.92
N THR A 60 -9.19 -3.15 12.01
CA THR A 60 -8.84 -4.54 12.27
C THR A 60 -7.37 -4.78 11.97
N ALA A 61 -6.83 -3.98 11.06
CA ALA A 61 -5.42 -4.08 10.67
C ALA A 61 -4.51 -3.61 11.80
N MET A 62 -4.86 -2.48 12.41
CA MET A 62 -4.07 -1.92 13.50
C MET A 62 -4.08 -2.81 14.73
N ARG A 63 -5.27 -3.26 15.15
CA ARG A 63 -5.40 -4.11 16.32
C ARG A 63 -4.54 -5.37 16.18
N SER A 64 -4.39 -5.84 14.95
CA SER A 64 -3.58 -7.03 14.68
C SER A 64 -2.16 -6.85 15.21
N LEU A 65 -1.64 -5.62 15.07
CA LEU A 65 -0.30 -5.31 15.54
C LEU A 65 -0.29 -5.08 17.05
N GLY A 66 -1.47 -4.78 17.60
CA GLY A 66 -1.58 -4.54 19.03
C GLY A 66 -2.04 -3.13 19.34
N TYR A 67 -2.64 -2.49 18.35
CA TYR A 67 -3.15 -1.13 18.52
C TYR A 67 -4.64 -1.07 18.25
N MET A 68 -5.43 -0.91 19.33
CA MET A 68 -6.88 -0.85 19.21
C MET A 68 -7.36 0.59 19.04
N PRO A 69 -7.82 0.98 17.84
CA PRO A 69 -8.30 2.33 17.57
C PRO A 69 -9.77 2.51 17.92
N ASN A 70 -10.09 3.62 18.56
CA ASN A 70 -11.47 3.92 18.95
C ASN A 70 -12.27 4.44 17.76
N GLU A 71 -13.56 4.68 17.97
CA GLU A 71 -14.43 5.17 16.90
C GLU A 71 -13.93 6.50 16.35
N VAL A 72 -13.29 7.30 17.20
CA VAL A 72 -12.78 8.60 16.79
C VAL A 72 -11.34 8.48 16.27
N GLU A 73 -10.66 7.41 16.64
CA GLU A 73 -9.28 7.18 16.22
C GLU A 73 -9.20 6.75 14.76
N LEU A 74 -10.03 5.77 14.38
CA LEU A 74 -10.03 5.27 13.01
C LEU A 74 -10.41 6.37 12.02
N GLU A 75 -10.94 7.48 12.52
CA GLU A 75 -11.34 8.59 11.66
C GLU A 75 -10.15 9.50 11.33
N VAL A 76 -9.17 9.54 12.21
CA VAL A 76 -8.00 10.40 12.00
C VAL A 76 -6.90 9.67 11.22
N ILE A 77 -6.95 8.35 11.22
CA ILE A 77 -5.96 7.54 10.52
C ILE A 77 -6.25 7.44 9.03
N ILE A 78 -7.50 7.16 8.69
CA ILE A 78 -7.91 7.03 7.29
C ILE A 78 -7.82 8.35 6.53
N GLN A 79 -7.76 9.46 7.26
CA GLN A 79 -7.68 10.78 6.61
C GLN A 79 -6.24 11.12 6.26
N ARG A 80 -5.31 10.32 6.76
CA ARG A 80 -3.89 10.54 6.50
C ARG A 80 -3.49 9.97 5.14
N LEU A 81 -4.16 8.90 4.73
CA LEU A 81 -3.87 8.25 3.45
C LEU A 81 -4.86 8.68 2.38
N ASP A 82 -6.13 8.79 2.75
CA ASP A 82 -7.17 9.19 1.81
C ASP A 82 -7.05 10.66 1.44
N MET A 83 -6.18 10.97 0.49
CA MET A 83 -5.96 12.34 0.05
C MET A 83 -7.24 12.95 -0.54
N ASP A 84 -7.89 12.22 -1.44
CA ASP A 84 -9.12 12.70 -2.07
C ASP A 84 -10.28 12.73 -1.08
N GLY A 85 -10.23 11.84 -0.08
CA GLY A 85 -11.27 11.79 0.92
C GLY A 85 -12.52 11.06 0.45
N ASP A 86 -12.34 9.90 -0.18
CA ASP A 86 -13.48 9.11 -0.66
C ASP A 86 -13.97 8.16 0.42
N GLY A 87 -13.46 8.34 1.63
CA GLY A 87 -13.86 7.50 2.74
C GLY A 87 -13.11 6.18 2.75
N GLN A 88 -12.43 5.87 1.65
CA GLN A 88 -11.67 4.63 1.53
C GLN A 88 -10.29 4.90 0.94
N VAL A 89 -9.34 4.03 1.26
CA VAL A 89 -7.98 4.17 0.77
C VAL A 89 -7.75 3.31 -0.47
N ASP A 90 -7.22 3.92 -1.53
CA ASP A 90 -6.95 3.21 -2.77
C ASP A 90 -5.56 2.59 -2.76
N PHE A 91 -5.41 1.47 -3.48
CA PHE A 91 -4.14 0.77 -3.56
C PHE A 91 -2.98 1.72 -3.89
N GLU A 92 -3.12 2.46 -4.98
CA GLU A 92 -2.09 3.40 -5.42
C GLU A 92 -1.70 4.36 -4.30
N GLU A 93 -2.68 5.03 -3.72
CA GLU A 93 -2.43 5.98 -2.63
C GLU A 93 -1.63 5.32 -1.50
N PHE A 94 -1.71 4.00 -1.42
CA PHE A 94 -1.00 3.26 -0.38
C PHE A 94 0.40 2.85 -0.80
N VAL A 95 0.54 2.39 -2.05
CA VAL A 95 1.85 1.95 -2.55
C VAL A 95 2.90 3.06 -2.46
N THR A 96 2.46 4.31 -2.61
CA THR A 96 3.39 5.44 -2.57
C THR A 96 3.70 5.85 -1.13
N LEU A 97 2.66 5.95 -0.31
CA LEU A 97 2.82 6.34 1.09
C LEU A 97 3.75 5.39 1.83
N LEU A 98 3.80 4.14 1.37
CA LEU A 98 4.66 3.14 2.01
C LEU A 98 5.97 2.99 1.24
N GLY A 99 6.03 3.56 0.05
CA GLY A 99 7.23 3.47 -0.76
C GLY A 99 7.94 4.81 -0.88
N PRO A 100 8.21 5.29 -2.11
CA PRO A 100 8.90 6.57 -2.33
C PRO A 100 8.03 7.76 -1.96
N MET A 1 -1.79 25.71 8.21
CA MET A 1 -1.89 26.07 6.77
C MET A 1 -1.19 25.06 5.87
N PRO A 2 0.11 24.75 6.11
CA PRO A 2 0.85 23.80 5.28
C PRO A 2 0.62 22.35 5.71
N PHE A 3 -0.62 22.02 6.04
CA PHE A 3 -0.96 20.65 6.47
C PHE A 3 -1.77 19.94 5.40
N HIS A 4 -2.61 20.70 4.69
CA HIS A 4 -3.45 20.13 3.64
C HIS A 4 -2.79 20.29 2.28
N PRO A 5 -2.80 19.23 1.44
CA PRO A 5 -2.19 19.28 0.11
C PRO A 5 -3.06 20.01 -0.91
N VAL A 6 -2.57 21.14 -1.38
CA VAL A 6 -3.31 21.94 -2.35
C VAL A 6 -2.55 22.02 -3.68
N THR A 7 -2.81 21.08 -4.57
CA THR A 7 -2.15 21.05 -5.87
C THR A 7 -3.03 21.64 -6.95
N ALA A 8 -4.29 21.21 -7.00
CA ALA A 8 -5.24 21.69 -7.99
C ALA A 8 -6.68 21.39 -7.57
N ALA A 9 -7.51 22.43 -7.59
CA ALA A 9 -8.92 22.30 -7.20
C ALA A 9 -9.71 21.57 -8.29
N LEU A 10 -9.17 21.56 -9.50
CA LEU A 10 -9.83 20.90 -10.62
C LEU A 10 -8.95 19.81 -11.20
N MET A 11 -9.51 18.61 -11.35
CA MET A 11 -8.78 17.48 -11.89
C MET A 11 -9.28 17.12 -13.29
N TYR A 12 -8.38 16.58 -14.11
CA TYR A 12 -8.72 16.20 -15.47
C TYR A 12 -9.44 14.84 -15.49
N ARG A 13 -9.76 14.34 -14.31
CA ARG A 13 -10.46 13.06 -14.19
C ARG A 13 -9.73 11.95 -14.93
N GLY A 14 -8.41 12.08 -15.03
CA GLY A 14 -7.61 11.10 -15.73
C GLY A 14 -7.82 11.14 -17.23
N ILE A 15 -6.73 11.01 -17.98
CA ILE A 15 -6.80 11.05 -19.44
C ILE A 15 -6.16 9.81 -20.05
N TYR A 16 -6.90 9.12 -20.90
CA TYR A 16 -6.41 7.91 -21.56
C TYR A 16 -5.99 6.86 -20.55
N THR A 17 -6.91 6.50 -19.66
CA THR A 17 -6.66 5.50 -18.62
C THR A 17 -5.55 5.93 -17.68
N VAL A 18 -4.30 5.71 -18.08
CA VAL A 18 -3.16 6.08 -17.25
C VAL A 18 -3.05 7.60 -17.10
N PRO A 19 -2.70 8.09 -15.89
CA PRO A 19 -2.57 9.52 -15.62
C PRO A 19 -1.28 10.10 -16.18
N ASN A 20 -0.15 9.50 -15.78
CA ASN A 20 1.16 9.96 -16.23
C ASN A 20 2.20 8.84 -16.10
N LEU A 21 1.90 7.70 -16.71
CA LEU A 21 2.80 6.55 -16.67
C LEU A 21 3.91 6.67 -17.71
N LEU A 22 4.06 7.87 -18.26
CA LEU A 22 5.08 8.13 -19.27
C LEU A 22 6.48 8.07 -18.66
N SER A 23 6.56 8.36 -17.37
CA SER A 23 7.83 8.35 -16.66
C SER A 23 7.90 7.16 -15.70
N GLU A 24 6.81 6.42 -15.60
CA GLU A 24 6.74 5.26 -14.72
C GLU A 24 6.93 3.97 -15.51
N GLN A 25 7.04 4.09 -16.83
CA GLN A 25 7.23 2.93 -17.69
C GLN A 25 8.59 2.28 -17.43
N ARG A 26 9.46 3.01 -16.74
CA ARG A 26 10.79 2.52 -16.42
C ARG A 26 10.72 1.40 -15.37
N PRO A 27 11.78 0.57 -15.28
CA PRO A 27 11.83 -0.53 -14.31
C PRO A 27 12.13 -0.04 -12.89
N VAL A 28 11.36 0.92 -12.43
CA VAL A 28 11.54 1.48 -11.09
C VAL A 28 10.48 0.95 -10.13
N ASP A 29 10.63 1.30 -8.85
CA ASP A 29 9.69 0.90 -7.82
C ASP A 29 9.84 -0.59 -7.51
N ILE A 30 9.43 -0.96 -6.30
CA ILE A 30 9.50 -2.34 -5.83
C ILE A 30 8.83 -3.29 -6.82
N PRO A 31 9.51 -4.41 -7.17
CA PRO A 31 8.97 -5.41 -8.10
C PRO A 31 7.81 -6.20 -7.51
N GLU A 32 6.90 -6.65 -8.37
CA GLU A 32 5.72 -7.40 -7.95
C GLU A 32 6.03 -8.34 -6.78
N ASP A 33 7.14 -9.07 -6.87
CA ASP A 33 7.54 -10.01 -5.82
C ASP A 33 7.41 -9.38 -4.43
N GLU A 34 8.27 -8.43 -4.12
CA GLU A 34 8.24 -7.77 -2.81
C GLU A 34 7.00 -6.90 -2.67
N LEU A 35 6.40 -6.55 -3.81
CA LEU A 35 5.20 -5.73 -3.83
C LEU A 35 4.04 -6.47 -3.19
N GLU A 36 4.02 -7.78 -3.37
CA GLU A 36 2.96 -8.63 -2.81
C GLU A 36 2.84 -8.42 -1.31
N GLU A 37 3.97 -8.23 -0.65
CA GLU A 37 3.99 -8.01 0.80
C GLU A 37 3.08 -6.84 1.17
N ILE A 38 3.08 -5.81 0.32
CA ILE A 38 2.26 -4.63 0.55
C ILE A 38 0.77 -4.97 0.45
N ARG A 39 0.38 -5.54 -0.69
CA ARG A 39 -1.00 -5.91 -0.93
C ARG A 39 -1.49 -6.92 0.09
N GLU A 40 -0.95 -8.13 0.02
CA GLU A 40 -1.35 -9.21 0.93
C GLU A 40 -1.59 -8.72 2.35
N ALA A 41 -0.87 -7.67 2.75
CA ALA A 41 -1.02 -7.13 4.10
C ALA A 41 -2.40 -6.51 4.33
N PHE A 42 -2.55 -5.25 3.92
CA PHE A 42 -3.79 -4.53 4.13
C PHE A 42 -4.89 -4.95 3.16
N LYS A 43 -4.51 -5.42 1.98
CA LYS A 43 -5.48 -5.85 0.98
C LYS A 43 -6.35 -6.99 1.50
N VAL A 44 -5.75 -7.96 2.20
CA VAL A 44 -6.53 -9.07 2.73
C VAL A 44 -7.46 -8.61 3.85
N PHE A 45 -7.03 -7.62 4.63
CA PHE A 45 -7.86 -7.11 5.71
C PHE A 45 -9.20 -6.61 5.17
N ASP A 46 -9.24 -6.36 3.87
CA ASP A 46 -10.46 -5.90 3.22
C ASP A 46 -11.50 -7.02 3.21
N ARG A 47 -12.34 -7.04 4.24
CA ARG A 47 -13.37 -8.07 4.38
C ARG A 47 -14.27 -8.14 3.15
N ASP A 48 -14.70 -6.99 2.65
CA ASP A 48 -15.58 -6.94 1.49
C ASP A 48 -14.80 -7.17 0.20
N GLY A 49 -13.48 -7.04 0.27
CA GLY A 49 -12.65 -7.25 -0.89
C GLY A 49 -13.00 -6.31 -2.04
N ASN A 50 -13.60 -5.18 -1.71
CA ASN A 50 -14.00 -4.21 -2.72
C ASN A 50 -12.78 -3.51 -3.32
N GLY A 51 -11.62 -3.76 -2.72
CA GLY A 51 -10.40 -3.14 -3.19
C GLY A 51 -10.06 -1.90 -2.38
N PHE A 52 -11.03 -1.44 -1.59
CA PHE A 52 -10.85 -0.26 -0.76
C PHE A 52 -11.09 -0.61 0.71
N ILE A 53 -10.16 -0.22 1.56
CA ILE A 53 -10.26 -0.51 2.98
C ILE A 53 -10.93 0.63 3.76
N SER A 54 -12.17 0.42 4.16
CA SER A 54 -12.92 1.42 4.91
C SER A 54 -12.28 1.64 6.27
N LYS A 55 -12.84 2.56 7.06
CA LYS A 55 -12.30 2.85 8.38
C LYS A 55 -12.44 1.64 9.31
N GLN A 56 -13.64 1.05 9.32
CA GLN A 56 -13.91 -0.10 10.16
C GLN A 56 -13.01 -1.28 9.80
N GLU A 57 -12.70 -1.41 8.51
CA GLU A 57 -11.86 -2.48 8.03
C GLU A 57 -10.41 -2.28 8.48
N LEU A 58 -9.90 -1.07 8.27
CA LEU A 58 -8.54 -0.74 8.66
C LEU A 58 -8.40 -0.80 10.18
N GLY A 59 -9.55 -0.70 10.86
CA GLY A 59 -9.56 -0.75 12.30
C GLY A 59 -9.16 -2.13 12.80
N THR A 60 -9.34 -3.13 11.94
CA THR A 60 -8.99 -4.50 12.27
C THR A 60 -7.51 -4.74 12.02
N ALA A 61 -6.95 -3.97 11.08
CA ALA A 61 -5.53 -4.09 10.74
C ALA A 61 -4.66 -3.57 11.87
N MET A 62 -5.09 -2.48 12.50
CA MET A 62 -4.33 -1.87 13.59
C MET A 62 -4.35 -2.75 14.84
N ARG A 63 -5.54 -3.22 15.21
CA ARG A 63 -5.68 -4.08 16.39
C ARG A 63 -4.86 -5.35 16.23
N SER A 64 -4.71 -5.80 14.98
CA SER A 64 -3.92 -7.00 14.69
C SER A 64 -2.53 -6.90 15.29
N LEU A 65 -1.98 -5.68 15.31
CA LEU A 65 -0.65 -5.44 15.85
C LEU A 65 -0.70 -5.24 17.37
N GLY A 66 -1.90 -4.92 17.86
CA GLY A 66 -2.07 -4.70 19.29
C GLY A 66 -2.51 -3.29 19.62
N TYR A 67 -3.08 -2.60 18.62
CA TYR A 67 -3.54 -1.23 18.82
C TYR A 67 -5.03 -1.11 18.51
N MET A 68 -5.85 -1.02 19.55
CA MET A 68 -7.30 -0.91 19.39
C MET A 68 -7.70 0.53 19.06
N PRO A 69 -8.17 0.78 17.82
CA PRO A 69 -8.59 2.12 17.39
C PRO A 69 -10.05 2.40 17.73
N ASN A 70 -10.29 3.55 18.37
CA ASN A 70 -11.64 3.95 18.74
C ASN A 70 -12.42 4.44 17.53
N GLU A 71 -13.65 4.87 17.77
CA GLU A 71 -14.50 5.37 16.68
C GLU A 71 -13.91 6.64 16.06
N VAL A 72 -13.29 7.46 16.89
CA VAL A 72 -12.70 8.71 16.42
C VAL A 72 -11.28 8.49 15.90
N GLU A 73 -10.63 7.43 16.38
CA GLU A 73 -9.27 7.11 15.97
C GLU A 73 -9.21 6.72 14.49
N LEU A 74 -9.97 5.71 14.11
CA LEU A 74 -9.99 5.24 12.72
C LEU A 74 -10.38 6.37 11.77
N GLU A 75 -10.92 7.45 12.31
CA GLU A 75 -11.33 8.59 11.50
C GLU A 75 -10.16 9.51 11.17
N VAL A 76 -9.20 9.59 12.10
CA VAL A 76 -8.04 10.46 11.90
C VAL A 76 -6.90 9.71 11.20
N ILE A 77 -6.91 8.38 11.31
CA ILE A 77 -5.89 7.56 10.67
C ILE A 77 -6.19 7.34 9.20
N ILE A 78 -7.47 7.31 8.86
CA ILE A 78 -7.90 7.09 7.48
C ILE A 78 -7.91 8.39 6.67
N GLN A 79 -8.02 9.52 7.36
CA GLN A 79 -8.06 10.82 6.68
C GLN A 79 -6.67 11.20 6.16
N ARG A 80 -5.64 10.53 6.69
CA ARG A 80 -4.27 10.82 6.29
C ARG A 80 -3.99 10.22 4.91
N LEU A 81 -4.40 8.98 4.70
CA LEU A 81 -4.20 8.31 3.42
C LEU A 81 -5.23 8.74 2.40
N ASP A 82 -6.48 8.84 2.84
CA ASP A 82 -7.58 9.26 1.97
C ASP A 82 -7.43 10.72 1.55
N MET A 83 -6.58 10.96 0.55
CA MET A 83 -6.33 12.31 0.05
C MET A 83 -7.53 12.87 -0.72
N ASP A 84 -8.06 12.06 -1.64
CA ASP A 84 -9.19 12.49 -2.46
C ASP A 84 -10.46 12.63 -1.61
N GLY A 85 -10.48 11.96 -0.46
CA GLY A 85 -11.63 12.03 0.42
C GLY A 85 -12.80 11.17 -0.03
N ASP A 86 -12.49 9.99 -0.57
CA ASP A 86 -13.53 9.08 -1.04
C ASP A 86 -14.14 8.31 0.12
N GLY A 87 -13.40 8.24 1.23
CA GLY A 87 -13.88 7.52 2.40
C GLY A 87 -13.05 6.29 2.70
N GLN A 88 -12.40 5.75 1.67
CA GLN A 88 -11.56 4.57 1.83
C GLN A 88 -10.15 4.82 1.28
N VAL A 89 -9.24 3.91 1.59
CA VAL A 89 -7.86 4.03 1.15
C VAL A 89 -7.61 3.23 -0.13
N ASP A 90 -7.17 3.91 -1.18
CA ASP A 90 -6.89 3.27 -2.46
C ASP A 90 -5.46 2.71 -2.49
N PHE A 91 -5.28 1.63 -3.25
CA PHE A 91 -3.98 0.98 -3.37
C PHE A 91 -2.88 1.97 -3.71
N GLU A 92 -3.10 2.80 -4.74
CA GLU A 92 -2.11 3.78 -5.16
C GLU A 92 -1.67 4.68 -4.00
N GLU A 93 -2.63 5.25 -3.29
CA GLU A 93 -2.32 6.11 -2.16
C GLU A 93 -1.51 5.37 -1.09
N PHE A 94 -1.65 4.05 -1.07
CA PHE A 94 -0.95 3.22 -0.10
C PHE A 94 0.48 2.94 -0.55
N VAL A 95 0.62 2.46 -1.78
CA VAL A 95 1.94 2.14 -2.34
C VAL A 95 2.88 3.34 -2.25
N THR A 96 2.34 4.55 -2.46
CA THR A 96 3.14 5.76 -2.39
C THR A 96 3.77 5.94 -1.01
N LEU A 97 2.94 5.86 0.02
CA LEU A 97 3.42 6.01 1.39
C LEU A 97 4.11 4.74 1.88
N LEU A 98 4.07 3.69 1.05
CA LEU A 98 4.70 2.42 1.39
C LEU A 98 6.03 2.28 0.66
N GLY A 99 6.56 3.39 0.17
CA GLY A 99 7.82 3.36 -0.55
C GLY A 99 8.57 4.68 -0.46
N PRO A 100 9.67 4.85 -1.22
CA PRO A 100 10.45 6.08 -1.21
C PRO A 100 9.75 7.22 -1.93
N MET A 1 46.30 -22.14 -36.01
CA MET A 1 44.97 -22.78 -35.84
C MET A 1 44.25 -22.23 -34.61
N PRO A 2 43.69 -21.01 -34.71
CA PRO A 2 42.98 -20.37 -33.60
C PRO A 2 41.77 -21.18 -33.14
N PHE A 3 41.88 -21.77 -31.95
CA PHE A 3 40.79 -22.58 -31.40
C PHE A 3 40.04 -21.81 -30.31
N HIS A 4 40.66 -20.73 -29.83
CA HIS A 4 40.05 -19.91 -28.79
C HIS A 4 39.42 -18.65 -29.40
N PRO A 5 38.08 -18.62 -29.57
CA PRO A 5 37.38 -17.47 -30.15
C PRO A 5 37.51 -16.22 -29.27
N VAL A 6 37.65 -15.07 -29.91
CA VAL A 6 37.79 -13.80 -29.21
C VAL A 6 38.98 -13.82 -28.25
N THR A 7 40.14 -13.43 -28.76
CA THR A 7 41.35 -13.39 -27.96
C THR A 7 41.30 -12.26 -26.94
N ALA A 8 41.12 -11.04 -27.43
CA ALA A 8 41.05 -9.86 -26.57
C ALA A 8 39.78 -9.89 -25.73
N ALA A 9 39.95 -10.09 -24.41
CA ALA A 9 38.83 -10.14 -23.48
C ALA A 9 38.04 -8.83 -23.51
N LEU A 10 38.69 -7.74 -23.10
CA LEU A 10 38.06 -6.43 -23.07
C LEU A 10 36.82 -6.44 -22.17
N MET A 11 35.68 -6.82 -22.74
CA MET A 11 34.43 -6.88 -21.99
C MET A 11 33.51 -7.96 -22.56
N TYR A 12 32.94 -8.77 -21.68
CA TYR A 12 32.04 -9.84 -22.09
C TYR A 12 30.60 -9.35 -22.13
N ARG A 13 30.26 -8.44 -21.23
CA ARG A 13 28.91 -7.89 -21.16
C ARG A 13 27.86 -9.00 -21.09
N GLY A 14 27.72 -9.60 -19.92
CA GLY A 14 26.75 -10.66 -19.74
C GLY A 14 26.47 -10.98 -18.29
N ILE A 15 27.53 -11.16 -17.50
CA ILE A 15 27.40 -11.46 -16.09
C ILE A 15 27.42 -10.18 -15.25
N TYR A 16 26.77 -10.22 -14.09
CA TYR A 16 26.71 -9.06 -13.20
C TYR A 16 27.54 -9.30 -11.94
N THR A 17 28.81 -9.58 -12.12
CA THR A 17 29.71 -9.82 -11.00
C THR A 17 29.87 -8.57 -10.14
N VAL A 18 29.49 -8.68 -8.87
CA VAL A 18 29.58 -7.56 -7.94
C VAL A 18 30.88 -7.62 -7.13
N PRO A 19 31.36 -6.46 -6.66
CA PRO A 19 32.62 -6.39 -5.89
C PRO A 19 32.50 -7.07 -4.52
N ASN A 20 31.60 -6.55 -3.69
CA ASN A 20 31.39 -7.11 -2.35
C ASN A 20 29.94 -6.92 -1.90
N LEU A 21 29.40 -5.74 -2.16
CA LEU A 21 28.02 -5.41 -1.81
C LEU A 21 27.80 -5.46 -0.30
N LEU A 22 28.90 -5.48 0.46
CA LEU A 22 28.81 -5.53 1.91
C LEU A 22 28.48 -4.15 2.48
N SER A 23 28.59 -3.12 1.65
CA SER A 23 28.30 -1.76 2.07
C SER A 23 26.98 -1.27 1.48
N GLU A 24 26.53 -1.95 0.43
CA GLU A 24 25.27 -1.59 -0.23
C GLU A 24 24.26 -2.72 -0.14
N GLN A 25 24.29 -3.45 0.98
CA GLN A 25 23.38 -4.56 1.20
C GLN A 25 22.03 -4.05 1.72
N ARG A 26 21.82 -2.74 1.62
CA ARG A 26 20.58 -2.13 2.06
C ARG A 26 19.38 -2.67 1.29
N PRO A 27 18.17 -2.59 1.87
CA PRO A 27 16.95 -3.08 1.22
C PRO A 27 16.41 -2.10 0.16
N VAL A 28 17.30 -1.62 -0.69
CA VAL A 28 16.90 -0.68 -1.75
C VAL A 28 16.73 -1.41 -3.08
N ASP A 29 15.82 -0.90 -3.90
CA ASP A 29 15.55 -1.50 -5.20
C ASP A 29 15.14 -2.97 -5.04
N ILE A 30 13.95 -3.19 -4.51
CA ILE A 30 13.45 -4.55 -4.30
C ILE A 30 12.42 -4.92 -5.37
N PRO A 31 12.55 -6.13 -5.97
CA PRO A 31 11.63 -6.61 -7.00
C PRO A 31 10.18 -6.52 -6.52
N GLU A 32 9.26 -6.38 -7.48
CA GLU A 32 7.83 -6.28 -7.16
C GLU A 32 7.35 -7.46 -6.30
N ASP A 33 8.24 -8.41 -6.04
CA ASP A 33 7.90 -9.56 -5.21
C ASP A 33 7.32 -9.09 -3.88
N GLU A 34 7.81 -7.95 -3.41
CA GLU A 34 7.33 -7.38 -2.15
C GLU A 34 6.16 -6.43 -2.42
N LEU A 35 6.06 -5.99 -3.67
CA LEU A 35 4.99 -5.08 -4.08
C LEU A 35 3.63 -5.76 -3.94
N GLU A 36 3.54 -6.99 -4.46
CA GLU A 36 2.30 -7.74 -4.38
C GLU A 36 2.04 -8.18 -2.94
N GLU A 37 3.06 -8.03 -2.09
CA GLU A 37 2.95 -8.42 -0.69
C GLU A 37 2.35 -7.28 0.14
N ILE A 38 2.47 -6.06 -0.35
CA ILE A 38 1.93 -4.90 0.36
C ILE A 38 0.43 -5.06 0.57
N ARG A 39 -0.29 -5.22 -0.53
CA ARG A 39 -1.74 -5.40 -0.48
C ARG A 39 -2.10 -6.66 0.28
N GLU A 40 -1.39 -7.75 0.02
CA GLU A 40 -1.67 -9.01 0.70
C GLU A 40 -2.00 -8.78 2.17
N ALA A 41 -1.32 -7.81 2.78
CA ALA A 41 -1.54 -7.49 4.19
C ALA A 41 -2.87 -6.75 4.42
N PHE A 42 -2.91 -5.48 4.04
CA PHE A 42 -4.11 -4.66 4.24
C PHE A 42 -5.27 -5.09 3.34
N LYS A 43 -4.98 -5.32 2.08
CA LYS A 43 -5.99 -5.72 1.10
C LYS A 43 -6.85 -6.88 1.61
N VAL A 44 -6.22 -7.95 2.14
CA VAL A 44 -7.00 -9.09 2.61
C VAL A 44 -7.94 -8.69 3.74
N PHE A 45 -7.52 -7.76 4.59
CA PHE A 45 -8.37 -7.30 5.70
C PHE A 45 -9.72 -6.80 5.17
N ASP A 46 -9.76 -6.48 3.89
CA ASP A 46 -10.99 -6.01 3.26
C ASP A 46 -11.99 -7.15 3.16
N ARG A 47 -13.06 -7.06 3.95
CA ARG A 47 -14.08 -8.10 3.97
C ARG A 47 -14.97 -8.05 2.72
N ASP A 48 -15.19 -6.85 2.18
CA ASP A 48 -16.02 -6.70 1.00
C ASP A 48 -15.26 -7.09 -0.27
N GLY A 49 -13.94 -7.24 -0.13
CA GLY A 49 -13.11 -7.62 -1.26
C GLY A 49 -13.26 -6.68 -2.45
N ASN A 50 -13.78 -5.48 -2.20
CA ASN A 50 -13.97 -4.49 -3.25
C ASN A 50 -12.64 -3.85 -3.65
N GLY A 51 -11.57 -4.26 -2.97
CA GLY A 51 -10.25 -3.72 -3.27
C GLY A 51 -9.96 -2.46 -2.46
N PHE A 52 -10.97 -1.97 -1.76
CA PHE A 52 -10.81 -0.77 -0.93
C PHE A 52 -11.02 -1.10 0.54
N ILE A 53 -10.37 -0.34 1.42
CA ILE A 53 -10.49 -0.56 2.85
C ILE A 53 -11.12 0.65 3.54
N SER A 54 -12.07 0.37 4.44
CA SER A 54 -12.77 1.42 5.17
C SER A 54 -12.18 1.60 6.56
N LYS A 55 -12.75 2.51 7.33
CA LYS A 55 -12.29 2.77 8.69
C LYS A 55 -12.49 1.56 9.59
N GLN A 56 -13.70 0.99 9.53
CA GLN A 56 -14.03 -0.18 10.34
C GLN A 56 -13.16 -1.38 9.98
N GLU A 57 -12.72 -1.42 8.73
CA GLU A 57 -11.89 -2.52 8.24
C GLU A 57 -10.43 -2.32 8.66
N LEU A 58 -9.86 -1.18 8.33
CA LEU A 58 -8.48 -0.88 8.69
C LEU A 58 -8.33 -0.81 10.20
N GLY A 59 -9.45 -0.60 10.89
CA GLY A 59 -9.42 -0.53 12.34
C GLY A 59 -9.08 -1.87 12.96
N THR A 60 -9.29 -2.94 12.18
CA THR A 60 -9.00 -4.30 12.64
C THR A 60 -7.56 -4.67 12.30
N ALA A 61 -7.02 -4.02 11.28
CA ALA A 61 -5.65 -4.27 10.84
C ALA A 61 -4.64 -3.69 11.83
N MET A 62 -4.91 -2.48 12.30
CA MET A 62 -4.03 -1.81 13.25
C MET A 62 -4.00 -2.53 14.59
N ARG A 63 -5.17 -2.90 15.10
CA ARG A 63 -5.26 -3.59 16.39
C ARG A 63 -4.48 -4.90 16.37
N SER A 64 -4.38 -5.50 15.18
CA SER A 64 -3.65 -6.75 15.02
C SER A 64 -2.20 -6.59 15.45
N LEU A 65 -1.62 -5.44 15.15
CA LEU A 65 -0.22 -5.16 15.51
C LEU A 65 -0.09 -4.97 17.01
N GLY A 66 -1.20 -4.72 17.68
CA GLY A 66 -1.19 -4.52 19.12
C GLY A 66 -1.63 -3.13 19.52
N TYR A 67 -2.18 -2.39 18.57
CA TYR A 67 -2.65 -1.03 18.82
C TYR A 67 -4.10 -0.86 18.38
N MET A 68 -5.04 -1.12 19.29
CA MET A 68 -6.46 -1.02 19.00
C MET A 68 -6.89 0.45 18.93
N PRO A 69 -7.28 0.94 17.73
CA PRO A 69 -7.72 2.31 17.55
C PRO A 69 -9.21 2.47 17.81
N ASN A 70 -9.57 3.56 18.49
CA ASN A 70 -10.97 3.83 18.80
C ASN A 70 -11.72 4.27 17.56
N GLU A 71 -13.05 4.36 17.67
CA GLU A 71 -13.88 4.79 16.55
C GLU A 71 -13.53 6.22 16.15
N VAL A 72 -12.81 6.89 17.03
CA VAL A 72 -12.39 8.27 16.79
C VAL A 72 -11.03 8.31 16.09
N GLU A 73 -10.23 7.27 16.32
CA GLU A 73 -8.90 7.18 15.74
C GLU A 73 -8.95 6.79 14.26
N LEU A 74 -9.63 5.69 13.96
CA LEU A 74 -9.73 5.22 12.57
C LEU A 74 -10.23 6.31 11.63
N GLU A 75 -10.85 7.34 12.20
CA GLU A 75 -11.37 8.45 11.41
C GLU A 75 -10.27 9.42 11.01
N VAL A 76 -9.29 9.61 11.89
CA VAL A 76 -8.19 10.52 11.62
C VAL A 76 -7.05 9.82 10.88
N ILE A 77 -7.00 8.50 10.97
CA ILE A 77 -5.95 7.74 10.31
C ILE A 77 -6.27 7.50 8.83
N ILE A 78 -7.53 7.17 8.54
CA ILE A 78 -7.96 6.90 7.17
C ILE A 78 -7.90 8.17 6.30
N GLN A 79 -7.97 9.34 6.93
CA GLN A 79 -7.94 10.59 6.18
C GLN A 79 -6.51 10.98 5.82
N ARG A 80 -5.55 10.26 6.42
CA ARG A 80 -4.13 10.52 6.16
C ARG A 80 -3.69 9.87 4.85
N LEU A 81 -4.34 8.77 4.51
CA LEU A 81 -3.99 8.04 3.28
C LEU A 81 -5.02 8.29 2.18
N ASP A 82 -6.29 8.23 2.54
CA ASP A 82 -7.37 8.45 1.58
C ASP A 82 -7.39 9.90 1.10
N MET A 83 -6.58 10.18 0.08
CA MET A 83 -6.50 11.52 -0.48
C MET A 83 -7.77 11.87 -1.26
N ASP A 84 -8.38 10.86 -1.88
CA ASP A 84 -9.59 11.06 -2.66
C ASP A 84 -10.76 11.41 -1.76
N GLY A 85 -10.68 11.03 -0.49
CA GLY A 85 -11.73 11.32 0.46
C GLY A 85 -13.00 10.53 0.18
N ASP A 86 -12.83 9.28 -0.27
CA ASP A 86 -13.96 8.43 -0.58
C ASP A 86 -14.25 7.47 0.57
N GLY A 87 -13.69 7.78 1.74
CA GLY A 87 -13.89 6.94 2.91
C GLY A 87 -13.14 5.63 2.83
N GLN A 88 -12.38 5.45 1.75
CA GLN A 88 -11.60 4.23 1.56
C GLN A 88 -10.24 4.54 0.94
N VAL A 89 -9.24 3.72 1.26
CA VAL A 89 -7.90 3.91 0.73
C VAL A 89 -7.58 2.89 -0.36
N ASP A 90 -7.07 3.38 -1.48
CA ASP A 90 -6.72 2.51 -2.60
C ASP A 90 -5.29 2.00 -2.47
N PHE A 91 -4.99 0.87 -3.12
CA PHE A 91 -3.67 0.27 -3.07
C PHE A 91 -2.57 1.29 -3.40
N GLU A 92 -2.70 1.95 -4.55
CA GLU A 92 -1.72 2.94 -4.98
C GLU A 92 -1.37 3.92 -3.86
N GLU A 93 -2.36 4.63 -3.36
CA GLU A 93 -2.15 5.60 -2.29
C GLU A 93 -1.36 4.98 -1.13
N PHE A 94 -1.45 3.66 -1.00
CA PHE A 94 -0.77 2.95 0.08
C PHE A 94 0.63 2.50 -0.33
N VAL A 95 0.86 2.31 -1.63
CA VAL A 95 2.17 1.86 -2.12
C VAL A 95 3.22 2.97 -2.01
N THR A 96 2.79 4.22 -2.22
CA THR A 96 3.71 5.36 -2.16
C THR A 96 4.00 5.77 -0.72
N LEU A 97 2.95 5.91 0.08
CA LEU A 97 3.10 6.30 1.48
C LEU A 97 3.90 5.27 2.27
N LEU A 98 3.91 4.03 1.77
CA LEU A 98 4.64 2.95 2.42
C LEU A 98 5.98 2.72 1.74
N GLY A 99 6.13 3.25 0.53
CA GLY A 99 7.36 3.08 -0.22
C GLY A 99 7.96 4.41 -0.64
N PRO A 100 8.45 5.23 0.30
CA PRO A 100 9.05 6.53 0.00
C PRO A 100 10.42 6.38 -0.66
N MET A 1 -12.80 -7.25 32.28
CA MET A 1 -12.63 -7.34 33.76
C MET A 1 -12.11 -6.02 34.35
N PRO A 2 -10.98 -5.46 33.82
CA PRO A 2 -10.43 -4.21 34.34
C PRO A 2 -11.17 -2.99 33.82
N PHE A 3 -11.40 -2.02 34.70
CA PHE A 3 -12.11 -0.80 34.33
C PHE A 3 -11.14 0.36 34.16
N HIS A 4 -9.86 0.10 34.38
CA HIS A 4 -8.83 1.13 34.23
C HIS A 4 -8.24 1.11 32.83
N PRO A 5 -7.82 2.28 32.31
CA PRO A 5 -7.23 2.39 30.97
C PRO A 5 -5.87 1.71 30.87
N VAL A 6 -5.81 0.61 30.15
CA VAL A 6 -4.56 -0.14 29.98
C VAL A 6 -4.39 -0.59 28.53
N THR A 7 -5.50 -0.69 27.81
CA THR A 7 -5.49 -1.10 26.41
C THR A 7 -4.96 -2.52 26.25
N ALA A 8 -3.64 -2.67 26.22
CA ALA A 8 -3.01 -3.97 26.08
C ALA A 8 -2.18 -4.32 27.32
N ALA A 9 -2.00 -5.62 27.55
CA ALA A 9 -1.23 -6.09 28.71
C ALA A 9 0.26 -5.92 28.46
N LEU A 10 0.62 -5.59 27.23
CA LEU A 10 2.02 -5.39 26.86
C LEU A 10 2.86 -6.64 27.18
N MET A 11 4.18 -6.49 27.07
CA MET A 11 5.09 -7.59 27.36
C MET A 11 6.51 -7.07 27.62
N TYR A 12 7.42 -7.97 27.96
CA TYR A 12 8.79 -7.60 28.23
C TYR A 12 9.50 -7.11 26.97
N ARG A 13 9.58 -7.98 25.97
CA ARG A 13 10.23 -7.64 24.71
C ARG A 13 9.28 -6.90 23.78
N GLY A 14 9.66 -6.79 22.51
CA GLY A 14 8.83 -6.11 21.53
C GLY A 14 8.18 -7.08 20.57
N ILE A 15 8.10 -6.68 19.30
CA ILE A 15 7.49 -7.52 18.26
C ILE A 15 7.73 -6.93 16.87
N TYR A 16 8.32 -7.75 16.01
CA TYR A 16 8.61 -7.32 14.62
C TYR A 16 9.33 -5.97 14.60
N THR A 17 9.24 -5.28 13.46
CA THR A 17 9.87 -3.98 13.29
C THR A 17 11.40 -4.09 13.35
N VAL A 18 12.02 -4.24 12.18
CA VAL A 18 13.47 -4.35 12.09
C VAL A 18 14.11 -2.97 11.97
N PRO A 19 15.10 -2.65 12.83
CA PRO A 19 15.78 -1.35 12.81
C PRO A 19 16.88 -1.27 11.76
N ASN A 20 17.82 -2.22 11.79
CA ASN A 20 18.93 -2.24 10.85
C ASN A 20 18.74 -3.29 9.77
N LEU A 21 18.65 -2.85 8.52
CA LEU A 21 18.47 -3.75 7.39
C LEU A 21 19.01 -3.14 6.10
N LEU A 22 19.61 -1.96 6.22
CA LEU A 22 20.18 -1.26 5.07
C LEU A 22 21.53 -1.86 4.68
N SER A 23 22.24 -2.41 5.66
CA SER A 23 23.54 -3.01 5.43
C SER A 23 23.42 -4.28 4.59
N GLU A 24 22.19 -4.73 4.40
CA GLU A 24 21.94 -5.95 3.62
C GLU A 24 21.12 -5.63 2.37
N GLN A 25 20.22 -4.64 2.48
CA GLN A 25 19.38 -4.25 1.36
C GLN A 25 18.90 -2.81 1.51
N ARG A 26 19.06 -2.03 0.46
CA ARG A 26 18.63 -0.63 0.47
C ARG A 26 17.23 -0.48 -0.12
N PRO A 27 16.49 0.57 0.28
CA PRO A 27 15.12 0.81 -0.21
C PRO A 27 15.09 1.23 -1.68
N VAL A 28 16.23 1.14 -2.35
CA VAL A 28 16.31 1.51 -3.76
C VAL A 28 16.09 0.30 -4.66
N ASP A 29 15.27 0.48 -5.70
CA ASP A 29 14.97 -0.59 -6.64
C ASP A 29 14.42 -1.83 -5.92
N ILE A 30 13.13 -1.82 -5.64
CA ILE A 30 12.49 -2.94 -4.95
C ILE A 30 11.86 -3.91 -5.96
N PRO A 31 12.13 -5.21 -5.85
CA PRO A 31 11.57 -6.22 -6.74
C PRO A 31 10.09 -6.47 -6.47
N GLU A 32 9.35 -6.81 -7.52
CA GLU A 32 7.92 -7.09 -7.41
C GLU A 32 7.63 -8.10 -6.30
N ASP A 33 8.64 -8.83 -5.86
CA ASP A 33 8.49 -9.82 -4.81
C ASP A 33 8.03 -9.19 -3.51
N GLU A 34 8.53 -8.00 -3.21
CA GLU A 34 8.17 -7.29 -2.00
C GLU A 34 6.87 -6.53 -2.19
N LEU A 35 6.54 -6.21 -3.44
CA LEU A 35 5.32 -5.48 -3.75
C LEU A 35 4.09 -6.35 -3.51
N GLU A 36 4.28 -7.66 -3.68
CA GLU A 36 3.19 -8.62 -3.48
C GLU A 36 2.75 -8.65 -2.01
N GLU A 37 3.68 -8.35 -1.11
CA GLU A 37 3.39 -8.33 0.32
C GLU A 37 2.51 -7.15 0.68
N ILE A 38 2.54 -6.12 -0.16
CA ILE A 38 1.74 -4.91 0.08
C ILE A 38 0.24 -5.22 -0.02
N ARG A 39 -0.17 -5.85 -1.12
CA ARG A 39 -1.56 -6.19 -1.33
C ARG A 39 -2.07 -7.15 -0.25
N GLU A 40 -1.56 -8.38 -0.29
CA GLU A 40 -1.97 -9.41 0.67
C GLU A 40 -2.19 -8.85 2.08
N ALA A 41 -1.47 -7.79 2.42
CA ALA A 41 -1.58 -7.18 3.74
C ALA A 41 -2.93 -6.50 3.96
N PHE A 42 -3.09 -5.31 3.40
CA PHE A 42 -4.32 -4.53 3.57
C PHE A 42 -5.46 -5.05 2.71
N LYS A 43 -5.14 -5.82 1.68
CA LYS A 43 -6.15 -6.38 0.78
C LYS A 43 -7.02 -7.40 1.50
N VAL A 44 -6.40 -8.24 2.34
CA VAL A 44 -7.15 -9.25 3.08
C VAL A 44 -8.01 -8.63 4.17
N PHE A 45 -7.51 -7.58 4.82
CA PHE A 45 -8.28 -6.91 5.88
C PHE A 45 -9.60 -6.40 5.34
N ASP A 46 -9.69 -6.28 4.01
CA ASP A 46 -10.90 -5.82 3.37
C ASP A 46 -11.98 -6.91 3.39
N ARG A 47 -12.91 -6.80 4.33
CA ARG A 47 -13.97 -7.79 4.47
C ARG A 47 -14.92 -7.78 3.29
N ASP A 48 -15.21 -6.59 2.75
CA ASP A 48 -16.12 -6.47 1.61
C ASP A 48 -15.42 -6.84 0.31
N GLY A 49 -14.09 -6.88 0.34
CA GLY A 49 -13.32 -7.24 -0.84
C GLY A 49 -13.62 -6.36 -2.04
N ASN A 50 -14.19 -5.18 -1.79
CA ASN A 50 -14.52 -4.25 -2.87
C ASN A 50 -13.29 -3.52 -3.37
N GLY A 51 -12.15 -3.77 -2.72
CA GLY A 51 -10.91 -3.13 -3.12
C GLY A 51 -10.58 -1.93 -2.26
N PHE A 52 -11.58 -1.38 -1.59
CA PHE A 52 -11.37 -0.21 -0.73
C PHE A 52 -11.60 -0.58 0.73
N ILE A 53 -10.66 -0.18 1.58
CA ILE A 53 -10.75 -0.48 3.01
C ILE A 53 -11.36 0.68 3.79
N SER A 54 -12.55 0.46 4.33
CA SER A 54 -13.25 1.49 5.10
C SER A 54 -12.60 1.68 6.45
N LYS A 55 -13.16 2.59 7.26
CA LYS A 55 -12.62 2.85 8.59
C LYS A 55 -12.75 1.63 9.49
N GLN A 56 -13.96 1.07 9.55
CA GLN A 56 -14.23 -0.10 10.38
C GLN A 56 -13.32 -1.26 10.00
N GLU A 57 -13.00 -1.37 8.71
CA GLU A 57 -12.13 -2.44 8.22
C GLU A 57 -10.67 -2.16 8.59
N LEU A 58 -10.24 -0.93 8.34
CA LEU A 58 -8.88 -0.51 8.65
C LEU A 58 -8.62 -0.66 10.14
N GLY A 59 -9.67 -0.56 10.94
CA GLY A 59 -9.54 -0.68 12.38
C GLY A 59 -9.04 -2.06 12.78
N THR A 60 -9.20 -3.02 11.87
CA THR A 60 -8.77 -4.39 12.12
C THR A 60 -7.30 -4.54 11.77
N ALA A 61 -6.86 -3.76 10.79
CA ALA A 61 -5.46 -3.79 10.35
C ALA A 61 -4.54 -3.27 11.45
N MET A 62 -4.88 -2.10 12.01
CA MET A 62 -4.09 -1.50 13.06
C MET A 62 -3.99 -2.40 14.30
N ARG A 63 -5.14 -2.84 14.80
CA ARG A 63 -5.17 -3.71 15.98
C ARG A 63 -4.38 -4.99 15.75
N SER A 64 -4.30 -5.43 14.50
CA SER A 64 -3.57 -6.64 14.16
C SER A 64 -2.12 -6.54 14.63
N LEU A 65 -1.54 -5.36 14.50
CA LEU A 65 -0.16 -5.13 14.91
C LEU A 65 -0.06 -4.98 16.43
N GLY A 66 -1.20 -4.71 17.06
CA GLY A 66 -1.23 -4.54 18.50
C GLY A 66 -1.65 -3.15 18.92
N TYR A 67 -2.20 -2.39 17.97
CA TYR A 67 -2.63 -1.03 18.23
C TYR A 67 -4.13 -0.89 18.00
N MET A 68 -4.93 -1.11 19.04
CA MET A 68 -6.38 -1.00 18.94
C MET A 68 -6.81 0.46 18.80
N PRO A 69 -7.35 0.85 17.63
CA PRO A 69 -7.81 2.22 17.39
C PRO A 69 -9.25 2.44 17.82
N ASN A 70 -9.50 3.55 18.51
CA ASN A 70 -10.85 3.87 18.97
C ASN A 70 -11.72 4.35 17.82
N GLU A 71 -12.99 4.59 18.11
CA GLU A 71 -13.94 5.05 17.10
C GLU A 71 -13.49 6.39 16.52
N VAL A 72 -12.80 7.18 17.32
CA VAL A 72 -12.31 8.49 16.89
C VAL A 72 -10.94 8.37 16.23
N GLU A 73 -10.21 7.32 16.58
CA GLU A 73 -8.87 7.11 16.03
C GLU A 73 -8.94 6.72 14.56
N LEU A 74 -9.70 5.68 14.25
CA LEU A 74 -9.84 5.20 12.87
C LEU A 74 -10.33 6.31 11.95
N GLU A 75 -10.82 7.40 12.53
CA GLU A 75 -11.31 8.53 11.74
C GLU A 75 -10.17 9.47 11.38
N VAL A 76 -9.20 9.60 12.28
CA VAL A 76 -8.06 10.49 12.04
C VAL A 76 -6.95 9.78 11.27
N ILE A 77 -6.87 8.46 11.40
CA ILE A 77 -5.86 7.68 10.71
C ILE A 77 -6.26 7.41 9.27
N ILE A 78 -7.57 7.44 9.00
CA ILE A 78 -8.09 7.19 7.66
C ILE A 78 -8.09 8.46 6.82
N GLN A 79 -8.14 9.62 7.47
CA GLN A 79 -8.15 10.89 6.74
C GLN A 79 -6.75 11.25 6.26
N ARG A 80 -5.73 10.60 6.83
CA ARG A 80 -4.36 10.85 6.45
C ARG A 80 -4.04 10.21 5.10
N LEU A 81 -4.51 8.98 4.93
CA LEU A 81 -4.30 8.24 3.68
C LEU A 81 -5.31 8.67 2.63
N ASP A 82 -6.56 8.87 3.06
CA ASP A 82 -7.63 9.27 2.16
C ASP A 82 -7.42 10.71 1.68
N MET A 83 -6.60 10.86 0.63
CA MET A 83 -6.30 12.17 0.08
C MET A 83 -7.44 12.69 -0.80
N ASP A 84 -7.96 11.82 -1.67
CA ASP A 84 -9.04 12.21 -2.57
C ASP A 84 -10.35 12.43 -1.81
N GLY A 85 -10.43 11.86 -0.61
CA GLY A 85 -11.62 12.03 0.22
C GLY A 85 -12.77 11.15 -0.21
N ASP A 86 -12.49 9.90 -0.54
CA ASP A 86 -13.52 8.96 -0.97
C ASP A 86 -14.10 8.20 0.22
N GLY A 87 -13.46 8.34 1.38
CA GLY A 87 -13.92 7.65 2.57
C GLY A 87 -13.13 6.39 2.85
N GLN A 88 -12.59 5.79 1.80
CA GLN A 88 -11.81 4.57 1.93
C GLN A 88 -10.40 4.76 1.35
N VAL A 89 -9.48 3.88 1.75
CA VAL A 89 -8.10 3.96 1.28
C VAL A 89 -7.87 3.04 0.08
N ASP A 90 -7.30 3.61 -0.98
CA ASP A 90 -7.03 2.86 -2.20
C ASP A 90 -5.60 2.31 -2.19
N PHE A 91 -5.40 1.19 -2.88
CA PHE A 91 -4.09 0.55 -2.95
C PHE A 91 -2.99 1.56 -3.33
N GLU A 92 -3.19 2.25 -4.45
CA GLU A 92 -2.23 3.23 -4.94
C GLU A 92 -1.77 4.18 -3.84
N GLU A 93 -2.71 4.91 -3.25
CA GLU A 93 -2.39 5.86 -2.18
C GLU A 93 -1.50 5.24 -1.11
N PHE A 94 -1.67 3.94 -0.86
CA PHE A 94 -0.89 3.25 0.15
C PHE A 94 0.41 2.68 -0.41
N VAL A 95 0.45 2.44 -1.71
CA VAL A 95 1.64 1.88 -2.35
C VAL A 95 2.79 2.89 -2.38
N THR A 96 2.44 4.18 -2.43
CA THR A 96 3.45 5.24 -2.46
C THR A 96 3.92 5.59 -1.06
N LEU A 97 2.98 5.67 -0.12
CA LEU A 97 3.30 6.01 1.26
C LEU A 97 4.41 5.11 1.82
N LEU A 98 4.48 3.88 1.33
CA LEU A 98 5.49 2.94 1.78
C LEU A 98 6.59 2.76 0.73
N GLY A 99 6.34 3.28 -0.47
CA GLY A 99 7.30 3.16 -1.54
C GLY A 99 8.26 4.35 -1.60
N PRO A 100 8.16 5.20 -2.65
CA PRO A 100 9.03 6.37 -2.79
C PRO A 100 8.89 7.34 -1.62
N MET A 1 33.88 -16.56 -40.36
CA MET A 1 34.19 -16.13 -41.74
C MET A 1 33.41 -16.96 -42.77
N PRO A 2 32.07 -16.83 -42.78
CA PRO A 2 31.22 -17.56 -43.71
C PRO A 2 31.19 -16.93 -45.10
N PHE A 3 31.51 -17.74 -46.11
CA PHE A 3 31.53 -17.26 -47.49
C PHE A 3 30.11 -16.94 -47.97
N HIS A 4 29.12 -17.52 -47.30
CA HIS A 4 27.72 -17.29 -47.66
C HIS A 4 27.11 -16.20 -46.78
N PRO A 5 26.22 -15.35 -47.35
CA PRO A 5 25.58 -14.27 -46.60
C PRO A 5 24.44 -14.77 -45.73
N VAL A 6 24.60 -14.63 -44.42
CA VAL A 6 23.59 -15.07 -43.47
C VAL A 6 23.13 -13.91 -42.58
N THR A 7 23.73 -12.74 -42.78
CA THR A 7 23.40 -11.56 -41.98
C THR A 7 23.28 -10.33 -42.86
N ALA A 8 22.23 -9.54 -42.63
CA ALA A 8 22.01 -8.32 -43.40
C ALA A 8 22.83 -7.16 -42.84
N ALA A 9 23.61 -6.53 -43.71
CA ALA A 9 24.45 -5.41 -43.30
C ALA A 9 23.62 -4.13 -43.17
N LEU A 10 22.35 -4.21 -43.56
CA LEU A 10 21.45 -3.07 -43.49
C LEU A 10 21.23 -2.64 -42.04
N MET A 11 20.64 -3.54 -41.25
CA MET A 11 20.38 -3.25 -39.84
C MET A 11 21.59 -3.62 -38.99
N TYR A 12 22.01 -2.68 -38.14
CA TYR A 12 23.16 -2.90 -37.27
C TYR A 12 22.73 -3.48 -35.92
N ARG A 13 21.43 -3.45 -35.67
CA ARG A 13 20.90 -3.99 -34.41
C ARG A 13 19.53 -4.64 -34.62
N GLY A 14 19.16 -5.52 -33.70
CA GLY A 14 17.88 -6.20 -33.79
C GLY A 14 17.52 -6.93 -32.51
N ILE A 15 18.17 -8.06 -32.27
CA ILE A 15 17.93 -8.85 -31.06
C ILE A 15 19.23 -9.14 -30.34
N TYR A 16 19.13 -9.35 -29.04
CA TYR A 16 20.32 -9.65 -28.26
C TYR A 16 19.95 -10.46 -27.01
N THR A 17 20.68 -11.55 -26.78
CA THR A 17 20.44 -12.41 -25.62
C THR A 17 21.28 -11.97 -24.43
N VAL A 18 20.79 -10.97 -23.71
CA VAL A 18 21.50 -10.45 -22.54
C VAL A 18 21.48 -11.46 -21.40
N PRO A 19 22.54 -11.46 -20.55
CA PRO A 19 22.64 -12.39 -19.42
C PRO A 19 21.65 -12.06 -18.31
N ASN A 20 21.71 -10.82 -17.83
CA ASN A 20 20.82 -10.38 -16.75
C ASN A 20 21.01 -8.88 -16.48
N LEU A 21 20.67 -8.05 -17.46
CA LEU A 21 20.81 -6.61 -17.32
C LEU A 21 19.53 -5.98 -16.77
N LEU A 22 18.62 -6.82 -16.28
CA LEU A 22 17.36 -6.35 -15.73
C LEU A 22 17.45 -6.22 -14.21
N SER A 23 18.18 -7.15 -13.59
CA SER A 23 18.35 -7.14 -12.14
C SER A 23 19.78 -6.77 -11.75
N GLU A 24 20.53 -6.24 -12.71
CA GLU A 24 21.92 -5.85 -12.47
C GLU A 24 22.17 -4.43 -12.96
N GLN A 25 21.13 -3.77 -13.48
CA GLN A 25 21.26 -2.41 -13.97
C GLN A 25 21.26 -1.40 -12.82
N ARG A 26 20.11 -0.81 -12.56
CA ARG A 26 19.98 0.17 -11.49
C ARG A 26 20.05 -0.51 -10.12
N PRO A 27 20.77 0.11 -9.15
CA PRO A 27 20.90 -0.45 -7.80
C PRO A 27 19.63 -0.30 -6.97
N VAL A 28 18.57 0.20 -7.61
CA VAL A 28 17.30 0.40 -6.93
C VAL A 28 16.12 -0.07 -7.79
N ASP A 29 15.63 -1.28 -7.50
CA ASP A 29 14.51 -1.86 -8.24
C ASP A 29 14.17 -3.24 -7.70
N ILE A 30 13.20 -3.30 -6.80
CA ILE A 30 12.77 -4.56 -6.21
C ILE A 30 11.72 -5.24 -7.08
N PRO A 31 11.90 -6.55 -7.38
CA PRO A 31 10.96 -7.30 -8.21
C PRO A 31 9.56 -7.35 -7.61
N GLU A 32 8.55 -7.40 -8.48
CA GLU A 32 7.15 -7.45 -8.05
C GLU A 32 6.91 -8.56 -7.03
N ASP A 33 7.84 -9.50 -6.94
CA ASP A 33 7.72 -10.61 -5.99
C ASP A 33 7.54 -10.10 -4.56
N GLU A 34 8.13 -8.94 -4.28
CA GLU A 34 8.04 -8.34 -2.95
C GLU A 34 6.84 -7.39 -2.87
N LEU A 35 6.36 -6.95 -4.03
CA LEU A 35 5.23 -6.03 -4.08
C LEU A 35 3.95 -6.72 -3.64
N GLU A 36 3.78 -7.99 -4.02
CA GLU A 36 2.59 -8.74 -3.65
C GLU A 36 2.42 -8.78 -2.13
N GLU A 37 3.54 -8.70 -1.43
CA GLU A 37 3.52 -8.72 0.03
C GLU A 37 2.77 -7.51 0.58
N ILE A 38 2.88 -6.39 -0.13
CA ILE A 38 2.21 -5.16 0.27
C ILE A 38 0.70 -5.34 0.27
N ARG A 39 0.18 -5.91 -0.82
CA ARG A 39 -1.24 -6.15 -0.96
C ARG A 39 -1.73 -7.14 0.07
N GLU A 40 -1.19 -8.36 0.03
CA GLU A 40 -1.59 -9.41 0.97
C GLU A 40 -1.80 -8.86 2.38
N ALA A 41 -1.08 -7.82 2.73
CA ALA A 41 -1.19 -7.22 4.05
C ALA A 41 -2.52 -6.49 4.26
N PHE A 42 -2.61 -5.25 3.78
CA PHE A 42 -3.81 -4.44 3.96
C PHE A 42 -4.95 -4.87 3.05
N LYS A 43 -4.62 -5.47 1.91
CA LYS A 43 -5.64 -5.92 0.97
C LYS A 43 -6.52 -7.02 1.57
N VAL A 44 -5.92 -7.96 2.31
CA VAL A 44 -6.71 -9.03 2.90
C VAL A 44 -7.62 -8.50 4.00
N PHE A 45 -7.18 -7.47 4.72
CA PHE A 45 -8.00 -6.88 5.77
C PHE A 45 -9.33 -6.39 5.19
N ASP A 46 -9.36 -6.21 3.88
CA ASP A 46 -10.56 -5.76 3.18
C ASP A 46 -11.54 -6.92 3.02
N ARG A 47 -12.46 -7.04 3.98
CA ARG A 47 -13.45 -8.11 3.97
C ARG A 47 -14.24 -8.13 2.67
N ASP A 48 -14.52 -6.96 2.12
CA ASP A 48 -15.28 -6.86 0.87
C ASP A 48 -14.40 -7.18 -0.33
N GLY A 49 -13.08 -7.08 -0.13
CA GLY A 49 -12.14 -7.36 -1.20
C GLY A 49 -12.39 -6.53 -2.44
N ASN A 50 -13.13 -5.43 -2.28
CA ASN A 50 -13.45 -4.56 -3.41
C ASN A 50 -12.23 -3.76 -3.85
N GLY A 51 -11.11 -3.94 -3.14
CA GLY A 51 -9.89 -3.24 -3.48
C GLY A 51 -9.69 -2.00 -2.66
N PHE A 52 -10.69 -1.65 -1.85
CA PHE A 52 -10.61 -0.47 -1.01
C PHE A 52 -10.90 -0.84 0.45
N ILE A 53 -10.20 -0.16 1.37
CA ILE A 53 -10.37 -0.42 2.79
C ILE A 53 -11.12 0.72 3.48
N SER A 54 -12.22 0.38 4.14
CA SER A 54 -13.02 1.38 4.85
C SER A 54 -12.47 1.60 6.26
N LYS A 55 -13.10 2.49 7.01
CA LYS A 55 -12.65 2.78 8.37
C LYS A 55 -12.79 1.56 9.27
N GLN A 56 -13.97 0.95 9.25
CA GLN A 56 -14.24 -0.23 10.09
C GLN A 56 -13.27 -1.37 9.79
N GLU A 57 -12.91 -1.52 8.52
CA GLU A 57 -12.01 -2.58 8.10
C GLU A 57 -10.57 -2.25 8.51
N LEU A 58 -10.16 -1.01 8.25
CA LEU A 58 -8.82 -0.56 8.60
C LEU A 58 -8.60 -0.68 10.10
N GLY A 59 -9.69 -0.62 10.86
CA GLY A 59 -9.61 -0.73 12.31
C GLY A 59 -9.11 -2.10 12.73
N THR A 60 -9.20 -3.06 11.82
CA THR A 60 -8.74 -4.42 12.09
C THR A 60 -7.27 -4.56 11.68
N ALA A 61 -6.84 -3.68 10.79
CA ALA A 61 -5.46 -3.70 10.33
C ALA A 61 -4.52 -3.14 11.39
N MET A 62 -4.90 -2.00 11.97
CA MET A 62 -4.10 -1.35 12.99
C MET A 62 -3.98 -2.21 14.25
N ARG A 63 -5.09 -2.83 14.66
CA ARG A 63 -5.08 -3.67 15.84
C ARG A 63 -4.10 -4.82 15.69
N SER A 64 -3.78 -5.16 14.44
CA SER A 64 -2.83 -6.22 14.15
C SER A 64 -1.41 -5.77 14.40
N LEU A 65 -1.27 -4.60 15.02
CA LEU A 65 0.04 -4.05 15.34
C LEU A 65 0.20 -3.85 16.83
N GLY A 66 -0.93 -3.80 17.54
CA GLY A 66 -0.92 -3.63 18.98
C GLY A 66 -1.60 -2.34 19.40
N TYR A 67 -2.42 -1.80 18.51
CA TYR A 67 -3.15 -0.56 18.79
C TYR A 67 -4.61 -0.70 18.39
N MET A 68 -5.51 -0.63 19.38
CA MET A 68 -6.94 -0.76 19.13
C MET A 68 -7.62 0.61 19.10
N PRO A 69 -7.90 1.14 17.89
CA PRO A 69 -8.57 2.45 17.74
C PRO A 69 -10.07 2.36 17.98
N ASN A 70 -10.65 3.45 18.47
CA ASN A 70 -12.09 3.50 18.72
C ASN A 70 -12.84 4.18 17.59
N GLU A 71 -14.12 4.45 17.83
CA GLU A 71 -14.98 5.09 16.82
C GLU A 71 -14.40 6.40 16.30
N VAL A 72 -13.89 7.24 17.20
CA VAL A 72 -13.34 8.54 16.80
C VAL A 72 -11.89 8.43 16.33
N GLU A 73 -11.23 7.34 16.70
CA GLU A 73 -9.83 7.13 16.30
C GLU A 73 -9.70 6.78 14.83
N LEU A 74 -10.38 5.72 14.40
CA LEU A 74 -10.32 5.28 13.00
C LEU A 74 -10.69 6.39 12.04
N GLU A 75 -11.29 7.46 12.54
CA GLU A 75 -11.70 8.58 11.70
C GLU A 75 -10.52 9.52 11.41
N VAL A 76 -9.65 9.71 12.39
CA VAL A 76 -8.50 10.59 12.22
C VAL A 76 -7.34 9.89 11.54
N ILE A 77 -7.30 8.56 11.66
CA ILE A 77 -6.23 7.76 11.06
C ILE A 77 -6.51 7.51 9.57
N ILE A 78 -7.78 7.49 9.21
CA ILE A 78 -8.18 7.24 7.82
C ILE A 78 -8.14 8.52 6.98
N GLN A 79 -8.28 9.67 7.62
CA GLN A 79 -8.27 10.93 6.89
C GLN A 79 -6.84 11.32 6.49
N ARG A 80 -5.87 10.59 7.03
CA ARG A 80 -4.47 10.85 6.72
C ARG A 80 -4.10 10.34 5.33
N LEU A 81 -4.46 9.09 5.06
CA LEU A 81 -4.18 8.47 3.76
C LEU A 81 -5.21 8.87 2.72
N ASP A 82 -6.48 8.90 3.13
CA ASP A 82 -7.57 9.27 2.23
C ASP A 82 -7.47 10.74 1.80
N MET A 83 -6.62 11.00 0.80
CA MET A 83 -6.42 12.35 0.30
C MET A 83 -7.57 12.80 -0.60
N ASP A 84 -8.03 11.90 -1.46
CA ASP A 84 -9.12 12.21 -2.38
C ASP A 84 -10.43 12.40 -1.62
N GLY A 85 -10.51 11.82 -0.43
CA GLY A 85 -11.70 11.94 0.39
C GLY A 85 -12.86 11.08 -0.08
N ASP A 86 -12.56 9.88 -0.56
CA ASP A 86 -13.60 8.98 -1.04
C ASP A 86 -14.17 8.14 0.10
N GLY A 87 -13.41 8.02 1.18
CA GLY A 87 -13.87 7.25 2.34
C GLY A 87 -13.05 5.98 2.55
N GLN A 88 -12.38 5.53 1.51
CA GLN A 88 -11.57 4.32 1.59
C GLN A 88 -10.14 4.58 1.10
N VAL A 89 -9.19 3.77 1.57
CA VAL A 89 -7.79 3.92 1.18
C VAL A 89 -7.51 3.09 -0.06
N ASP A 90 -7.02 3.74 -1.11
CA ASP A 90 -6.70 3.07 -2.36
C ASP A 90 -5.28 2.54 -2.36
N PHE A 91 -5.06 1.45 -3.09
CA PHE A 91 -3.74 0.82 -3.17
C PHE A 91 -2.64 1.86 -3.44
N GLU A 92 -2.82 2.66 -4.48
CA GLU A 92 -1.85 3.68 -4.85
C GLU A 92 -1.44 4.54 -3.66
N GLU A 93 -2.41 5.13 -2.99
CA GLU A 93 -2.15 5.99 -1.84
C GLU A 93 -1.26 5.29 -0.80
N PHE A 94 -1.45 3.98 -0.64
CA PHE A 94 -0.67 3.22 0.34
C PHE A 94 0.63 2.68 -0.27
N VAL A 95 0.71 2.63 -1.58
CA VAL A 95 1.91 2.12 -2.25
C VAL A 95 3.03 3.15 -2.22
N THR A 96 2.66 4.42 -2.15
CA THR A 96 3.63 5.51 -2.12
C THR A 96 4.14 5.74 -0.70
N LEU A 97 3.23 5.72 0.26
CA LEU A 97 3.60 5.94 1.66
C LEU A 97 4.41 4.76 2.20
N LEU A 98 4.40 3.66 1.46
CA LEU A 98 5.14 2.46 1.88
C LEU A 98 6.32 2.21 0.95
N GLY A 99 6.19 2.65 -0.31
CA GLY A 99 7.23 2.46 -1.28
C GLY A 99 7.55 3.74 -2.04
N PRO A 100 8.24 4.70 -1.39
CA PRO A 100 8.61 5.98 -2.02
C PRO A 100 9.44 5.77 -3.28
N MET A 1 -7.87 20.38 7.90
CA MET A 1 -8.68 20.11 6.68
C MET A 1 -10.17 20.05 7.02
N PRO A 2 -11.04 20.49 6.08
CA PRO A 2 -12.49 20.47 6.29
C PRO A 2 -13.08 19.08 6.13
N PHE A 3 -13.91 18.68 7.09
CA PHE A 3 -14.55 17.37 7.06
C PHE A 3 -15.58 17.30 5.94
N HIS A 4 -16.01 18.46 5.47
CA HIS A 4 -16.99 18.54 4.39
C HIS A 4 -16.32 18.41 3.02
N PRO A 5 -16.78 17.46 2.18
CA PRO A 5 -16.20 17.25 0.85
C PRO A 5 -16.29 18.50 -0.03
N VAL A 6 -15.20 18.82 -0.70
CA VAL A 6 -15.14 19.99 -1.57
C VAL A 6 -15.40 19.61 -3.03
N THR A 7 -15.88 20.58 -3.81
CA THR A 7 -16.16 20.35 -5.22
C THR A 7 -15.10 21.01 -6.10
N ALA A 8 -14.04 20.27 -6.40
CA ALA A 8 -12.95 20.78 -7.22
C ALA A 8 -12.84 20.00 -8.53
N ALA A 9 -12.59 20.71 -9.62
CA ALA A 9 -12.46 20.10 -10.93
C ALA A 9 -11.04 19.59 -11.17
N LEU A 10 -10.06 20.36 -10.70
CA LEU A 10 -8.66 19.99 -10.86
C LEU A 10 -8.06 19.54 -9.53
N MET A 11 -7.36 18.41 -9.54
CA MET A 11 -6.75 17.88 -8.33
C MET A 11 -5.24 17.74 -8.51
N TYR A 12 -4.66 18.59 -9.35
CA TYR A 12 -3.23 18.56 -9.61
C TYR A 12 -2.46 19.31 -8.52
N ARG A 13 -2.98 20.46 -8.12
CA ARG A 13 -2.35 21.27 -7.09
C ARG A 13 -2.45 20.60 -5.72
N GLY A 14 -3.45 19.74 -5.57
CA GLY A 14 -3.65 19.05 -4.31
C GLY A 14 -2.87 17.75 -4.24
N ILE A 15 -1.75 17.69 -4.95
CA ILE A 15 -0.92 16.49 -4.96
C ILE A 15 0.48 16.80 -5.48
N TYR A 16 1.47 16.08 -4.96
CA TYR A 16 2.86 16.26 -5.37
C TYR A 16 3.11 15.62 -6.73
N THR A 17 4.02 16.21 -7.49
CA THR A 17 4.36 15.72 -8.83
C THR A 17 5.53 14.74 -8.78
N VAL A 18 6.52 15.04 -7.96
CA VAL A 18 7.69 14.18 -7.83
C VAL A 18 7.30 12.77 -7.39
N PRO A 19 8.02 11.73 -7.86
CA PRO A 19 7.71 10.34 -7.50
C PRO A 19 7.61 10.13 -6.00
N ASN A 20 8.70 10.41 -5.29
CA ASN A 20 8.75 10.24 -3.84
C ASN A 20 10.11 10.65 -3.28
N LEU A 21 10.57 11.84 -3.65
CA LEU A 21 11.86 12.34 -3.17
C LEU A 21 11.75 12.83 -1.73
N LEU A 22 10.52 13.03 -1.26
CA LEU A 22 10.27 13.50 0.09
C LEU A 22 9.85 12.35 1.00
N SER A 23 9.69 11.16 0.41
CA SER A 23 9.29 9.98 1.17
C SER A 23 10.49 9.09 1.49
N GLU A 24 11.18 8.62 0.45
CA GLU A 24 12.34 7.76 0.62
C GLU A 24 13.60 8.41 0.07
N GLN A 25 13.45 9.14 -1.04
CA GLN A 25 14.57 9.83 -1.68
C GLN A 25 15.56 8.86 -2.33
N ARG A 26 15.44 7.58 -1.99
CA ARG A 26 16.33 6.57 -2.54
C ARG A 26 15.97 6.24 -4.00
N PRO A 27 16.98 6.14 -4.89
CA PRO A 27 16.76 5.84 -6.29
C PRO A 27 16.74 4.33 -6.58
N VAL A 28 15.64 3.67 -6.20
CA VAL A 28 15.49 2.24 -6.41
C VAL A 28 14.09 1.87 -6.86
N ASP A 29 13.91 0.60 -7.21
CA ASP A 29 12.63 0.10 -7.66
C ASP A 29 12.22 -1.15 -6.88
N ILE A 30 10.96 -1.21 -6.49
CA ILE A 30 10.45 -2.35 -5.73
C ILE A 30 9.83 -3.39 -6.66
N PRO A 31 10.44 -4.58 -6.78
CA PRO A 31 9.93 -5.65 -7.65
C PRO A 31 8.63 -6.25 -7.13
N GLU A 32 7.80 -6.74 -8.05
CA GLU A 32 6.51 -7.34 -7.70
C GLU A 32 6.59 -8.18 -6.42
N ASP A 33 7.67 -8.94 -6.28
CA ASP A 33 7.86 -9.80 -5.11
C ASP A 33 7.55 -9.07 -3.82
N GLU A 34 8.25 -7.96 -3.57
CA GLU A 34 8.04 -7.17 -2.36
C GLU A 34 6.70 -6.44 -2.42
N LEU A 35 6.22 -6.21 -3.64
CA LEU A 35 4.96 -5.51 -3.81
C LEU A 35 3.80 -6.33 -3.24
N GLU A 36 3.91 -7.66 -3.37
CA GLU A 36 2.89 -8.57 -2.86
C GLU A 36 2.68 -8.36 -1.37
N GLU A 37 3.76 -8.01 -0.68
CA GLU A 37 3.71 -7.77 0.76
C GLU A 37 2.84 -6.57 1.06
N ILE A 38 2.81 -5.62 0.13
CA ILE A 38 2.01 -4.41 0.29
C ILE A 38 0.52 -4.75 0.20
N ARG A 39 0.16 -5.55 -0.79
CA ARG A 39 -1.22 -5.95 -1.01
C ARG A 39 -1.69 -6.91 0.09
N GLU A 40 -1.16 -8.12 0.07
CA GLU A 40 -1.53 -9.14 1.04
C GLU A 40 -1.71 -8.55 2.44
N ALA A 41 -0.96 -7.50 2.75
CA ALA A 41 -1.03 -6.86 4.06
C ALA A 41 -2.40 -6.21 4.30
N PHE A 42 -2.55 -4.97 3.85
CA PHE A 42 -3.80 -4.23 4.06
C PHE A 42 -4.91 -4.66 3.12
N LYS A 43 -4.55 -5.16 1.94
CA LYS A 43 -5.54 -5.58 0.97
C LYS A 43 -6.41 -6.72 1.52
N VAL A 44 -5.83 -7.65 2.27
CA VAL A 44 -6.61 -8.74 2.83
C VAL A 44 -7.50 -8.25 3.97
N PHE A 45 -7.02 -7.27 4.73
CA PHE A 45 -7.82 -6.73 5.83
C PHE A 45 -9.17 -6.23 5.32
N ASP A 46 -9.24 -6.00 4.02
CA ASP A 46 -10.48 -5.54 3.38
C ASP A 46 -11.56 -6.61 3.51
N ARG A 47 -12.35 -6.51 4.57
CA ARG A 47 -13.41 -7.47 4.84
C ARG A 47 -14.36 -7.62 3.66
N ASP A 48 -14.78 -6.51 3.08
CA ASP A 48 -15.70 -6.54 1.94
C ASP A 48 -14.98 -6.88 0.64
N GLY A 49 -13.66 -6.70 0.63
CA GLY A 49 -12.87 -7.01 -0.55
C GLY A 49 -13.26 -6.18 -1.76
N ASN A 50 -13.94 -5.05 -1.52
CA ASN A 50 -14.36 -4.17 -2.60
C ASN A 50 -13.16 -3.54 -3.29
N GLY A 51 -11.98 -3.76 -2.71
CA GLY A 51 -10.77 -3.19 -3.26
C GLY A 51 -10.34 -1.97 -2.49
N PHE A 52 -11.23 -1.51 -1.61
CA PHE A 52 -10.97 -0.34 -0.78
C PHE A 52 -11.17 -0.69 0.69
N ILE A 53 -10.37 -0.08 1.56
CA ILE A 53 -10.46 -0.33 2.99
C ILE A 53 -11.15 0.82 3.71
N SER A 54 -12.31 0.54 4.30
CA SER A 54 -13.07 1.55 5.02
C SER A 54 -12.48 1.75 6.42
N LYS A 55 -13.08 2.67 7.19
CA LYS A 55 -12.60 2.96 8.54
C LYS A 55 -12.69 1.71 9.43
N GLN A 56 -13.91 1.19 9.59
CA GLN A 56 -14.15 0.02 10.43
C GLN A 56 -13.23 -1.14 10.05
N GLU A 57 -12.93 -1.27 8.76
CA GLU A 57 -12.07 -2.34 8.28
C GLU A 57 -10.62 -2.08 8.67
N LEU A 58 -10.17 -0.85 8.43
CA LEU A 58 -8.81 -0.45 8.77
C LEU A 58 -8.58 -0.61 10.27
N GLY A 59 -9.68 -0.55 11.04
CA GLY A 59 -9.59 -0.69 12.47
C GLY A 59 -9.20 -2.09 12.88
N THR A 60 -9.43 -3.05 11.98
CA THR A 60 -9.09 -4.44 12.24
C THR A 60 -7.61 -4.67 11.98
N ALA A 61 -7.04 -3.85 11.10
CA ALA A 61 -5.62 -3.93 10.77
C ALA A 61 -4.75 -3.54 11.95
N MET A 62 -5.03 -2.38 12.53
CA MET A 62 -4.28 -1.88 13.68
C MET A 62 -4.32 -2.84 14.86
N ARG A 63 -5.54 -3.23 15.26
CA ARG A 63 -5.70 -4.13 16.40
C ARG A 63 -4.90 -5.42 16.21
N SER A 64 -4.79 -5.87 14.96
CA SER A 64 -4.04 -7.08 14.65
C SER A 64 -2.61 -6.97 15.19
N LEU A 65 -2.04 -5.77 15.13
CA LEU A 65 -0.69 -5.53 15.62
C LEU A 65 -0.68 -5.33 17.13
N GLY A 66 -1.85 -5.02 17.68
CA GLY A 66 -1.96 -4.81 19.11
C GLY A 66 -2.41 -3.40 19.46
N TYR A 67 -3.05 -2.73 18.50
CA TYR A 67 -3.53 -1.37 18.71
C TYR A 67 -5.01 -1.26 18.35
N MET A 68 -5.87 -1.23 19.36
CA MET A 68 -7.30 -1.13 19.15
C MET A 68 -7.74 0.34 19.01
N PRO A 69 -8.14 0.76 17.79
CA PRO A 69 -8.59 2.13 17.55
C PRO A 69 -10.09 2.31 17.77
N ASN A 70 -10.47 3.45 18.31
CA ASN A 70 -11.88 3.74 18.57
C ASN A 70 -12.52 4.46 17.37
N GLU A 71 -13.80 4.76 17.48
CA GLU A 71 -14.52 5.44 16.40
C GLU A 71 -13.89 6.79 16.08
N VAL A 72 -13.17 7.35 17.04
CA VAL A 72 -12.51 8.65 16.84
C VAL A 72 -11.09 8.49 16.30
N GLU A 73 -10.50 7.31 16.51
CA GLU A 73 -9.14 7.05 16.06
C GLU A 73 -9.09 6.52 14.63
N LEU A 74 -9.83 5.44 14.37
CA LEU A 74 -9.84 4.83 13.05
C LEU A 74 -10.22 5.84 11.96
N GLU A 75 -10.76 6.98 12.37
CA GLU A 75 -11.15 8.04 11.45
C GLU A 75 -9.94 8.89 11.02
N VAL A 76 -9.15 9.31 12.00
CA VAL A 76 -7.97 10.13 11.73
C VAL A 76 -6.87 9.35 11.01
N ILE A 77 -6.91 8.04 11.13
CA ILE A 77 -5.91 7.19 10.48
C ILE A 77 -6.24 6.97 9.00
N ILE A 78 -7.53 7.04 8.69
CA ILE A 78 -7.99 6.84 7.32
C ILE A 78 -7.82 8.11 6.47
N GLN A 79 -7.82 9.26 7.12
CA GLN A 79 -7.70 10.53 6.41
C GLN A 79 -6.24 10.83 6.05
N ARG A 80 -5.33 10.04 6.59
CA ARG A 80 -3.90 10.23 6.32
C ARG A 80 -3.53 9.65 4.97
N LEU A 81 -4.21 8.57 4.60
CA LEU A 81 -3.96 7.90 3.32
C LEU A 81 -4.99 8.33 2.28
N ASP A 82 -6.24 8.48 2.72
CA ASP A 82 -7.32 8.90 1.84
C ASP A 82 -7.20 10.37 1.48
N MET A 83 -6.37 10.67 0.49
CA MET A 83 -6.15 12.03 0.04
C MET A 83 -7.31 12.55 -0.80
N ASP A 84 -7.84 11.68 -1.66
CA ASP A 84 -8.96 12.06 -2.53
C ASP A 84 -10.25 12.26 -1.74
N GLY A 85 -10.33 11.63 -0.57
CA GLY A 85 -11.50 11.77 0.27
C GLY A 85 -12.65 10.86 -0.14
N ASP A 86 -12.35 9.59 -0.41
CA ASP A 86 -13.38 8.64 -0.79
C ASP A 86 -13.82 7.80 0.40
N GLY A 87 -13.36 8.18 1.59
CA GLY A 87 -13.70 7.45 2.80
C GLY A 87 -12.89 6.19 2.98
N GLN A 88 -12.27 5.73 1.89
CA GLN A 88 -11.46 4.51 1.94
C GLN A 88 -10.07 4.75 1.35
N VAL A 89 -9.15 3.85 1.66
CA VAL A 89 -7.77 3.96 1.17
C VAL A 89 -7.59 3.18 -0.12
N ASP A 90 -7.09 3.84 -1.16
CA ASP A 90 -6.88 3.20 -2.45
C ASP A 90 -5.47 2.60 -2.53
N PHE A 91 -5.35 1.53 -3.31
CA PHE A 91 -4.08 0.84 -3.48
C PHE A 91 -2.95 1.81 -3.82
N GLU A 92 -3.14 2.58 -4.89
CA GLU A 92 -2.12 3.54 -5.33
C GLU A 92 -1.68 4.46 -4.20
N GLU A 93 -2.63 5.15 -3.58
CA GLU A 93 -2.32 6.05 -2.48
C GLU A 93 -1.50 5.35 -1.40
N PHE A 94 -1.63 4.04 -1.32
CA PHE A 94 -0.91 3.27 -0.30
C PHE A 94 0.46 2.80 -0.79
N VAL A 95 0.56 2.47 -2.08
CA VAL A 95 1.84 1.99 -2.63
C VAL A 95 2.90 3.07 -2.59
N THR A 96 2.47 4.32 -2.73
CA THR A 96 3.40 5.45 -2.71
C THR A 96 3.87 5.76 -1.29
N LEU A 97 2.92 5.82 -0.35
CA LEU A 97 3.23 6.11 1.04
C LEU A 97 4.12 5.02 1.65
N LEU A 98 4.19 3.88 0.97
CA LEU A 98 5.00 2.76 1.46
C LEU A 98 6.24 2.57 0.59
N GLY A 99 6.17 3.02 -0.65
CA GLY A 99 7.30 2.89 -1.55
C GLY A 99 6.93 2.24 -2.87
N PRO A 100 6.73 3.02 -3.94
CA PRO A 100 6.36 2.48 -5.26
C PRO A 100 7.53 1.77 -5.94
N MET A 1 8.04 13.89 -34.44
CA MET A 1 7.89 14.62 -33.15
C MET A 1 6.73 14.05 -32.33
N PRO A 2 6.88 12.80 -31.82
CA PRO A 2 5.85 12.15 -31.02
C PRO A 2 5.91 12.54 -29.55
N PHE A 3 6.87 13.41 -29.20
CA PHE A 3 7.03 13.86 -27.82
C PHE A 3 6.46 15.27 -27.63
N HIS A 4 5.73 15.74 -28.64
CA HIS A 4 5.13 17.07 -28.58
C HIS A 4 4.14 17.17 -27.42
N PRO A 5 3.89 18.40 -26.93
CA PRO A 5 2.96 18.61 -25.81
C PRO A 5 1.55 18.12 -26.14
N VAL A 6 0.79 17.81 -25.10
CA VAL A 6 -0.58 17.33 -25.27
C VAL A 6 -1.60 18.28 -24.68
N THR A 7 -2.66 18.55 -25.43
CA THR A 7 -3.72 19.45 -24.99
C THR A 7 -3.17 20.85 -24.68
N ALA A 8 -2.70 21.05 -23.46
CA ALA A 8 -2.16 22.34 -23.04
C ALA A 8 -1.21 22.18 -21.85
N ALA A 9 0.05 22.52 -22.06
CA ALA A 9 1.05 22.43 -21.00
C ALA A 9 0.77 23.43 -19.89
N LEU A 10 0.13 24.54 -20.25
CA LEU A 10 -0.20 25.58 -19.27
C LEU A 10 -1.60 25.36 -18.71
N MET A 11 -1.68 24.58 -17.63
CA MET A 11 -2.96 24.29 -17.00
C MET A 11 -2.93 24.68 -15.52
N TYR A 12 -4.10 25.01 -14.98
CA TYR A 12 -4.21 25.41 -13.59
C TYR A 12 -3.80 24.28 -12.64
N ARG A 13 -3.68 23.07 -13.19
CA ARG A 13 -3.29 21.91 -12.40
C ARG A 13 -2.81 20.77 -13.30
N GLY A 14 -1.87 19.99 -12.80
CA GLY A 14 -1.34 18.88 -13.57
C GLY A 14 -1.37 17.57 -12.80
N ILE A 15 -0.43 16.68 -13.10
CA ILE A 15 -0.36 15.39 -12.42
C ILE A 15 1.09 14.96 -12.22
N TYR A 16 1.34 14.28 -11.10
CA TYR A 16 2.69 13.80 -10.78
C TYR A 16 2.77 12.29 -10.93
N THR A 17 3.99 11.78 -11.07
CA THR A 17 4.22 10.35 -11.23
C THR A 17 5.52 9.92 -10.55
N VAL A 18 6.50 10.83 -10.52
CA VAL A 18 7.79 10.55 -9.91
C VAL A 18 7.88 11.14 -8.50
N PRO A 19 8.13 10.31 -7.48
CA PRO A 19 8.24 10.76 -6.10
C PRO A 19 9.66 11.18 -5.73
N ASN A 20 10.60 10.24 -5.86
CA ASN A 20 12.00 10.51 -5.55
C ASN A 20 12.91 10.05 -6.68
N LEU A 21 13.24 10.98 -7.58
CA LEU A 21 14.10 10.67 -8.71
C LEU A 21 15.21 11.71 -8.86
N LEU A 22 15.14 12.75 -8.03
CA LEU A 22 16.15 13.81 -8.05
C LEU A 22 17.53 13.26 -7.72
N SER A 23 17.57 12.15 -6.99
CA SER A 23 18.83 11.52 -6.61
C SER A 23 19.05 10.21 -7.35
N GLU A 24 18.05 9.33 -7.29
CA GLU A 24 18.15 8.03 -7.96
C GLU A 24 18.16 8.19 -9.47
N GLN A 25 17.72 9.36 -9.94
CA GLN A 25 17.67 9.66 -11.36
C GLN A 25 16.74 8.69 -12.10
N ARG A 26 17.30 7.56 -12.52
CA ARG A 26 16.54 6.54 -13.24
C ARG A 26 15.29 6.12 -12.45
N PRO A 27 14.24 5.67 -13.15
CA PRO A 27 12.99 5.25 -12.51
C PRO A 27 13.06 3.82 -11.97
N VAL A 28 14.25 3.42 -11.52
CA VAL A 28 14.44 2.08 -10.98
C VAL A 28 13.71 1.92 -9.64
N ASP A 29 13.53 0.67 -9.22
CA ASP A 29 12.86 0.38 -7.96
C ASP A 29 12.84 -1.12 -7.70
N ILE A 30 12.61 -1.49 -6.44
CA ILE A 30 12.56 -2.89 -6.05
C ILE A 30 11.45 -3.63 -6.80
N PRO A 31 11.73 -4.85 -7.30
CA PRO A 31 10.74 -5.66 -8.03
C PRO A 31 9.42 -5.76 -7.30
N GLU A 32 8.34 -5.90 -8.07
CA GLU A 32 6.99 -6.03 -7.53
C GLU A 32 6.91 -7.04 -6.39
N ASP A 33 7.94 -7.87 -6.26
CA ASP A 33 7.98 -8.88 -5.20
C ASP A 33 7.62 -8.28 -3.84
N GLU A 34 8.29 -7.19 -3.47
CA GLU A 34 8.04 -6.55 -2.18
C GLU A 34 6.68 -5.83 -2.19
N LEU A 35 6.17 -5.58 -3.39
CA LEU A 35 4.88 -4.90 -3.53
C LEU A 35 3.73 -5.86 -3.26
N GLU A 36 3.93 -7.13 -3.59
CA GLU A 36 2.90 -8.14 -3.39
C GLU A 36 2.58 -8.28 -1.90
N GLU A 37 3.61 -8.18 -1.07
CA GLU A 37 3.44 -8.29 0.38
C GLU A 37 2.51 -7.20 0.89
N ILE A 38 2.52 -6.06 0.21
CA ILE A 38 1.68 -4.92 0.59
C ILE A 38 0.21 -5.27 0.46
N ARG A 39 -0.13 -5.98 -0.61
CA ARG A 39 -1.50 -6.38 -0.88
C ARG A 39 -2.04 -7.31 0.20
N GLU A 40 -1.52 -8.53 0.25
CA GLU A 40 -1.97 -9.52 1.22
C GLU A 40 -2.23 -8.90 2.60
N ALA A 41 -1.49 -7.86 2.93
CA ALA A 41 -1.65 -7.20 4.23
C ALA A 41 -3.02 -6.55 4.38
N PHE A 42 -3.16 -5.34 3.87
CA PHE A 42 -4.41 -4.58 4.00
C PHE A 42 -5.50 -5.09 3.06
N LYS A 43 -5.11 -5.70 1.95
CA LYS A 43 -6.08 -6.20 0.98
C LYS A 43 -6.98 -7.27 1.60
N VAL A 44 -6.42 -8.11 2.47
CA VAL A 44 -7.22 -9.15 3.11
C VAL A 44 -8.13 -8.57 4.18
N PHE A 45 -7.67 -7.53 4.87
CA PHE A 45 -8.49 -6.90 5.90
C PHE A 45 -9.77 -6.34 5.29
N ASP A 46 -9.75 -6.16 3.97
CA ASP A 46 -10.91 -5.66 3.26
C ASP A 46 -11.99 -6.75 3.17
N ARG A 47 -12.83 -6.80 4.19
CA ARG A 47 -13.90 -7.79 4.26
C ARG A 47 -14.76 -7.79 3.00
N ASP A 48 -15.00 -6.60 2.44
CA ASP A 48 -15.82 -6.48 1.24
C ASP A 48 -15.03 -6.87 -0.01
N GLY A 49 -13.71 -6.84 0.10
CA GLY A 49 -12.85 -7.20 -1.02
C GLY A 49 -13.12 -6.35 -2.26
N ASN A 50 -13.80 -5.23 -2.07
CA ASN A 50 -14.13 -4.34 -3.18
C ASN A 50 -12.89 -3.59 -3.66
N GLY A 51 -11.75 -3.83 -3.01
CA GLY A 51 -10.52 -3.17 -3.39
C GLY A 51 -10.21 -1.97 -2.51
N PHE A 52 -11.22 -1.48 -1.81
CA PHE A 52 -11.04 -0.32 -0.93
C PHE A 52 -11.25 -0.72 0.52
N ILE A 53 -10.58 -0.01 1.43
CA ILE A 53 -10.69 -0.30 2.85
C ILE A 53 -11.25 0.91 3.62
N SER A 54 -12.37 0.68 4.30
CA SER A 54 -13.03 1.74 5.07
C SER A 54 -12.37 1.87 6.44
N LYS A 55 -12.88 2.78 7.26
CA LYS A 55 -12.33 3.00 8.60
C LYS A 55 -12.54 1.77 9.48
N GLN A 56 -13.77 1.26 9.52
CA GLN A 56 -14.11 0.10 10.32
C GLN A 56 -13.20 -1.09 9.98
N GLU A 57 -12.93 -1.26 8.70
CA GLU A 57 -12.08 -2.36 8.24
C GLU A 57 -10.62 -2.09 8.63
N LEU A 58 -10.18 -0.86 8.39
CA LEU A 58 -8.82 -0.46 8.71
C LEU A 58 -8.56 -0.61 10.21
N GLY A 59 -9.64 -0.51 11.00
CA GLY A 59 -9.52 -0.65 12.44
C GLY A 59 -9.10 -2.04 12.85
N THR A 60 -9.31 -3.00 11.95
CA THR A 60 -8.94 -4.39 12.21
C THR A 60 -7.48 -4.62 11.83
N ALA A 61 -6.99 -3.80 10.90
CA ALA A 61 -5.61 -3.90 10.44
C ALA A 61 -4.63 -3.44 11.51
N MET A 62 -4.92 -2.27 12.09
CA MET A 62 -4.06 -1.71 13.13
C MET A 62 -3.99 -2.61 14.37
N ARG A 63 -5.15 -3.02 14.87
CA ARG A 63 -5.21 -3.87 16.06
C ARG A 63 -4.35 -5.13 15.87
N SER A 64 -4.29 -5.61 14.63
CA SER A 64 -3.51 -6.80 14.32
C SER A 64 -2.05 -6.59 14.69
N LEU A 65 -1.53 -5.40 14.41
CA LEU A 65 -0.14 -5.08 14.72
C LEU A 65 0.03 -4.80 16.21
N GLY A 66 -1.08 -4.51 16.89
CA GLY A 66 -1.03 -4.23 18.32
C GLY A 66 -1.49 -2.82 18.64
N TYR A 67 -2.17 -2.19 17.69
CA TYR A 67 -2.67 -0.83 17.89
C TYR A 67 -4.19 -0.80 17.72
N MET A 68 -4.90 -0.78 18.84
CA MET A 68 -6.37 -0.75 18.82
C MET A 68 -6.88 0.69 18.70
N PRO A 69 -7.43 1.07 17.53
CA PRO A 69 -7.95 2.42 17.30
C PRO A 69 -9.42 2.55 17.71
N ASN A 70 -9.74 3.64 18.39
CA ASN A 70 -11.11 3.90 18.83
C ASN A 70 -11.97 4.39 17.68
N GLU A 71 -13.26 4.56 17.94
CA GLU A 71 -14.19 5.03 16.91
C GLU A 71 -13.76 6.39 16.38
N VAL A 72 -13.06 7.15 17.22
CA VAL A 72 -12.59 8.48 16.83
C VAL A 72 -11.21 8.41 16.18
N GLU A 73 -10.48 7.35 16.47
CA GLU A 73 -9.13 7.18 15.91
C GLU A 73 -9.19 6.76 14.45
N LEU A 74 -9.91 5.67 14.17
CA LEU A 74 -10.02 5.17 12.81
C LEU A 74 -10.50 6.24 11.84
N GLU A 75 -11.04 7.33 12.39
CA GLU A 75 -11.53 8.43 11.56
C GLU A 75 -10.39 9.31 11.05
N VAL A 76 -9.37 9.51 11.89
CA VAL A 76 -8.24 10.34 11.52
C VAL A 76 -7.12 9.54 10.84
N ILE A 77 -6.88 8.32 11.32
CA ILE A 77 -5.83 7.48 10.75
C ILE A 77 -6.08 7.23 9.27
N ILE A 78 -7.35 7.05 8.91
CA ILE A 78 -7.73 6.80 7.53
C ILE A 78 -7.51 8.03 6.64
N GLN A 79 -7.64 9.21 7.22
CA GLN A 79 -7.47 10.45 6.46
C GLN A 79 -6.01 10.68 6.08
N ARG A 80 -5.11 9.92 6.70
CA ARG A 80 -3.69 10.06 6.42
C ARG A 80 -3.34 9.53 5.04
N LEU A 81 -4.08 8.50 4.62
CA LEU A 81 -3.85 7.89 3.31
C LEU A 81 -4.88 8.36 2.28
N ASP A 82 -6.12 8.54 2.74
CA ASP A 82 -7.19 8.96 1.86
C ASP A 82 -6.94 10.38 1.32
N MET A 83 -6.22 10.44 0.20
CA MET A 83 -5.89 11.71 -0.43
C MET A 83 -7.13 12.43 -0.95
N ASP A 84 -7.85 11.79 -1.87
CA ASP A 84 -9.06 12.38 -2.45
C ASP A 84 -10.18 12.49 -1.42
N GLY A 85 -10.10 11.68 -0.38
CA GLY A 85 -11.10 11.71 0.67
C GLY A 85 -12.40 11.02 0.28
N ASP A 86 -12.29 9.83 -0.32
CA ASP A 86 -13.47 9.08 -0.72
C ASP A 86 -13.93 8.16 0.41
N GLY A 87 -13.39 8.38 1.60
CA GLY A 87 -13.75 7.57 2.74
C GLY A 87 -13.00 6.25 2.78
N GLN A 88 -12.40 5.89 1.64
CA GLN A 88 -11.66 4.64 1.53
C GLN A 88 -10.28 4.89 0.95
N VAL A 89 -9.36 3.96 1.16
CA VAL A 89 -7.99 4.09 0.65
C VAL A 89 -7.71 3.05 -0.45
N ASP A 90 -7.19 3.53 -1.57
CA ASP A 90 -6.86 2.66 -2.69
C ASP A 90 -5.45 2.10 -2.56
N PHE A 91 -5.22 0.94 -3.18
CA PHE A 91 -3.91 0.29 -3.13
C PHE A 91 -2.79 1.25 -3.50
N GLU A 92 -2.88 1.83 -4.69
CA GLU A 92 -1.87 2.77 -5.19
C GLU A 92 -1.45 3.79 -4.13
N GLU A 93 -2.42 4.55 -3.63
CA GLU A 93 -2.14 5.57 -2.62
C GLU A 93 -1.30 5.01 -1.47
N PHE A 94 -1.44 3.72 -1.21
CA PHE A 94 -0.71 3.08 -0.11
C PHE A 94 0.67 2.58 -0.55
N VAL A 95 0.84 2.31 -1.84
CA VAL A 95 2.11 1.81 -2.36
C VAL A 95 3.20 2.88 -2.30
N THR A 96 2.79 4.15 -2.45
CA THR A 96 3.74 5.25 -2.42
C THR A 96 4.10 5.64 -0.99
N LEU A 97 3.09 5.76 -0.14
CA LEU A 97 3.31 6.14 1.25
C LEU A 97 4.16 5.09 1.98
N LEU A 98 4.16 3.87 1.44
CA LEU A 98 4.93 2.79 2.02
C LEU A 98 6.17 2.49 1.18
N GLY A 99 6.17 2.98 -0.05
CA GLY A 99 7.30 2.77 -0.93
C GLY A 99 8.36 3.85 -0.80
N PRO A 100 9.50 3.72 -1.53
CA PRO A 100 10.58 4.71 -1.47
C PRO A 100 10.10 6.11 -1.83
N MET A 1 -7.09 -34.44 -4.34
CA MET A 1 -7.05 -34.08 -5.78
C MET A 1 -8.08 -32.99 -6.10
N PRO A 2 -7.74 -31.71 -5.83
CA PRO A 2 -8.64 -30.58 -6.09
C PRO A 2 -9.01 -30.48 -7.57
N PHE A 3 -10.16 -29.85 -7.83
CA PHE A 3 -10.64 -29.67 -9.20
C PHE A 3 -9.82 -28.63 -9.95
N HIS A 4 -8.93 -27.96 -9.23
CA HIS A 4 -8.08 -26.93 -9.83
C HIS A 4 -7.13 -27.55 -10.85
N PRO A 5 -6.74 -26.77 -11.89
CA PRO A 5 -5.82 -27.25 -12.92
C PRO A 5 -4.38 -27.31 -12.44
N VAL A 6 -3.58 -28.16 -13.08
CA VAL A 6 -2.18 -28.33 -12.71
C VAL A 6 -1.26 -27.61 -13.71
N THR A 7 -1.82 -26.60 -14.39
CA THR A 7 -1.06 -25.82 -15.35
C THR A 7 0.16 -25.17 -14.72
N ALA A 8 1.35 -25.65 -15.08
CA ALA A 8 2.59 -25.12 -14.54
C ALA A 8 2.90 -23.74 -15.12
N ALA A 9 4.06 -23.20 -14.76
CA ALA A 9 4.46 -21.89 -15.25
C ALA A 9 4.74 -21.92 -16.75
N LEU A 10 5.82 -22.58 -17.15
CA LEU A 10 6.17 -22.68 -18.55
C LEU A 10 5.76 -24.03 -19.13
N MET A 11 6.56 -25.06 -18.86
CA MET A 11 6.28 -26.41 -19.35
C MET A 11 6.34 -26.46 -20.88
N TYR A 12 6.71 -25.34 -21.50
CA TYR A 12 6.81 -25.28 -22.95
C TYR A 12 8.21 -25.66 -23.42
N ARG A 13 9.21 -24.92 -22.93
CA ARG A 13 10.60 -25.18 -23.29
C ARG A 13 11.40 -25.64 -22.07
N GLY A 14 12.51 -26.33 -22.33
CA GLY A 14 13.35 -26.82 -21.25
C GLY A 14 14.75 -26.27 -21.30
N ILE A 15 14.88 -24.99 -21.65
CA ILE A 15 16.17 -24.35 -21.74
C ILE A 15 16.02 -22.82 -21.82
N TYR A 16 16.90 -22.10 -21.15
CA TYR A 16 16.87 -20.65 -21.16
C TYR A 16 18.26 -20.06 -21.39
N THR A 17 18.36 -19.15 -22.35
CA THR A 17 19.62 -18.51 -22.67
C THR A 17 19.40 -17.18 -23.37
N VAL A 18 19.33 -16.11 -22.58
CA VAL A 18 19.12 -14.77 -23.12
C VAL A 18 20.25 -14.36 -24.05
N PRO A 19 19.98 -14.28 -25.38
CA PRO A 19 20.99 -13.90 -26.37
C PRO A 19 21.31 -12.41 -26.33
N ASN A 20 20.27 -11.59 -26.43
CA ASN A 20 20.44 -10.14 -26.41
C ASN A 20 19.37 -9.48 -25.55
N LEU A 21 19.76 -9.04 -24.36
CA LEU A 21 18.84 -8.40 -23.44
C LEU A 21 19.48 -7.15 -22.82
N LEU A 22 20.68 -6.82 -23.28
CA LEU A 22 21.41 -5.66 -22.78
C LEU A 22 20.75 -4.36 -23.25
N SER A 23 20.28 -4.36 -24.50
CA SER A 23 19.64 -3.19 -25.07
C SER A 23 18.13 -3.38 -25.19
N GLU A 24 17.64 -4.50 -24.67
CA GLU A 24 16.22 -4.83 -24.71
C GLU A 24 15.57 -4.61 -23.36
N GLN A 25 16.03 -3.58 -22.64
CA GLN A 25 15.50 -3.24 -21.32
C GLN A 25 15.83 -4.33 -20.30
N ARG A 26 16.64 -3.96 -19.31
CA ARG A 26 17.03 -4.89 -18.26
C ARG A 26 16.18 -4.70 -17.01
N PRO A 27 16.03 -5.76 -16.20
CA PRO A 27 15.23 -5.70 -14.96
C PRO A 27 15.87 -4.80 -13.91
N VAL A 28 15.16 -3.72 -13.55
CA VAL A 28 15.66 -2.77 -12.56
C VAL A 28 14.72 -2.68 -11.37
N ASP A 29 15.18 -2.02 -10.31
CA ASP A 29 14.39 -1.85 -9.10
C ASP A 29 14.04 -3.21 -8.49
N ILE A 30 13.16 -3.19 -7.49
CA ILE A 30 12.74 -4.42 -6.83
C ILE A 30 11.60 -5.08 -7.60
N PRO A 31 11.71 -6.39 -7.87
CA PRO A 31 10.67 -7.13 -8.61
C PRO A 31 9.34 -7.13 -7.87
N GLU A 32 8.25 -7.19 -8.64
CA GLU A 32 6.89 -7.21 -8.10
C GLU A 32 6.73 -8.22 -6.97
N ASP A 33 7.72 -9.11 -6.82
CA ASP A 33 7.69 -10.11 -5.77
C ASP A 33 7.47 -9.47 -4.40
N GLU A 34 7.99 -8.25 -4.22
CA GLU A 34 7.84 -7.54 -2.95
C GLU A 34 6.51 -6.80 -2.90
N LEU A 35 5.95 -6.52 -4.07
CA LEU A 35 4.67 -5.81 -4.15
C LEU A 35 3.56 -6.64 -3.53
N GLU A 36 3.67 -7.96 -3.68
CA GLU A 36 2.68 -8.86 -3.12
C GLU A 36 2.59 -8.71 -1.60
N GLU A 37 3.70 -8.32 -0.99
CA GLU A 37 3.75 -8.14 0.46
C GLU A 37 2.91 -6.94 0.88
N ILE A 38 2.84 -5.94 0.01
CA ILE A 38 2.06 -4.74 0.27
C ILE A 38 0.57 -5.06 0.31
N ARG A 39 0.07 -5.60 -0.79
CA ARG A 39 -1.33 -5.96 -0.92
C ARG A 39 -1.74 -6.99 0.11
N GLU A 40 -1.12 -8.18 0.05
CA GLU A 40 -1.44 -9.25 0.98
C GLU A 40 -1.70 -8.72 2.40
N ALA A 41 -0.99 -7.66 2.77
CA ALA A 41 -1.15 -7.08 4.10
C ALA A 41 -2.52 -6.45 4.33
N PHE A 42 -2.70 -5.22 3.86
CA PHE A 42 -3.95 -4.50 4.07
C PHE A 42 -5.05 -4.94 3.12
N LYS A 43 -4.67 -5.45 1.95
CA LYS A 43 -5.65 -5.90 0.98
C LYS A 43 -6.50 -7.04 1.53
N VAL A 44 -5.89 -7.96 2.28
CA VAL A 44 -6.65 -9.07 2.85
C VAL A 44 -7.59 -8.57 3.95
N PHE A 45 -7.17 -7.56 4.71
CA PHE A 45 -8.01 -7.02 5.77
C PHE A 45 -9.33 -6.52 5.19
N ASP A 46 -9.35 -6.31 3.87
CA ASP A 46 -10.55 -5.84 3.19
C ASP A 46 -11.58 -6.98 3.13
N ARG A 47 -12.40 -7.07 4.16
CA ARG A 47 -13.42 -8.11 4.27
C ARG A 47 -14.34 -8.17 3.04
N ASP A 48 -14.75 -7.02 2.54
CA ASP A 48 -15.65 -6.98 1.38
C ASP A 48 -14.87 -7.20 0.09
N GLY A 49 -13.55 -6.98 0.15
CA GLY A 49 -12.70 -7.17 -1.01
C GLY A 49 -13.08 -6.29 -2.18
N ASN A 50 -13.72 -5.15 -1.90
CA ASN A 50 -14.13 -4.23 -2.96
C ASN A 50 -12.93 -3.48 -3.52
N GLY A 51 -11.78 -3.62 -2.87
CA GLY A 51 -10.57 -2.95 -3.32
C GLY A 51 -10.17 -1.79 -2.43
N PHE A 52 -11.13 -1.28 -1.66
CA PHE A 52 -10.87 -0.16 -0.76
C PHE A 52 -11.14 -0.57 0.68
N ILE A 53 -10.29 -0.11 1.60
CA ILE A 53 -10.44 -0.45 3.02
C ILE A 53 -11.12 0.68 3.78
N SER A 54 -12.33 0.41 4.27
CA SER A 54 -13.09 1.40 5.03
C SER A 54 -12.47 1.63 6.40
N LYS A 55 -13.05 2.55 7.17
CA LYS A 55 -12.55 2.86 8.51
C LYS A 55 -12.63 1.65 9.43
N GLN A 56 -13.82 1.10 9.58
CA GLN A 56 -14.05 -0.05 10.46
C GLN A 56 -13.16 -1.23 10.07
N GLU A 57 -12.85 -1.35 8.78
CA GLU A 57 -12.01 -2.44 8.30
C GLU A 57 -10.55 -2.23 8.72
N LEU A 58 -10.05 -1.03 8.48
CA LEU A 58 -8.67 -0.69 8.84
C LEU A 58 -8.49 -0.82 10.35
N GLY A 59 -9.60 -0.73 11.08
CA GLY A 59 -9.56 -0.84 12.52
C GLY A 59 -9.13 -2.21 12.98
N THR A 60 -9.31 -3.19 12.10
CA THR A 60 -8.92 -4.56 12.41
C THR A 60 -7.44 -4.75 12.16
N ALA A 61 -6.93 -4.01 11.18
CA ALA A 61 -5.51 -4.06 10.83
C ALA A 61 -4.64 -3.50 11.96
N MET A 62 -5.04 -2.34 12.49
CA MET A 62 -4.30 -1.69 13.56
C MET A 62 -4.32 -2.51 14.85
N ARG A 63 -5.51 -2.91 15.29
CA ARG A 63 -5.65 -3.69 16.51
C ARG A 63 -4.80 -4.96 16.44
N SER A 64 -4.64 -5.50 15.24
CA SER A 64 -3.85 -6.71 15.03
C SER A 64 -2.44 -6.53 15.60
N LEU A 65 -1.92 -5.30 15.49
CA LEU A 65 -0.58 -5.00 15.99
C LEU A 65 -0.59 -4.82 17.51
N GLY A 66 -1.78 -4.56 18.05
CA GLY A 66 -1.92 -4.36 19.49
C GLY A 66 -2.41 -2.98 19.84
N TYR A 67 -2.91 -2.25 18.85
CA TYR A 67 -3.43 -0.90 19.06
C TYR A 67 -4.91 -0.85 18.70
N MET A 68 -5.77 -0.83 19.73
CA MET A 68 -7.21 -0.77 19.53
C MET A 68 -7.70 0.67 19.40
N PRO A 69 -8.11 1.10 18.19
CA PRO A 69 -8.59 2.45 17.96
C PRO A 69 -10.10 2.58 18.16
N ASN A 70 -10.54 3.71 18.68
CA ASN A 70 -11.95 3.95 18.92
C ASN A 70 -12.65 4.38 17.64
N GLU A 71 -13.97 4.47 17.67
CA GLU A 71 -14.74 4.89 16.51
C GLU A 71 -14.34 6.30 16.08
N VAL A 72 -13.74 7.04 17.01
CA VAL A 72 -13.31 8.40 16.74
C VAL A 72 -11.87 8.44 16.23
N GLU A 73 -11.13 7.36 16.49
CA GLU A 73 -9.74 7.28 16.09
C GLU A 73 -9.57 6.74 14.67
N LEU A 74 -10.14 5.57 14.40
CA LEU A 74 -10.03 4.95 13.08
C LEU A 74 -10.54 5.90 11.98
N GLU A 75 -11.25 6.93 12.38
CA GLU A 75 -11.78 7.90 11.43
C GLU A 75 -10.75 8.98 11.10
N VAL A 76 -9.93 9.34 12.07
CA VAL A 76 -8.91 10.35 11.87
C VAL A 76 -7.64 9.77 11.24
N ILE A 77 -7.48 8.46 11.37
CA ILE A 77 -6.32 7.78 10.81
C ILE A 77 -6.51 7.51 9.32
N ILE A 78 -7.77 7.42 8.90
CA ILE A 78 -8.09 7.16 7.51
C ILE A 78 -7.87 8.41 6.63
N GLN A 79 -8.04 9.59 7.22
CA GLN A 79 -7.87 10.83 6.46
C GLN A 79 -6.40 11.18 6.29
N ARG A 80 -5.53 10.45 6.97
CA ARG A 80 -4.09 10.69 6.88
C ARG A 80 -3.51 10.09 5.60
N LEU A 81 -4.07 8.95 5.19
CA LEU A 81 -3.61 8.27 3.98
C LEU A 81 -4.54 8.56 2.81
N ASP A 82 -5.84 8.66 3.09
CA ASP A 82 -6.83 8.94 2.06
C ASP A 82 -6.75 10.41 1.61
N MET A 83 -5.88 10.67 0.64
CA MET A 83 -5.68 12.00 0.12
C MET A 83 -6.99 12.64 -0.33
N ASP A 84 -7.70 11.96 -1.24
CA ASP A 84 -8.96 12.47 -1.75
C ASP A 84 -10.04 12.45 -0.67
N GLY A 85 -9.83 11.62 0.35
CA GLY A 85 -10.77 11.52 1.45
C GLY A 85 -12.09 10.87 1.07
N ASP A 86 -12.02 9.73 0.38
CA ASP A 86 -13.22 9.02 -0.03
C ASP A 86 -13.70 8.07 1.06
N GLY A 87 -13.14 8.23 2.26
CA GLY A 87 -13.51 7.37 3.37
C GLY A 87 -12.78 6.04 3.35
N GLN A 88 -12.16 5.73 2.22
CA GLN A 88 -11.41 4.48 2.06
C GLN A 88 -10.05 4.74 1.44
N VAL A 89 -9.04 4.05 1.95
CA VAL A 89 -7.67 4.19 1.44
C VAL A 89 -7.46 3.36 0.17
N ASP A 90 -6.93 4.02 -0.86
CA ASP A 90 -6.68 3.35 -2.14
C ASP A 90 -5.26 2.78 -2.18
N PHE A 91 -5.10 1.69 -2.93
CA PHE A 91 -3.81 1.02 -3.06
C PHE A 91 -2.70 2.01 -3.44
N GLU A 92 -2.90 2.72 -4.55
CA GLU A 92 -1.91 3.68 -5.04
C GLU A 92 -1.39 4.58 -3.92
N GLU A 93 -2.30 5.26 -3.23
CA GLU A 93 -1.93 6.16 -2.14
C GLU A 93 -0.95 5.48 -1.16
N PHE A 94 -1.13 4.18 -0.95
CA PHE A 94 -0.28 3.43 -0.03
C PHE A 94 0.95 2.84 -0.74
N VAL A 95 0.87 2.69 -2.06
CA VAL A 95 1.98 2.12 -2.82
C VAL A 95 3.11 3.13 -2.98
N THR A 96 2.77 4.41 -2.98
CA THR A 96 3.77 5.46 -3.12
C THR A 96 4.42 5.78 -1.78
N LEU A 97 3.59 5.89 -0.74
CA LEU A 97 4.09 6.20 0.59
C LEU A 97 4.99 5.08 1.12
N LEU A 98 4.92 3.92 0.47
CA LEU A 98 5.72 2.76 0.86
C LEU A 98 6.78 2.45 -0.20
N GLY A 99 6.49 2.82 -1.43
CA GLY A 99 7.42 2.57 -2.53
C GLY A 99 7.47 3.72 -3.52
N PRO A 100 8.49 4.60 -3.43
CA PRO A 100 8.63 5.73 -4.34
C PRO A 100 8.97 5.31 -5.76
N MET A 1 36.62 -39.18 -23.60
CA MET A 1 35.18 -39.22 -23.93
C MET A 1 34.80 -40.57 -24.56
N PRO A 2 33.58 -41.06 -24.28
CA PRO A 2 33.11 -42.34 -24.81
C PRO A 2 32.71 -42.25 -26.29
N PHE A 3 32.91 -43.35 -27.02
CA PHE A 3 32.57 -43.38 -28.44
C PHE A 3 31.08 -43.65 -28.63
N HIS A 4 30.31 -43.56 -27.55
CA HIS A 4 28.88 -43.79 -27.61
C HIS A 4 28.11 -42.47 -27.57
N PRO A 5 27.63 -41.98 -28.74
CA PRO A 5 26.88 -40.72 -28.82
C PRO A 5 25.45 -40.86 -28.30
N VAL A 6 24.82 -39.72 -28.04
CA VAL A 6 23.45 -39.70 -27.54
C VAL A 6 22.49 -39.23 -28.62
N THR A 7 22.87 -38.15 -29.29
CA THR A 7 22.04 -37.58 -30.35
C THR A 7 22.89 -36.76 -31.33
N ALA A 8 23.52 -35.70 -30.81
CA ALA A 8 24.37 -34.84 -31.63
C ALA A 8 25.13 -33.86 -30.76
N ALA A 9 26.13 -33.20 -31.35
CA ALA A 9 26.94 -32.22 -30.63
C ALA A 9 26.07 -31.12 -30.04
N LEU A 10 25.52 -30.28 -30.91
CA LEU A 10 24.66 -29.18 -30.49
C LEU A 10 23.21 -29.46 -30.87
N MET A 11 22.31 -29.37 -29.89
CA MET A 11 20.90 -29.61 -30.13
C MET A 11 20.09 -28.33 -30.01
N TYR A 12 18.77 -28.47 -29.96
CA TYR A 12 17.89 -27.31 -29.85
C TYR A 12 18.22 -26.48 -28.61
N ARG A 13 18.29 -27.15 -27.47
CA ARG A 13 18.61 -26.47 -26.21
C ARG A 13 17.64 -25.33 -25.94
N GLY A 14 16.45 -25.67 -25.45
CA GLY A 14 15.44 -24.67 -25.16
C GLY A 14 15.45 -24.28 -23.70
N ILE A 15 16.24 -23.26 -23.35
CA ILE A 15 16.33 -22.79 -21.99
C ILE A 15 16.15 -21.28 -21.90
N TYR A 16 15.34 -20.84 -20.93
CA TYR A 16 15.07 -19.42 -20.72
C TYR A 16 14.81 -18.70 -22.04
N THR A 17 13.63 -18.92 -22.60
CA THR A 17 13.25 -18.29 -23.87
C THR A 17 12.34 -17.10 -23.64
N VAL A 18 12.92 -15.90 -23.68
CA VAL A 18 12.15 -14.68 -23.47
C VAL A 18 11.66 -14.11 -24.80
N PRO A 19 10.33 -13.99 -24.98
CA PRO A 19 9.73 -13.46 -26.22
C PRO A 19 9.99 -11.96 -26.38
N ASN A 20 9.54 -11.19 -25.41
CA ASN A 20 9.71 -9.74 -25.45
C ASN A 20 10.44 -9.25 -24.19
N LEU A 21 11.71 -8.89 -24.35
CA LEU A 21 12.50 -8.40 -23.22
C LEU A 21 13.16 -7.07 -23.55
N LEU A 22 12.65 -6.42 -24.60
CA LEU A 22 13.18 -5.13 -25.02
C LEU A 22 12.21 -4.01 -24.67
N SER A 23 10.95 -4.37 -24.47
CA SER A 23 9.92 -3.40 -24.12
C SER A 23 9.94 -3.08 -22.63
N GLU A 24 9.90 -4.13 -21.81
CA GLU A 24 9.91 -3.95 -20.36
C GLU A 24 11.34 -3.77 -19.85
N GLN A 25 12.29 -4.37 -20.55
CA GLN A 25 13.71 -4.26 -20.18
C GLN A 25 13.93 -4.79 -18.76
N ARG A 26 15.15 -4.63 -18.26
CA ARG A 26 15.49 -5.09 -16.91
C ARG A 26 14.60 -4.41 -15.87
N PRO A 27 14.28 -5.12 -14.76
CA PRO A 27 13.43 -4.57 -13.70
C PRO A 27 14.13 -3.49 -12.89
N VAL A 28 13.36 -2.51 -12.45
CA VAL A 28 13.89 -1.40 -11.67
C VAL A 28 13.09 -1.21 -10.38
N ASP A 29 13.62 -0.40 -9.48
CA ASP A 29 12.95 -0.13 -8.20
C ASP A 29 12.77 -1.42 -7.41
N ILE A 30 11.79 -1.45 -6.52
CA ILE A 30 11.54 -2.63 -5.70
C ILE A 30 10.82 -3.72 -6.50
N PRO A 31 11.32 -4.96 -6.44
CA PRO A 31 10.72 -6.09 -7.18
C PRO A 31 9.33 -6.45 -6.63
N GLU A 32 8.47 -6.90 -7.54
CA GLU A 32 7.11 -7.29 -7.17
C GLU A 32 7.08 -8.20 -5.95
N ASP A 33 8.19 -8.89 -5.69
CA ASP A 33 8.28 -9.79 -4.54
C ASP A 33 7.91 -9.08 -3.23
N GLU A 34 8.36 -7.84 -3.08
CA GLU A 34 8.07 -7.07 -1.90
C GLU A 34 6.69 -6.42 -1.98
N LEU A 35 6.20 -6.26 -3.21
CA LEU A 35 4.89 -5.66 -3.44
C LEU A 35 3.77 -6.63 -3.07
N GLU A 36 4.02 -7.92 -3.29
CA GLU A 36 3.05 -8.96 -2.99
C GLU A 36 2.66 -8.93 -1.52
N GLU A 37 3.62 -8.56 -0.68
CA GLU A 37 3.38 -8.48 0.76
C GLU A 37 2.51 -7.28 1.09
N ILE A 38 2.69 -6.19 0.35
CA ILE A 38 1.92 -4.97 0.56
C ILE A 38 0.43 -5.23 0.35
N ARG A 39 0.10 -5.92 -0.73
CA ARG A 39 -1.29 -6.23 -1.05
C ARG A 39 -1.87 -7.21 -0.05
N GLU A 40 -1.41 -8.46 -0.10
CA GLU A 40 -1.91 -9.50 0.80
C GLU A 40 -2.14 -8.98 2.22
N ALA A 41 -1.38 -7.98 2.61
CA ALA A 41 -1.51 -7.40 3.95
C ALA A 41 -2.86 -6.70 4.16
N PHE A 42 -2.96 -5.48 3.65
CA PHE A 42 -4.18 -4.69 3.83
C PHE A 42 -5.29 -5.12 2.87
N LYS A 43 -4.90 -5.66 1.72
CA LYS A 43 -5.88 -6.11 0.74
C LYS A 43 -6.82 -7.15 1.32
N VAL A 44 -6.29 -8.07 2.14
CA VAL A 44 -7.13 -9.09 2.75
C VAL A 44 -8.03 -8.49 3.82
N PHE A 45 -7.52 -7.50 4.56
CA PHE A 45 -8.32 -6.85 5.60
C PHE A 45 -9.57 -6.22 4.99
N ASP A 46 -9.53 -6.03 3.67
CA ASP A 46 -10.67 -5.45 2.95
C ASP A 46 -11.82 -6.45 2.92
N ARG A 47 -12.67 -6.39 3.94
CA ARG A 47 -13.82 -7.29 4.04
C ARG A 47 -14.66 -7.30 2.77
N ASP A 48 -14.86 -6.12 2.19
CA ASP A 48 -15.65 -6.01 0.96
C ASP A 48 -14.84 -6.43 -0.26
N GLY A 49 -13.52 -6.41 -0.12
CA GLY A 49 -12.65 -6.81 -1.21
C GLY A 49 -12.85 -5.97 -2.46
N ASN A 50 -13.47 -4.81 -2.31
CA ASN A 50 -13.71 -3.92 -3.45
C ASN A 50 -12.45 -3.16 -3.82
N GLY A 51 -11.34 -3.50 -3.18
CA GLY A 51 -10.08 -2.84 -3.46
C GLY A 51 -9.84 -1.65 -2.55
N PHE A 52 -10.90 -1.22 -1.86
CA PHE A 52 -10.81 -0.09 -0.95
C PHE A 52 -11.09 -0.53 0.48
N ILE A 53 -10.32 -0.01 1.42
CA ILE A 53 -10.49 -0.35 2.83
C ILE A 53 -11.12 0.80 3.61
N SER A 54 -12.30 0.54 4.18
CA SER A 54 -13.01 1.55 4.96
C SER A 54 -12.36 1.73 6.32
N LYS A 55 -12.91 2.63 7.13
CA LYS A 55 -12.37 2.89 8.46
C LYS A 55 -12.53 1.67 9.37
N GLN A 56 -13.74 1.12 9.40
CA GLN A 56 -14.04 -0.05 10.23
C GLN A 56 -13.13 -1.22 9.88
N GLU A 57 -12.83 -1.38 8.60
CA GLU A 57 -11.98 -2.47 8.13
C GLU A 57 -10.52 -2.20 8.50
N LEU A 58 -10.07 -0.96 8.23
CA LEU A 58 -8.71 -0.56 8.53
C LEU A 58 -8.44 -0.67 10.03
N GLY A 59 -9.51 -0.60 10.83
CA GLY A 59 -9.38 -0.71 12.27
C GLY A 59 -8.92 -2.09 12.69
N THR A 60 -9.10 -3.06 11.80
CA THR A 60 -8.70 -4.43 12.07
C THR A 60 -7.24 -4.64 11.70
N ALA A 61 -6.78 -3.88 10.71
CA ALA A 61 -5.40 -3.96 10.26
C ALA A 61 -4.42 -3.48 11.33
N MET A 62 -4.77 -2.37 11.97
CA MET A 62 -3.93 -1.79 13.02
C MET A 62 -3.87 -2.70 14.26
N ARG A 63 -5.03 -3.12 14.74
CA ARG A 63 -5.11 -3.97 15.92
C ARG A 63 -4.38 -5.30 15.69
N SER A 64 -4.32 -5.72 14.43
CA SER A 64 -3.64 -6.96 14.07
C SER A 64 -2.20 -6.95 14.55
N LEU A 65 -1.56 -5.80 14.48
CA LEU A 65 -0.17 -5.65 14.90
C LEU A 65 -0.08 -5.48 16.42
N GLY A 66 -1.23 -5.23 17.05
CA GLY A 66 -1.26 -5.04 18.49
C GLY A 66 -1.64 -3.63 18.89
N TYR A 67 -2.19 -2.88 17.94
CA TYR A 67 -2.60 -1.51 18.20
C TYR A 67 -4.06 -1.29 17.82
N MET A 68 -4.95 -1.45 18.80
CA MET A 68 -6.38 -1.29 18.57
C MET A 68 -6.79 0.19 18.67
N PRO A 69 -7.20 0.80 17.54
CA PRO A 69 -7.62 2.19 17.50
C PRO A 69 -9.09 2.36 17.86
N ASN A 70 -9.43 3.52 18.41
CA ASN A 70 -10.80 3.81 18.82
C ASN A 70 -11.61 4.32 17.64
N GLU A 71 -12.93 4.42 17.81
CA GLU A 71 -13.80 4.90 16.76
C GLU A 71 -13.39 6.29 16.29
N VAL A 72 -12.80 7.06 17.21
CA VAL A 72 -12.35 8.41 16.91
C VAL A 72 -10.95 8.41 16.31
N GLU A 73 -10.21 7.32 16.52
CA GLU A 73 -8.85 7.21 16.00
C GLU A 73 -8.84 6.74 14.55
N LEU A 74 -9.58 5.67 14.26
CA LEU A 74 -9.65 5.12 12.91
C LEU A 74 -10.07 6.19 11.90
N GLU A 75 -10.59 7.31 12.40
CA GLU A 75 -11.03 8.39 11.53
C GLU A 75 -9.88 9.33 11.18
N VAL A 76 -9.01 9.59 12.16
CA VAL A 76 -7.87 10.48 11.93
C VAL A 76 -6.76 9.79 11.15
N ILE A 77 -6.69 8.48 11.26
CA ILE A 77 -5.67 7.70 10.56
C ILE A 77 -6.08 7.44 9.11
N ILE A 78 -7.38 7.42 8.86
CA ILE A 78 -7.91 7.17 7.52
C ILE A 78 -7.91 8.45 6.66
N GLN A 79 -7.89 9.60 7.31
CA GLN A 79 -7.90 10.87 6.59
C GLN A 79 -6.51 11.22 6.08
N ARG A 80 -5.51 10.53 6.60
CA ARG A 80 -4.12 10.78 6.20
C ARG A 80 -3.82 10.09 4.88
N LEU A 81 -4.48 8.95 4.63
CA LEU A 81 -4.28 8.20 3.40
C LEU A 81 -5.33 8.59 2.37
N ASP A 82 -6.57 8.74 2.81
CA ASP A 82 -7.67 9.11 1.92
C ASP A 82 -7.52 10.56 1.47
N MET A 83 -6.69 10.77 0.45
CA MET A 83 -6.44 12.12 -0.07
C MET A 83 -7.63 12.64 -0.87
N ASP A 84 -8.21 11.79 -1.72
CA ASP A 84 -9.34 12.20 -2.55
C ASP A 84 -10.58 12.43 -1.69
N GLY A 85 -10.60 11.86 -0.50
CA GLY A 85 -11.73 12.03 0.40
C GLY A 85 -12.92 11.17 0.04
N ASP A 86 -12.66 9.94 -0.42
CA ASP A 86 -13.74 9.02 -0.79
C ASP A 86 -14.16 8.15 0.39
N GLY A 87 -13.60 8.44 1.56
CA GLY A 87 -13.92 7.67 2.76
C GLY A 87 -13.13 6.39 2.86
N GLN A 88 -12.55 5.95 1.75
CA GLN A 88 -11.76 4.72 1.72
C GLN A 88 -10.37 4.99 1.18
N VAL A 89 -9.46 4.03 1.38
CA VAL A 89 -8.09 4.15 0.90
C VAL A 89 -7.82 3.24 -0.28
N ASP A 90 -7.27 3.82 -1.35
CA ASP A 90 -6.97 3.07 -2.56
C ASP A 90 -5.54 2.51 -2.51
N PHE A 91 -5.33 1.38 -3.18
CA PHE A 91 -4.01 0.74 -3.22
C PHE A 91 -2.91 1.75 -3.58
N GLU A 92 -3.12 2.49 -4.67
CA GLU A 92 -2.14 3.48 -5.12
C GLU A 92 -1.77 4.44 -3.99
N GLU A 93 -2.78 5.06 -3.38
CA GLU A 93 -2.55 6.00 -2.30
C GLU A 93 -1.79 5.33 -1.16
N PHE A 94 -1.84 4.00 -1.10
CA PHE A 94 -1.17 3.24 -0.06
C PHE A 94 0.25 2.85 -0.46
N VAL A 95 0.49 2.65 -1.76
CA VAL A 95 1.80 2.25 -2.24
C VAL A 95 2.79 3.41 -2.20
N THR A 96 2.30 4.62 -2.42
CA THR A 96 3.16 5.80 -2.41
C THR A 96 3.52 6.22 -0.98
N LEU A 97 2.52 6.29 -0.11
CA LEU A 97 2.73 6.68 1.28
C LEU A 97 3.61 5.67 2.00
N LEU A 98 3.62 4.44 1.49
CA LEU A 98 4.41 3.37 2.09
C LEU A 98 5.71 3.16 1.30
N GLY A 99 5.75 3.67 0.08
CA GLY A 99 6.92 3.52 -0.75
C GLY A 99 7.56 4.86 -1.09
N PRO A 100 8.37 5.43 -0.19
CA PRO A 100 9.04 6.71 -0.41
C PRO A 100 10.20 6.60 -1.41
#